data_9LFN
#
_entry.id   9LFN
#
_cell.length_a   1.00
_cell.length_b   1.00
_cell.length_c   1.00
_cell.angle_alpha   90.00
_cell.angle_beta   90.00
_cell.angle_gamma   90.00
#
_symmetry.space_group_name_H-M   'P 1'
#
loop_
_entity.id
_entity.type
_entity.pdbx_description
1 polymer 'Isoamylase 1, chloroplastic'
2 polymer 'Isoamylase 2, chloroplastic'
3 branched alpha-D-glucopyranose-(1-4)-alpha-D-glucopyranose-(1-4)-alpha-D-glucopyranose
4 branched alpha-L-Glucopyranose-(1-4)-alpha-L-Glucopyranose-(1-4)-alpha-L-Glucopyranose-(1-4)-alpha-D-glucopyranose-(1-4)-alpha-D-glucopyranose-(1-4)-alpha-D-glucopyranose-(1-4)-alpha-D-glucopyranose
5 non-polymer alpha-D-glucopyranose
#
loop_
_entity_poly.entity_id
_entity_poly.type
_entity_poly.pdbx_seq_one_letter_code
_entity_poly.pdbx_strand_id
1 'polypeptide(L)'
;MGSSHHHHHHSSGLVPRGSHSDEVDAHMSVASAVEVGVGEDEEEGVEEEEEEVEAVVMPERYALGGACRVLAGMPAPLGA
TALDGGVNFAVYSAGASAASLCLFTPDDLEADEVTEEVPLDPLFNRTGNVWHVFIEGELHNMLYGYRFDGMFAPHCGQYF
DVSNVVVDPYAKAVISRGEYGVPGPGGDCWPQMAGMIPLPYSTFDWQGDLPLRYPQKDLVIYEMHLRGFTKHSSSNVEHP
GTYIGAISKLDYLKELGVNCVELMPCHEFNELEYFSCSSKMNFWGYSTINFFSPMIRYSSGGIRNCGRDAINEFKTFVRE
AHKRGIEVIMDVVFNHTAEGNEKGPILSFRGIDNSTYYMLAPKGEFYNYSGCGNTFNCNHPVVREFIVDCLRYWVTEMHV
DGFRFDLASIMTRGCSLWDPVNVYGSPVEGDMTTTGTPLATPPLIDMISNDPILGDVKLIAEAWDAGGLYQVGQFPHWKI
WSEWNGKYRDIVRQFIKGTDGFAGGFAECLCGSPHLYQAGGRKPWHSINFVCAHDGFTLADLVTYNKKYNSSNGEDNRDG
ENHNLSWNCGEEGEFAGLSVKRLRKRQMRNFFVSLMVSQGVPMFYMGDEYGHTKGGNNNTYCHDHYVNYFRWDKKEESSD
LQRFCSLMTKFRKQCESLGLADFPTAQRLHWHGHQPGKPDWSETSRFVAFSTKDETKGEIYVAFNASHLPAVVGLPERPG
YRWEPLVDTGKPAPYDFLTDDLPDRAHAVHLFSHFLNSNLYPMLSYSSIILELQPDD
;
A,B
2 'polypeptide(L)'
;MASLPAPPTPLGSCPRGRGGGRVVARPRRAGLACAARSCYRFRTDDDGVVDVAVSGEDGDGGGGGYAVSVEVPGTRGREG
GLVLRASGSGEGVPLAPAAGGASLAAELSFDPTRAPFYLSFLLTDASGAEIRTHRKTSFRVPVGVGPGSPAPLGMSISGD
GAVNFAVYSKNANAVSLYLYAAAVGGGGGDEPALEIDLDPYIHRTGNVWHVSLASVDGYVSYAFCCGGIRRPLLDPYAKV
IGDFVSSNSVYDEGVTAPSMRCFASLAIAPSYNWGRDRHPRLPLEKLVVYRANVALFTKDRSSGLPDDAAGTFTGLSAKV
EHFRSLGVNAILLEPVFPFHQVKGPYFPYHFFSPMNLYSSKGLSVSAIKSMKDMVRVMHRNGIEVLLEVVFTHTAEGESE
CQTISMRGIDNSSYYIANGIAGCKASILNCNHPVTQKLILDSLRHWVLDFHVDGFCFINAPFLVRGPGGEYLSRPPLLEA
ITFDPVLSMTKIIADPWSPLDISNVQFPFPHWKRWAEVNTRFSIDVRKFLKREALISDLATRLCGSGDLFSTRGPAFSFN
HVSRNSGLSLVDLVSFSNDDLLSESSWNCGEEGPSENSAVLQTRLRQIRNFLFILFVSLGVPVLNMGDECGHSAAGSVSY
KDRGPLNWRGMKTTFVKEVTGFISFLTALRSRRGDIFQRREFLKLENIHWYGSDLCEPGWDDPTSNFLCMHINAEVDEMA
ADSVRGDLYICFNANEESVSAALPALAEGSVWLRLVDTSLAFPGFFATESNPKVQQVPGLSSYHVEAHTCVLFESKSALA
;
C
#
loop_
_chem_comp.id
_chem_comp.type
_chem_comp.name
_chem_comp.formula
A1EKO L-saccharide, alpha linking alpha-L-Glucopyranose 'C6 H12 O6'
GLC D-saccharide, alpha linking alpha-D-glucopyranose 'C6 H12 O6'
#
# COMPACT_ATOMS: atom_id res chain seq x y z
N ARG A 69 -69.16 -83.43 30.20
CA ARG A 69 -70.51 -83.05 30.58
C ARG A 69 -70.85 -81.66 30.05
N VAL A 70 -72.14 -81.36 29.95
CA VAL A 70 -72.62 -80.07 29.49
C VAL A 70 -73.58 -79.55 30.56
N LEU A 71 -73.22 -78.43 31.19
CA LEU A 71 -74.01 -77.81 32.23
C LEU A 71 -74.55 -76.47 31.76
N ALA A 72 -75.36 -75.85 32.60
CA ALA A 72 -75.99 -74.58 32.23
C ALA A 72 -74.94 -73.50 31.98
N GLY A 73 -73.96 -73.40 32.87
CA GLY A 73 -72.94 -72.36 32.76
C GLY A 73 -73.39 -71.05 33.36
N MET A 74 -72.53 -70.05 33.20
CA MET A 74 -72.78 -68.71 33.71
C MET A 74 -72.50 -67.68 32.64
N PRO A 75 -73.26 -66.57 32.62
CA PRO A 75 -73.00 -65.51 31.64
C PRO A 75 -72.08 -64.39 32.10
N ALA A 76 -71.67 -64.39 33.37
CA ALA A 76 -70.94 -63.24 33.89
C ALA A 76 -69.62 -63.01 33.15
N PRO A 77 -68.63 -63.89 33.23
CA PRO A 77 -67.49 -63.77 32.31
C PRO A 77 -67.94 -63.95 30.87
N LEU A 78 -67.30 -63.20 29.97
CA LEU A 78 -67.53 -63.33 28.55
C LEU A 78 -66.27 -63.85 27.89
N GLY A 79 -66.39 -64.95 27.17
CA GLY A 79 -65.24 -65.62 26.60
C GLY A 79 -64.85 -66.86 27.40
N ALA A 80 -64.12 -67.75 26.73
CA ALA A 80 -63.72 -69.01 27.36
C ALA A 80 -62.88 -68.76 28.60
N THR A 81 -63.41 -69.11 29.77
CA THR A 81 -62.67 -69.05 31.02
C THR A 81 -62.08 -70.42 31.31
N ALA A 82 -61.59 -70.62 32.54
CA ALA A 82 -61.05 -71.92 32.97
C ALA A 82 -61.31 -72.04 34.46
N LEU A 83 -62.38 -72.74 34.83
CA LEU A 83 -62.80 -72.85 36.22
C LEU A 83 -63.25 -74.27 36.53
N ASP A 84 -62.98 -74.70 37.76
CA ASP A 84 -63.52 -75.95 38.30
C ASP A 84 -63.20 -77.14 37.39
N GLY A 85 -61.94 -77.20 36.94
CA GLY A 85 -61.52 -78.31 36.10
C GLY A 85 -62.29 -78.39 34.80
N GLY A 86 -62.64 -77.26 34.20
CA GLY A 86 -63.41 -77.24 32.96
C GLY A 86 -63.25 -75.92 32.25
N VAL A 87 -64.34 -75.46 31.63
CA VAL A 87 -64.31 -74.24 30.84
C VAL A 87 -65.73 -73.71 30.76
N ASN A 88 -65.86 -72.39 30.65
CA ASN A 88 -67.16 -71.73 30.56
C ASN A 88 -67.14 -70.75 29.39
N PHE A 89 -68.07 -70.92 28.45
CA PHE A 89 -68.24 -70.02 27.33
C PHE A 89 -69.44 -69.11 27.57
N ALA A 90 -69.38 -67.91 27.01
CA ALA A 90 -70.49 -66.96 27.11
C ALA A 90 -70.32 -65.91 26.02
N VAL A 91 -71.31 -65.78 25.15
CA VAL A 91 -71.23 -64.88 24.01
C VAL A 91 -72.54 -64.10 23.91
N TYR A 92 -72.43 -62.79 23.74
CA TYR A 92 -73.61 -61.94 23.58
C TYR A 92 -74.11 -62.00 22.14
N SER A 93 -75.41 -62.22 21.97
CA SER A 93 -76.00 -62.30 20.64
C SER A 93 -77.50 -62.01 20.79
N ALA A 94 -77.90 -60.78 20.43
CA ALA A 94 -79.29 -60.38 20.61
C ALA A 94 -80.23 -61.22 19.75
N GLY A 95 -79.93 -61.34 18.46
CA GLY A 95 -80.73 -62.15 17.58
C GLY A 95 -80.38 -63.61 17.72
N ALA A 96 -80.25 -64.33 16.59
CA ALA A 96 -79.72 -65.69 16.60
C ALA A 96 -80.57 -66.60 17.49
N SER A 97 -81.78 -66.90 17.02
CA SER A 97 -82.67 -67.79 17.75
C SER A 97 -82.28 -69.26 17.57
N ALA A 98 -81.00 -69.56 17.78
CA ALA A 98 -80.41 -70.89 17.86
C ALA A 98 -78.91 -70.66 17.98
N ALA A 99 -78.20 -71.65 18.53
CA ALA A 99 -76.77 -71.49 18.72
C ALA A 99 -76.11 -72.85 18.82
N SER A 100 -74.84 -72.90 18.40
CA SER A 100 -74.04 -74.10 18.50
C SER A 100 -72.59 -73.71 18.78
N LEU A 101 -71.97 -74.37 19.74
CA LEU A 101 -70.57 -74.15 20.07
C LEU A 101 -69.74 -75.25 19.42
N CYS A 102 -68.83 -74.85 18.55
CA CYS A 102 -68.03 -75.78 17.74
C CYS A 102 -66.63 -75.88 18.34
N LEU A 103 -66.12 -77.10 18.45
CA LEU A 103 -64.79 -77.37 18.96
C LEU A 103 -63.96 -78.05 17.89
N PHE A 104 -62.75 -77.55 17.68
CA PHE A 104 -61.83 -78.02 16.65
C PHE A 104 -60.55 -78.55 17.30
N THR A 105 -60.02 -79.64 16.77
CA THR A 105 -58.63 -79.94 17.05
C THR A 105 -57.75 -79.28 15.98
N PRO A 106 -56.50 -78.94 16.27
CA PRO A 106 -55.75 -78.13 15.29
C PRO A 106 -55.73 -78.70 13.88
N ASP A 107 -55.60 -80.02 13.73
CA ASP A 107 -55.53 -80.59 12.39
C ASP A 107 -56.86 -80.46 11.66
N ASP A 108 -57.97 -80.77 12.34
CA ASP A 108 -59.28 -80.60 11.71
C ASP A 108 -59.54 -79.14 11.39
N LEU A 109 -59.09 -78.21 12.23
CA LEU A 109 -59.22 -76.80 11.92
C LEU A 109 -58.44 -76.46 10.65
N GLU A 110 -57.22 -76.99 10.51
CA GLU A 110 -56.48 -76.80 9.27
C GLU A 110 -57.20 -77.43 8.08
N ALA A 111 -57.99 -78.47 8.32
CA ALA A 111 -58.76 -79.13 7.28
C ALA A 111 -60.20 -78.63 7.19
N ASP A 112 -60.56 -77.61 7.99
CA ASP A 112 -61.80 -76.85 7.91
C ASP A 112 -63.01 -77.56 8.50
N GLU A 113 -62.88 -78.78 9.01
CA GLU A 113 -64.03 -79.53 9.51
C GLU A 113 -64.12 -79.38 11.03
N VAL A 114 -65.35 -79.31 11.53
CA VAL A 114 -65.58 -79.17 12.96
C VAL A 114 -65.45 -80.54 13.61
N THR A 115 -64.57 -80.66 14.61
CA THR A 115 -64.40 -81.92 15.30
C THR A 115 -65.65 -82.28 16.09
N GLU A 116 -66.15 -81.35 16.90
CA GLU A 116 -67.28 -81.62 17.78
C GLU A 116 -68.18 -80.41 17.82
N GLU A 117 -69.44 -80.62 18.20
CA GLU A 117 -70.42 -79.56 18.31
C GLU A 117 -71.27 -79.78 19.55
N VAL A 118 -71.72 -78.67 20.14
CA VAL A 118 -72.57 -78.71 21.32
C VAL A 118 -73.68 -77.69 21.14
N PRO A 119 -74.94 -78.09 20.97
CA PRO A 119 -76.01 -77.10 20.88
C PRO A 119 -76.23 -76.39 22.21
N LEU A 120 -76.58 -75.10 22.11
CA LEU A 120 -76.91 -74.29 23.28
C LEU A 120 -78.42 -74.14 23.36
N ASP A 121 -79.02 -74.82 24.32
CA ASP A 121 -80.47 -74.73 24.50
C ASP A 121 -80.85 -73.29 24.86
N PRO A 122 -81.79 -72.67 24.15
CA PRO A 122 -82.10 -71.26 24.42
C PRO A 122 -82.69 -71.00 25.79
N LEU A 123 -83.13 -72.03 26.51
CA LEU A 123 -83.83 -71.84 27.77
C LEU A 123 -82.94 -72.01 28.99
N PHE A 124 -81.92 -72.87 28.93
CA PHE A 124 -81.02 -73.08 30.06
C PHE A 124 -79.58 -72.68 29.78
N ASN A 125 -79.17 -72.61 28.51
CA ASN A 125 -77.84 -72.13 28.15
C ASN A 125 -77.83 -70.66 27.76
N ARG A 126 -78.97 -69.98 27.88
CA ARG A 126 -79.08 -68.57 27.51
C ARG A 126 -79.79 -67.82 28.62
N THR A 127 -79.08 -66.89 29.25
CA THR A 127 -79.67 -65.95 30.20
C THR A 127 -79.53 -64.55 29.63
N GLY A 128 -80.64 -63.83 29.55
CA GLY A 128 -80.62 -62.53 28.91
C GLY A 128 -80.34 -62.65 27.42
N ASN A 129 -79.13 -62.26 27.00
CA ASN A 129 -78.73 -62.39 25.61
C ASN A 129 -77.40 -63.13 25.47
N VAL A 130 -76.94 -63.81 26.53
CA VAL A 130 -75.65 -64.47 26.55
C VAL A 130 -75.89 -65.97 26.54
N TRP A 131 -75.41 -66.65 25.49
CA TRP A 131 -75.59 -68.09 25.34
C TRP A 131 -74.46 -68.83 26.07
N HIS A 132 -74.50 -68.74 27.39
CA HIS A 132 -73.47 -69.32 28.23
C HIS A 132 -73.61 -70.84 28.31
N VAL A 133 -72.49 -71.51 28.59
CA VAL A 133 -72.49 -72.96 28.78
C VAL A 133 -71.17 -73.37 29.41
N PHE A 134 -71.22 -74.37 30.29
CA PHE A 134 -70.04 -74.92 30.93
C PHE A 134 -69.78 -76.31 30.38
N ILE A 135 -68.55 -76.55 29.95
CA ILE A 135 -68.09 -77.85 29.48
C ILE A 135 -66.94 -78.29 30.38
N GLU A 136 -67.09 -79.47 31.00
CA GLU A 136 -66.06 -79.99 31.88
C GLU A 136 -65.10 -80.88 31.10
N GLY A 137 -63.84 -80.84 31.50
CA GLY A 137 -62.80 -81.64 30.89
C GLY A 137 -61.60 -80.82 30.47
N GLU A 138 -60.61 -81.52 29.93
CA GLU A 138 -59.38 -80.90 29.44
C GLU A 138 -59.60 -80.51 27.98
N LEU A 139 -59.90 -79.24 27.74
CA LEU A 139 -60.13 -78.72 26.40
C LEU A 139 -59.10 -77.67 26.00
N HIS A 140 -57.98 -77.57 26.73
CA HIS A 140 -56.99 -76.55 26.43
C HIS A 140 -56.23 -76.83 25.14
N ASN A 141 -56.38 -78.01 24.54
CA ASN A 141 -55.79 -78.32 23.26
C ASN A 141 -56.77 -78.21 22.12
N MET A 142 -57.92 -77.57 22.34
CA MET A 142 -58.97 -77.43 21.35
C MET A 142 -59.26 -75.95 21.11
N LEU A 143 -59.56 -75.62 19.86
CA LEU A 143 -60.03 -74.29 19.49
C LEU A 143 -61.56 -74.29 19.44
N TYR A 144 -62.16 -73.10 19.42
CA TYR A 144 -63.61 -73.04 19.48
C TYR A 144 -64.16 -71.89 18.66
N GLY A 145 -65.40 -72.06 18.23
CA GLY A 145 -66.15 -71.06 17.49
C GLY A 145 -67.63 -71.25 17.71
N TYR A 146 -68.42 -70.50 16.95
CA TYR A 146 -69.87 -70.50 17.13
C TYR A 146 -70.59 -70.53 15.79
N ARG A 147 -71.78 -71.12 15.81
CA ARG A 147 -72.73 -71.06 14.70
C ARG A 147 -74.04 -70.50 15.23
N PHE A 148 -74.66 -69.59 14.47
CA PHE A 148 -75.87 -68.91 14.88
C PHE A 148 -76.90 -68.98 13.76
N ASP A 149 -78.16 -69.20 14.12
CA ASP A 149 -79.29 -69.17 13.19
C ASP A 149 -80.19 -68.01 13.57
N GLY A 150 -80.30 -67.03 12.67
CA GLY A 150 -81.18 -65.90 12.86
C GLY A 150 -81.93 -65.56 11.59
N MET A 151 -81.91 -64.29 11.20
CA MET A 151 -82.54 -63.82 9.98
C MET A 151 -81.47 -63.19 9.09
N PHE A 152 -81.30 -63.74 7.89
CA PHE A 152 -80.34 -63.19 6.93
C PHE A 152 -81.03 -62.10 6.12
N ALA A 153 -81.05 -60.89 6.68
CA ALA A 153 -81.68 -59.73 6.07
C ALA A 153 -80.68 -58.59 6.06
N PRO A 154 -79.75 -58.59 5.09
CA PRO A 154 -78.76 -57.50 5.03
C PRO A 154 -79.38 -56.13 4.97
N HIS A 155 -80.53 -55.98 4.31
CA HIS A 155 -81.21 -54.68 4.32
C HIS A 155 -81.58 -54.27 5.74
N CYS A 156 -82.13 -55.21 6.52
CA CYS A 156 -82.42 -54.93 7.92
C CYS A 156 -81.17 -54.89 8.78
N GLY A 157 -80.03 -55.33 8.25
CA GLY A 157 -78.78 -55.28 8.97
C GLY A 157 -78.33 -56.57 9.61
N GLN A 158 -79.08 -57.65 9.45
CA GLN A 158 -78.76 -58.94 10.06
C GLN A 158 -78.13 -59.85 9.03
N TYR A 159 -77.05 -60.52 9.42
CA TYR A 159 -76.28 -61.40 8.54
C TYR A 159 -76.13 -62.80 9.15
N PHE A 160 -77.16 -63.26 9.85
CA PHE A 160 -77.07 -64.52 10.57
C PHE A 160 -76.97 -65.69 9.60
N ASP A 161 -76.22 -66.72 10.01
CA ASP A 161 -76.01 -67.90 9.20
C ASP A 161 -75.31 -68.96 10.04
N VAL A 162 -75.62 -70.23 9.78
CA VAL A 162 -74.95 -71.33 10.46
C VAL A 162 -73.83 -71.93 9.62
N SER A 163 -73.84 -71.74 8.30
CA SER A 163 -72.76 -72.26 7.47
C SER A 163 -71.42 -71.64 7.82
N ASN A 164 -71.42 -70.50 8.49
CA ASN A 164 -70.20 -69.79 8.86
C ASN A 164 -69.96 -69.93 10.35
N VAL A 165 -68.74 -70.32 10.72
CA VAL A 165 -68.33 -70.42 12.12
C VAL A 165 -67.54 -69.17 12.47
N VAL A 166 -67.95 -68.48 13.53
CA VAL A 166 -67.40 -67.19 13.91
C VAL A 166 -66.56 -67.35 15.17
N VAL A 167 -65.60 -66.45 15.32
CA VAL A 167 -64.69 -66.46 16.46
C VAL A 167 -65.28 -65.63 17.58
N ASP A 168 -64.97 -66.02 18.81
CA ASP A 168 -65.44 -65.28 19.98
C ASP A 168 -64.79 -63.91 20.02
N PRO A 169 -65.55 -62.82 20.18
CA PRO A 169 -64.91 -61.50 20.29
C PRO A 169 -63.91 -61.41 21.43
N TYR A 170 -64.12 -62.16 22.52
CA TYR A 170 -63.27 -62.11 23.70
C TYR A 170 -62.16 -63.15 23.68
N ALA A 171 -62.00 -63.89 22.59
CA ALA A 171 -60.93 -64.87 22.52
C ALA A 171 -59.58 -64.19 22.68
N LYS A 172 -58.68 -64.84 23.40
CA LYS A 172 -57.36 -64.28 23.67
C LYS A 172 -56.33 -64.64 22.61
N ALA A 173 -56.72 -65.38 21.58
CA ALA A 173 -55.85 -65.64 20.44
C ALA A 173 -56.68 -66.31 19.36
N VAL A 174 -56.40 -65.96 18.10
CA VAL A 174 -57.11 -66.50 16.95
C VAL A 174 -56.09 -67.21 16.06
N ILE A 175 -56.41 -68.44 15.66
CA ILE A 175 -55.49 -69.30 14.94
C ILE A 175 -56.04 -69.51 13.54
N SER A 176 -55.41 -68.87 12.56
CA SER A 176 -55.71 -69.11 11.15
C SER A 176 -54.49 -69.59 10.38
N ARG A 177 -53.36 -68.88 10.48
CA ARG A 177 -52.14 -69.22 9.78
C ARG A 177 -50.97 -69.00 10.72
N GLY A 178 -49.78 -69.42 10.28
CA GLY A 178 -48.61 -69.39 11.15
C GLY A 178 -47.41 -68.66 10.58
N GLU A 179 -47.43 -68.33 9.30
CA GLU A 179 -46.30 -67.69 8.64
C GLU A 179 -46.77 -66.40 7.99
N TYR A 180 -46.04 -65.32 8.24
CA TYR A 180 -46.38 -64.01 7.68
C TYR A 180 -46.21 -64.03 6.18
N GLY A 181 -47.25 -63.61 5.46
CA GLY A 181 -47.20 -63.55 4.01
C GLY A 181 -47.43 -64.86 3.30
N VAL A 182 -47.68 -65.94 4.04
CA VAL A 182 -47.86 -67.27 3.47
C VAL A 182 -49.34 -67.62 3.55
N PRO A 183 -50.07 -67.70 2.43
CA PRO A 183 -51.48 -68.06 2.50
C PRO A 183 -51.67 -69.52 2.85
N GLY A 184 -52.94 -69.89 3.05
CA GLY A 184 -53.30 -71.22 3.44
C GLY A 184 -53.41 -72.16 2.26
N PRO A 185 -54.03 -73.33 2.46
CA PRO A 185 -54.13 -74.31 1.37
C PRO A 185 -54.90 -73.74 0.19
N GLY A 186 -54.44 -74.08 -1.01
CA GLY A 186 -55.09 -73.60 -2.21
C GLY A 186 -55.01 -72.11 -2.41
N GLY A 187 -54.05 -71.45 -1.77
CA GLY A 187 -53.91 -70.02 -1.92
C GLY A 187 -55.01 -69.21 -1.26
N ASP A 188 -55.72 -69.80 -0.28
CA ASP A 188 -56.80 -69.10 0.39
C ASP A 188 -56.23 -68.08 1.37
N CYS A 189 -56.55 -66.80 1.16
CA CYS A 189 -56.09 -65.76 2.06
C CYS A 189 -56.94 -65.64 3.32
N TRP A 190 -58.04 -66.38 3.41
CA TRP A 190 -58.93 -66.35 4.58
C TRP A 190 -59.26 -67.77 5.00
N PRO A 191 -58.28 -68.53 5.51
CA PRO A 191 -58.58 -69.84 6.07
C PRO A 191 -59.47 -69.74 7.29
N GLN A 192 -60.18 -70.81 7.58
CA GLN A 192 -61.02 -70.85 8.78
C GLN A 192 -60.16 -70.58 10.01
N MET A 193 -60.66 -69.71 10.88
CA MET A 193 -59.94 -69.29 12.07
C MET A 193 -60.85 -69.43 13.29
N ALA A 194 -60.26 -69.90 14.38
CA ALA A 194 -61.00 -70.13 15.62
C ALA A 194 -60.12 -69.76 16.80
N GLY A 195 -60.76 -69.41 17.91
CA GLY A 195 -60.04 -68.99 19.09
C GLY A 195 -59.46 -70.16 19.87
N MET A 196 -58.69 -69.83 20.90
CA MET A 196 -58.07 -70.82 21.77
C MET A 196 -58.82 -70.88 23.10
N ILE A 197 -58.66 -71.99 23.79
CA ILE A 197 -59.27 -72.22 25.09
C ILE A 197 -58.19 -72.11 26.17
N PRO A 198 -58.40 -71.32 27.22
CA PRO A 198 -57.31 -71.07 28.17
C PRO A 198 -56.94 -72.29 28.99
N LEU A 199 -55.68 -72.32 29.42
CA LEU A 199 -55.23 -73.31 30.38
C LEU A 199 -55.59 -72.83 31.79
N PRO A 200 -56.15 -73.69 32.65
CA PRO A 200 -56.56 -73.21 33.98
C PRO A 200 -55.42 -72.69 34.82
N TYR A 201 -54.17 -72.90 34.42
CA TYR A 201 -52.99 -72.43 35.15
C TYR A 201 -52.19 -71.50 34.24
N SER A 202 -52.44 -70.20 34.34
CA SER A 202 -51.67 -69.22 33.58
C SER A 202 -50.28 -69.10 34.18
N THR A 203 -49.26 -69.45 33.40
CA THR A 203 -47.89 -69.55 33.89
C THR A 203 -46.95 -68.75 32.99
N PHE A 204 -46.68 -67.51 33.37
CA PHE A 204 -45.61 -66.72 32.77
C PHE A 204 -44.80 -66.08 33.89
N ASP A 205 -43.48 -66.19 33.80
CA ASP A 205 -42.60 -65.67 34.84
C ASP A 205 -42.34 -64.20 34.58
N TRP A 206 -43.13 -63.34 35.24
CA TRP A 206 -42.93 -61.90 35.13
C TRP A 206 -41.68 -61.44 35.88
N GLN A 207 -41.06 -62.30 36.68
CA GLN A 207 -39.82 -61.98 37.36
C GLN A 207 -39.96 -60.72 38.21
N GLY A 208 -41.09 -60.60 38.90
CA GLY A 208 -41.33 -59.42 39.72
C GLY A 208 -41.45 -58.15 38.91
N ASP A 209 -42.04 -58.22 37.73
CA ASP A 209 -42.21 -57.03 36.90
C ASP A 209 -43.32 -56.16 37.46
N LEU A 210 -43.00 -54.92 37.79
CA LEU A 210 -43.93 -53.95 38.32
C LEU A 210 -44.01 -52.73 37.39
N PRO A 211 -45.11 -51.99 37.43
CA PRO A 211 -45.24 -50.84 36.54
C PRO A 211 -44.15 -49.81 36.78
N LEU A 212 -43.68 -49.19 35.69
CA LEU A 212 -42.71 -48.12 35.80
C LEU A 212 -43.36 -46.83 36.29
N ARG A 213 -44.55 -46.51 35.78
CA ARG A 213 -45.31 -45.34 36.21
C ARG A 213 -44.47 -44.07 36.12
N TYR A 214 -43.79 -43.91 34.99
CA TYR A 214 -43.03 -42.69 34.76
C TYR A 214 -43.98 -41.49 34.66
N PRO A 215 -43.64 -40.35 35.25
CA PRO A 215 -44.38 -39.13 34.93
C PRO A 215 -44.33 -38.87 33.43
N GLN A 216 -45.47 -38.51 32.86
CA GLN A 216 -45.56 -38.39 31.41
C GLN A 216 -44.68 -37.25 30.90
N LYS A 217 -44.39 -36.25 31.74
CA LYS A 217 -43.54 -35.15 31.31
C LYS A 217 -42.13 -35.60 30.99
N ASP A 218 -41.71 -36.76 31.50
CA ASP A 218 -40.36 -37.26 31.32
C ASP A 218 -40.20 -38.19 30.12
N LEU A 219 -41.29 -38.52 29.43
CA LEU A 219 -41.23 -39.55 28.40
C LEU A 219 -40.66 -39.02 27.09
N VAL A 220 -39.89 -39.86 26.43
CA VAL A 220 -39.53 -39.69 25.02
C VAL A 220 -40.09 -40.88 24.27
N ILE A 221 -41.13 -40.64 23.48
CA ILE A 221 -41.85 -41.72 22.80
C ILE A 221 -41.15 -42.05 21.49
N TYR A 222 -41.21 -43.32 21.11
CA TYR A 222 -40.52 -43.82 19.92
C TYR A 222 -41.48 -44.76 19.20
N GLU A 223 -42.18 -44.23 18.21
CA GLU A 223 -43.11 -45.05 17.43
C GLU A 223 -42.33 -46.08 16.63
N MET A 224 -42.78 -47.33 16.68
CA MET A 224 -42.02 -48.45 16.13
C MET A 224 -42.96 -49.48 15.54
N HIS A 225 -42.59 -50.02 14.39
CA HIS A 225 -43.28 -51.16 13.80
C HIS A 225 -42.59 -52.44 14.25
N LEU A 226 -43.36 -53.35 14.83
CA LEU A 226 -42.77 -54.55 15.42
C LEU A 226 -42.04 -55.37 14.36
N ARG A 227 -42.68 -55.61 13.21
CA ARG A 227 -42.05 -56.42 12.17
C ARG A 227 -40.93 -55.65 11.48
N GLY A 228 -41.17 -54.39 11.12
CA GLY A 228 -40.18 -53.64 10.39
C GLY A 228 -38.94 -53.31 11.19
N PHE A 229 -39.03 -53.35 12.52
CA PHE A 229 -37.91 -52.92 13.35
C PHE A 229 -36.69 -53.81 13.14
N THR A 230 -36.90 -55.13 13.03
CA THR A 230 -35.80 -56.08 12.97
C THR A 230 -35.88 -57.02 11.77
N LYS A 231 -36.84 -56.84 10.86
CA LYS A 231 -36.99 -57.80 9.78
C LYS A 231 -35.85 -57.73 8.78
N HIS A 232 -35.22 -56.57 8.64
CA HIS A 232 -34.12 -56.44 7.68
C HIS A 232 -32.97 -57.36 8.08
N SER A 233 -32.29 -57.90 7.07
CA SER A 233 -31.20 -58.83 7.33
C SER A 233 -30.10 -58.21 8.16
N SER A 234 -29.91 -56.88 8.05
CA SER A 234 -28.85 -56.20 8.76
C SER A 234 -29.05 -56.20 10.28
N SER A 235 -30.25 -56.54 10.76
CA SER A 235 -30.49 -56.55 12.20
C SER A 235 -29.68 -57.62 12.90
N ASN A 236 -29.26 -58.66 12.19
CA ASN A 236 -28.45 -59.73 12.77
C ASN A 236 -29.07 -60.27 14.05
N VAL A 237 -30.34 -60.65 13.96
CA VAL A 237 -31.07 -61.19 15.08
C VAL A 237 -31.51 -62.61 14.75
N GLU A 238 -31.72 -63.40 15.80
CA GLU A 238 -32.06 -64.81 15.62
C GLU A 238 -33.39 -64.97 14.89
N HIS A 239 -34.39 -64.16 15.26
CA HIS A 239 -35.75 -64.27 14.72
C HIS A 239 -36.19 -62.88 14.24
N PRO A 240 -35.78 -62.47 13.05
CA PRO A 240 -36.19 -61.16 12.54
C PRO A 240 -37.70 -61.03 12.44
N GLY A 241 -38.20 -59.83 12.71
CA GLY A 241 -39.62 -59.54 12.53
C GLY A 241 -40.54 -60.09 13.59
N THR A 242 -40.03 -60.40 14.78
CA THR A 242 -40.82 -60.95 15.86
C THR A 242 -40.59 -60.18 17.14
N TYR A 243 -41.35 -60.52 18.18
CA TYR A 243 -41.19 -59.87 19.47
C TYR A 243 -39.84 -60.20 20.08
N ILE A 244 -39.44 -61.47 20.04
CA ILE A 244 -38.15 -61.87 20.58
C ILE A 244 -37.02 -61.21 19.81
N GLY A 245 -37.17 -61.10 18.49
CA GLY A 245 -36.19 -60.37 17.70
C GLY A 245 -36.09 -58.92 18.14
N ALA A 246 -37.22 -58.32 18.53
CA ALA A 246 -37.21 -56.94 19.00
C ALA A 246 -36.61 -56.84 20.40
N ILE A 247 -36.63 -57.93 21.16
CA ILE A 247 -36.09 -57.87 22.53
C ILE A 247 -34.61 -57.53 22.49
N SER A 248 -33.90 -57.92 21.44
CA SER A 248 -32.45 -57.73 21.40
C SER A 248 -32.08 -56.27 21.21
N LYS A 249 -32.85 -55.52 20.44
CA LYS A 249 -32.51 -54.15 20.09
C LYS A 249 -33.05 -53.14 21.10
N LEU A 250 -33.72 -53.60 22.16
CA LEU A 250 -34.13 -52.69 23.21
C LEU A 250 -32.94 -52.03 23.87
N ASP A 251 -31.77 -52.67 23.85
CA ASP A 251 -30.55 -52.02 24.34
C ASP A 251 -30.18 -50.84 23.46
N TYR A 252 -30.29 -50.99 22.13
CA TYR A 252 -30.06 -49.86 21.25
C TYR A 252 -31.06 -48.74 21.53
N LEU A 253 -32.33 -49.10 21.74
CA LEU A 253 -33.32 -48.08 22.06
C LEU A 253 -32.99 -47.37 23.36
N LYS A 254 -32.53 -48.12 24.37
CA LYS A 254 -32.12 -47.52 25.63
C LYS A 254 -30.97 -46.55 25.43
N GLU A 255 -29.96 -46.95 24.64
CA GLU A 255 -28.84 -46.06 24.38
C GLU A 255 -29.27 -44.82 23.63
N LEU A 256 -30.25 -44.95 22.74
CA LEU A 256 -30.72 -43.81 21.94
C LEU A 256 -31.34 -42.72 22.79
N GLY A 257 -31.71 -43.03 24.04
CA GLY A 257 -32.39 -42.08 24.91
C GLY A 257 -33.88 -42.29 25.01
N VAL A 258 -34.41 -43.34 24.37
CA VAL A 258 -35.83 -43.62 24.41
C VAL A 258 -36.17 -44.31 25.73
N ASN A 259 -37.28 -43.90 26.34
CA ASN A 259 -37.81 -44.58 27.52
C ASN A 259 -39.27 -44.96 27.35
N CYS A 260 -39.81 -44.86 26.13
CA CYS A 260 -41.17 -45.29 25.84
C CYS A 260 -41.26 -45.66 24.37
N VAL A 261 -41.91 -46.78 24.08
CA VAL A 261 -42.03 -47.32 22.73
C VAL A 261 -43.51 -47.50 22.42
N GLU A 262 -43.96 -46.87 21.34
CA GLU A 262 -45.35 -46.97 20.90
C GLU A 262 -45.41 -47.97 19.75
N LEU A 263 -45.90 -49.17 20.03
CA LEU A 263 -46.00 -50.21 19.02
C LEU A 263 -47.14 -49.90 18.06
N MET A 264 -46.86 -49.99 16.76
CA MET A 264 -47.91 -49.90 15.77
C MET A 264 -48.79 -51.13 15.87
N PRO A 265 -50.02 -51.09 15.34
CA PRO A 265 -51.03 -52.09 15.72
C PRO A 265 -50.50 -53.51 15.75
N CYS A 266 -50.46 -54.10 16.94
CA CYS A 266 -50.04 -55.48 17.15
C CYS A 266 -51.22 -56.40 17.44
N HIS A 267 -52.44 -55.93 17.23
CA HIS A 267 -53.60 -56.79 17.33
C HIS A 267 -53.64 -57.76 16.16
N GLU A 268 -54.35 -58.86 16.35
CA GLU A 268 -54.49 -59.85 15.28
C GLU A 268 -55.11 -59.17 14.06
N PHE A 269 -54.46 -59.34 12.91
CA PHE A 269 -54.97 -58.76 11.67
C PHE A 269 -54.48 -59.60 10.51
N ASN A 270 -55.17 -59.46 9.37
CA ASN A 270 -54.88 -60.25 8.18
C ASN A 270 -53.95 -59.45 7.29
N GLU A 271 -52.69 -59.92 7.16
CA GLU A 271 -51.74 -59.25 6.30
C GLU A 271 -51.99 -59.54 4.82
N LEU A 272 -52.79 -60.56 4.52
CA LEU A 272 -53.16 -60.89 3.16
C LEU A 272 -54.55 -60.36 2.81
N GLU A 273 -55.10 -59.46 3.62
CA GLU A 273 -56.44 -58.94 3.35
C GLU A 273 -56.52 -58.33 1.96
N TYR A 274 -55.51 -57.55 1.58
CA TYR A 274 -55.46 -56.96 0.24
C TYR A 274 -54.75 -57.85 -0.78
N PHE A 275 -53.99 -58.84 -0.31
CA PHE A 275 -53.16 -59.62 -1.23
C PHE A 275 -54.00 -60.47 -2.17
N SER A 276 -55.17 -60.90 -1.75
CA SER A 276 -55.96 -61.81 -2.56
C SER A 276 -56.33 -61.17 -3.90
N CYS A 277 -56.75 -59.90 -3.86
CA CYS A 277 -57.17 -59.18 -5.06
C CYS A 277 -56.07 -58.35 -5.69
N SER A 278 -54.87 -58.36 -5.13
CA SER A 278 -53.77 -57.55 -5.64
C SER A 278 -52.46 -58.26 -5.32
N SER A 279 -51.35 -57.52 -5.43
CA SER A 279 -50.04 -57.99 -4.99
C SER A 279 -49.55 -57.23 -3.76
N LYS A 280 -50.48 -56.67 -2.98
CA LYS A 280 -50.15 -55.85 -1.82
C LYS A 280 -50.52 -56.57 -0.53
N MET A 281 -49.72 -56.32 0.50
CA MET A 281 -49.95 -56.88 1.83
C MET A 281 -50.20 -55.75 2.81
N ASN A 282 -51.18 -55.95 3.70
CA ASN A 282 -51.48 -54.98 4.73
C ASN A 282 -50.35 -54.97 5.76
N PHE A 283 -49.38 -54.06 5.60
CA PHE A 283 -48.20 -54.09 6.45
C PHE A 283 -48.45 -53.37 7.77
N TRP A 284 -48.99 -52.14 7.72
CA TRP A 284 -49.17 -51.37 8.93
C TRP A 284 -50.08 -52.08 9.92
N GLY A 285 -51.14 -52.70 9.41
CA GLY A 285 -52.01 -53.49 10.26
C GLY A 285 -53.17 -52.75 10.87
N TYR A 286 -53.62 -51.66 10.25
CA TYR A 286 -54.76 -50.91 10.77
C TYR A 286 -56.08 -51.51 10.28
N SER A 287 -56.24 -52.82 10.49
CA SER A 287 -57.48 -53.52 10.17
C SER A 287 -57.56 -54.73 11.09
N THR A 288 -58.17 -54.54 12.26
CA THR A 288 -58.09 -55.51 13.34
C THR A 288 -59.20 -56.54 13.25
N ILE A 289 -58.82 -57.81 13.24
CA ILE A 289 -59.80 -58.89 13.28
C ILE A 289 -60.29 -59.11 14.71
N ASN A 290 -59.37 -59.33 15.63
CA ASN A 290 -59.70 -59.54 17.04
C ASN A 290 -58.90 -58.54 17.88
N PHE A 291 -59.57 -57.99 18.89
CA PHE A 291 -58.97 -56.96 19.73
C PHE A 291 -58.33 -57.52 20.99
N PHE A 292 -58.50 -58.80 21.28
CA PHE A 292 -57.92 -59.42 22.47
C PHE A 292 -56.69 -60.26 22.16
N SER A 293 -56.31 -60.38 20.89
CA SER A 293 -55.33 -61.35 20.46
C SER A 293 -54.07 -60.67 19.92
N PRO A 294 -52.90 -60.98 20.46
CA PRO A 294 -51.66 -60.55 19.79
C PRO A 294 -51.54 -61.19 18.42
N MET A 295 -50.96 -60.43 17.49
CA MET A 295 -50.82 -60.92 16.12
C MET A 295 -49.94 -62.15 16.11
N ILE A 296 -50.45 -63.24 15.56
CA ILE A 296 -49.75 -64.52 15.63
C ILE A 296 -48.52 -64.54 14.74
N ARG A 297 -48.60 -63.92 13.57
CA ARG A 297 -47.49 -63.96 12.61
C ARG A 297 -46.35 -63.02 13.00
N TYR A 298 -46.52 -62.19 14.03
CA TYR A 298 -45.41 -61.46 14.62
C TYR A 298 -44.68 -62.31 15.67
N SER A 299 -45.01 -63.59 15.77
CA SER A 299 -44.50 -64.49 16.80
C SER A 299 -43.67 -65.59 16.16
N SER A 300 -42.50 -65.86 16.75
CA SER A 300 -41.70 -66.98 16.29
C SER A 300 -42.39 -68.32 16.57
N GLY A 301 -43.12 -68.39 17.68
CA GLY A 301 -43.84 -69.61 18.01
C GLY A 301 -45.00 -69.93 17.10
N GLY A 302 -45.43 -68.96 16.27
CA GLY A 302 -46.46 -69.25 15.30
C GLY A 302 -47.74 -69.73 15.96
N ILE A 303 -48.23 -70.88 15.49
CA ILE A 303 -49.53 -71.40 15.91
C ILE A 303 -49.37 -72.61 16.83
N ARG A 304 -48.21 -72.76 17.45
CA ARG A 304 -47.98 -73.88 18.34
C ARG A 304 -48.65 -73.65 19.69
N ASN A 305 -49.03 -74.74 20.34
CA ASN A 305 -49.69 -74.70 21.65
C ASN A 305 -50.95 -73.85 21.59
N CYS A 306 -51.76 -74.09 20.55
CA CYS A 306 -53.02 -73.37 20.36
C CYS A 306 -52.81 -71.85 20.38
N GLY A 307 -51.60 -71.40 20.11
CA GLY A 307 -51.29 -69.99 20.07
C GLY A 307 -50.86 -69.38 21.39
N ARG A 308 -51.05 -70.08 22.51
CA ARG A 308 -50.68 -69.48 23.79
C ARG A 308 -49.21 -69.09 23.81
N ASP A 309 -48.37 -69.91 23.16
CA ASP A 309 -46.95 -69.58 23.08
C ASP A 309 -46.79 -68.16 22.57
N ALA A 310 -47.45 -67.83 21.46
CA ALA A 310 -47.37 -66.49 20.91
C ALA A 310 -47.71 -65.45 21.97
N ILE A 311 -48.80 -65.67 22.72
CA ILE A 311 -49.16 -64.73 23.77
C ILE A 311 -47.99 -64.55 24.72
N ASN A 312 -47.45 -65.67 25.22
CA ASN A 312 -46.31 -65.59 26.13
C ASN A 312 -45.19 -64.77 25.50
N GLU A 313 -44.95 -64.98 24.21
CA GLU A 313 -43.85 -64.28 23.57
C GLU A 313 -44.07 -62.77 23.63
N PHE A 314 -45.29 -62.32 23.37
CA PHE A 314 -45.58 -60.90 23.53
C PHE A 314 -45.22 -60.46 24.93
N LYS A 315 -45.71 -61.19 25.93
CA LYS A 315 -45.39 -60.84 27.31
C LYS A 315 -43.89 -60.70 27.48
N THR A 316 -43.12 -61.64 26.91
CA THR A 316 -41.68 -61.59 27.04
C THR A 316 -41.17 -60.22 26.63
N PHE A 317 -41.54 -59.78 25.42
CA PHE A 317 -41.14 -58.46 24.96
C PHE A 317 -41.38 -57.43 26.05
N VAL A 318 -42.64 -57.31 26.50
CA VAL A 318 -42.97 -56.27 27.46
C VAL A 318 -42.05 -56.37 28.67
N ARG A 319 -41.91 -57.59 29.20
CA ARG A 319 -41.09 -57.79 30.38
C ARG A 319 -39.71 -57.21 30.16
N GLU A 320 -39.06 -57.62 29.07
CA GLU A 320 -37.70 -57.16 28.83
C GLU A 320 -37.65 -55.65 28.71
N ALA A 321 -38.66 -55.06 28.09
CA ALA A 321 -38.70 -53.61 27.98
C ALA A 321 -38.67 -52.97 29.36
N HIS A 322 -39.49 -53.47 30.27
CA HIS A 322 -39.52 -52.90 31.62
C HIS A 322 -38.24 -53.18 32.38
N LYS A 323 -37.46 -54.18 31.94
CA LYS A 323 -36.16 -54.41 32.55
C LYS A 323 -35.09 -53.47 32.02
N ARG A 324 -35.37 -52.78 30.92
CA ARG A 324 -34.50 -51.73 30.41
C ARG A 324 -35.08 -50.34 30.66
N GLY A 325 -36.10 -50.22 31.50
CA GLY A 325 -36.70 -48.94 31.80
C GLY A 325 -37.42 -48.30 30.63
N ILE A 326 -38.12 -49.10 29.84
CA ILE A 326 -38.85 -48.62 28.68
C ILE A 326 -40.32 -49.01 28.84
N GLU A 327 -41.21 -48.05 28.67
CA GLU A 327 -42.64 -48.32 28.72
C GLU A 327 -43.12 -48.83 27.37
N VAL A 328 -44.33 -49.39 27.36
CA VAL A 328 -44.95 -49.92 26.15
C VAL A 328 -46.32 -49.28 26.00
N ILE A 329 -46.60 -48.75 24.82
CA ILE A 329 -47.89 -48.17 24.47
C ILE A 329 -48.42 -48.88 23.24
N MET A 330 -49.63 -49.42 23.33
CA MET A 330 -50.22 -50.17 22.23
C MET A 330 -51.07 -49.25 21.38
N ASP A 331 -50.82 -49.28 20.06
CA ASP A 331 -51.58 -48.48 19.10
C ASP A 331 -52.82 -49.27 18.71
N VAL A 332 -53.90 -49.09 19.46
CA VAL A 332 -55.14 -49.82 19.25
C VAL A 332 -55.99 -49.08 18.23
N VAL A 333 -56.76 -49.84 17.46
CA VAL A 333 -57.60 -49.30 16.39
C VAL A 333 -59.01 -49.84 16.61
N PHE A 334 -59.83 -49.09 17.35
CA PHE A 334 -61.18 -49.53 17.70
C PHE A 334 -62.25 -48.95 16.79
N ASN A 335 -61.88 -48.09 15.83
CA ASN A 335 -62.90 -47.39 15.04
C ASN A 335 -63.39 -48.19 13.85
N HIS A 336 -62.85 -49.37 13.59
CA HIS A 336 -63.36 -50.26 12.55
C HIS A 336 -62.72 -51.62 12.74
N THR A 337 -63.10 -52.57 11.87
CA THR A 337 -62.60 -53.93 11.93
C THR A 337 -62.23 -54.39 10.53
N ALA A 338 -61.74 -55.62 10.43
CA ALA A 338 -61.28 -56.18 9.16
C ALA A 338 -62.43 -56.68 8.29
N GLU A 339 -63.64 -56.79 8.83
CA GLU A 339 -64.75 -57.29 8.04
C GLU A 339 -65.17 -56.29 6.97
N GLY A 340 -65.08 -54.99 7.27
CA GLY A 340 -65.46 -53.99 6.30
C GLY A 340 -66.96 -53.89 6.13
N ASN A 341 -67.36 -53.37 4.98
CA ASN A 341 -68.78 -53.20 4.67
C ASN A 341 -69.37 -54.55 4.25
N GLU A 342 -70.59 -54.53 3.72
CA GLU A 342 -71.31 -55.74 3.38
C GLU A 342 -70.47 -56.63 2.47
N LYS A 343 -69.70 -56.01 1.57
CA LYS A 343 -68.85 -56.73 0.63
C LYS A 343 -67.55 -57.12 1.31
N GLY A 344 -67.65 -58.04 2.27
CA GLY A 344 -66.50 -58.46 3.03
C GLY A 344 -66.75 -59.74 3.81
N PRO A 345 -65.69 -60.28 4.40
CA PRO A 345 -65.82 -61.53 5.16
C PRO A 345 -66.52 -61.32 6.49
N ILE A 346 -67.05 -62.42 7.02
CA ILE A 346 -67.68 -62.45 8.34
C ILE A 346 -66.79 -63.30 9.24
N LEU A 347 -66.18 -62.69 10.25
CA LEU A 347 -65.24 -63.38 11.12
C LEU A 347 -65.76 -63.51 12.54
N SER A 348 -66.07 -62.40 13.22
CA SER A 348 -66.50 -62.46 14.60
C SER A 348 -67.71 -61.60 14.90
N PHE A 349 -67.76 -60.40 14.32
CA PHE A 349 -68.78 -59.41 14.64
C PHE A 349 -69.98 -59.47 13.71
N ARG A 350 -69.74 -59.48 12.39
CA ARG A 350 -70.86 -59.54 11.44
C ARG A 350 -71.68 -60.80 11.65
N GLY A 351 -71.05 -61.89 12.06
CA GLY A 351 -71.75 -63.14 12.25
C GLY A 351 -72.40 -63.33 13.60
N ILE A 352 -72.34 -62.32 14.47
CA ILE A 352 -72.96 -62.40 15.79
C ILE A 352 -74.06 -61.35 15.92
N ASP A 353 -73.70 -60.07 15.77
CA ASP A 353 -74.67 -59.00 15.96
C ASP A 353 -74.15 -57.75 15.25
N ASN A 354 -74.72 -57.45 14.08
CA ASN A 354 -74.36 -56.21 13.39
C ASN A 354 -74.95 -55.00 14.08
N SER A 355 -76.22 -55.08 14.49
CA SER A 355 -76.89 -53.93 15.08
C SER A 355 -76.22 -53.46 16.36
N THR A 356 -75.40 -54.30 16.98
CA THR A 356 -74.68 -53.94 18.20
C THR A 356 -73.26 -53.45 17.94
N TYR A 357 -72.57 -54.02 16.95
CA TYR A 357 -71.16 -53.78 16.75
C TYR A 357 -70.84 -52.81 15.61
N TYR A 358 -71.86 -52.24 14.96
CA TYR A 358 -71.59 -51.38 13.81
C TYR A 358 -72.63 -50.28 13.70
N MET A 359 -72.17 -49.10 13.29
CA MET A 359 -73.07 -47.99 12.99
C MET A 359 -73.73 -48.25 11.64
N LEU A 360 -75.05 -48.39 11.64
CA LEU A 360 -75.79 -48.74 10.44
C LEU A 360 -76.78 -47.64 10.08
N ALA A 361 -77.03 -47.50 8.79
CA ALA A 361 -77.97 -46.52 8.26
C ALA A 361 -79.38 -47.11 8.25
N PRO A 362 -80.39 -46.29 7.99
CA PRO A 362 -81.76 -46.83 7.89
C PRO A 362 -81.88 -47.92 6.84
N LYS A 363 -81.17 -47.81 5.73
CA LYS A 363 -81.23 -48.79 4.64
C LYS A 363 -80.32 -49.99 4.87
N GLY A 364 -79.51 -49.98 5.93
CA GLY A 364 -78.56 -51.03 6.19
C GLY A 364 -77.14 -50.73 5.72
N GLU A 365 -76.95 -49.66 4.96
CA GLU A 365 -75.60 -49.29 4.54
C GLU A 365 -74.74 -48.97 5.76
N PHE A 366 -73.55 -49.53 5.81
CA PHE A 366 -72.65 -49.30 6.93
C PHE A 366 -72.11 -47.87 6.86
N TYR A 367 -72.34 -47.10 7.92
CA TYR A 367 -71.80 -45.74 7.98
C TYR A 367 -70.28 -45.80 7.95
N ASN A 368 -69.67 -44.88 7.18
CA ASN A 368 -68.25 -44.89 6.90
C ASN A 368 -67.63 -43.61 7.45
N TYR A 369 -67.26 -43.63 8.72
CA TYR A 369 -66.47 -42.56 9.33
C TYR A 369 -65.01 -42.91 9.50
N SER A 370 -64.71 -44.19 9.74
CA SER A 370 -63.31 -44.63 9.81
C SER A 370 -62.58 -44.42 8.50
N GLY A 371 -63.30 -44.37 7.38
CA GLY A 371 -62.68 -44.35 6.08
C GLY A 371 -62.27 -45.71 5.56
N CYS A 372 -62.49 -46.77 6.33
CA CYS A 372 -62.10 -48.14 5.96
C CYS A 372 -63.30 -49.05 6.19
N GLY A 373 -64.09 -49.26 5.15
CA GLY A 373 -65.21 -50.17 5.24
C GLY A 373 -66.21 -49.72 6.30
N ASN A 374 -66.43 -50.58 7.29
CA ASN A 374 -67.44 -50.35 8.30
C ASN A 374 -66.96 -49.32 9.32
N THR A 375 -67.75 -49.15 10.39
CA THR A 375 -67.42 -48.22 11.46
C THR A 375 -67.91 -48.82 12.76
N PHE A 376 -66.97 -49.16 13.64
CA PHE A 376 -67.31 -49.79 14.90
C PHE A 376 -68.26 -48.90 15.70
N ASN A 377 -69.33 -49.50 16.23
CA ASN A 377 -70.30 -48.78 17.06
C ASN A 377 -69.69 -48.66 18.47
N CYS A 378 -68.80 -47.68 18.62
CA CYS A 378 -68.03 -47.56 19.84
C CYS A 378 -68.87 -47.24 21.06
N ASN A 379 -70.01 -46.55 20.89
CA ASN A 379 -70.77 -46.02 22.02
C ASN A 379 -72.06 -46.81 22.28
N HIS A 380 -72.20 -47.99 21.70
CA HIS A 380 -73.26 -48.90 22.13
C HIS A 380 -72.86 -49.53 23.46
N PRO A 381 -73.73 -49.52 24.49
CA PRO A 381 -73.35 -50.08 25.80
C PRO A 381 -72.52 -51.36 25.74
N VAL A 382 -72.98 -52.32 24.94
CA VAL A 382 -72.25 -53.58 24.83
C VAL A 382 -70.85 -53.35 24.29
N VAL A 383 -70.72 -52.52 23.25
CA VAL A 383 -69.42 -52.26 22.67
C VAL A 383 -68.54 -51.48 23.64
N ARG A 384 -69.13 -50.59 24.42
CA ARG A 384 -68.36 -49.84 25.41
C ARG A 384 -67.78 -50.79 26.46
N GLU A 385 -68.60 -51.71 26.97
CA GLU A 385 -68.09 -52.69 27.92
C GLU A 385 -67.02 -53.56 27.26
N PHE A 386 -67.22 -53.92 26.00
CA PHE A 386 -66.23 -54.73 25.30
C PHE A 386 -64.89 -54.02 25.22
N ILE A 387 -64.90 -52.75 24.82
CA ILE A 387 -63.66 -52.00 24.66
C ILE A 387 -62.98 -51.79 26.01
N VAL A 388 -63.76 -51.43 27.04
CA VAL A 388 -63.17 -51.22 28.36
C VAL A 388 -62.56 -52.51 28.88
N ASP A 389 -63.27 -53.64 28.70
CA ASP A 389 -62.73 -54.92 29.13
C ASP A 389 -61.46 -55.27 28.36
N CYS A 390 -61.42 -54.96 27.07
CA CYS A 390 -60.21 -55.22 26.29
C CYS A 390 -59.03 -54.42 26.83
N LEU A 391 -59.22 -53.12 27.06
CA LEU A 391 -58.14 -52.30 27.56
C LEU A 391 -57.68 -52.76 28.94
N ARG A 392 -58.64 -53.08 29.81
CA ARG A 392 -58.29 -53.57 31.15
C ARG A 392 -57.53 -54.88 31.07
N TYR A 393 -57.97 -55.79 30.19
CA TYR A 393 -57.25 -57.05 30.02
C TYR A 393 -55.82 -56.81 29.60
N TRP A 394 -55.62 -55.97 28.58
CA TRP A 394 -54.26 -55.69 28.14
C TRP A 394 -53.43 -55.13 29.30
N VAL A 395 -53.96 -54.13 30.00
CA VAL A 395 -53.19 -53.48 31.05
C VAL A 395 -52.81 -54.48 32.14
N THR A 396 -53.79 -55.23 32.63
CA THR A 396 -53.58 -56.07 33.81
C THR A 396 -52.86 -57.39 33.49
N GLU A 397 -53.11 -57.99 32.33
CA GLU A 397 -52.52 -59.27 31.99
C GLU A 397 -51.20 -59.12 31.26
N MET A 398 -51.11 -58.19 30.30
CA MET A 398 -49.93 -58.07 29.46
C MET A 398 -49.07 -56.88 29.86
N HIS A 399 -49.43 -56.19 30.94
CA HIS A 399 -48.60 -55.12 31.51
C HIS A 399 -48.31 -54.03 30.49
N VAL A 400 -49.36 -53.52 29.86
CA VAL A 400 -49.24 -52.41 28.92
C VAL A 400 -49.32 -51.10 29.69
N ASP A 401 -48.38 -50.19 29.43
CA ASP A 401 -48.31 -48.95 30.18
C ASP A 401 -49.31 -47.91 29.70
N GLY A 402 -49.77 -48.01 28.46
CA GLY A 402 -50.71 -47.03 27.93
C GLY A 402 -51.22 -47.45 26.57
N PHE A 403 -51.98 -46.55 25.95
CA PHE A 403 -52.59 -46.83 24.66
C PHE A 403 -52.64 -45.56 23.82
N ARG A 404 -52.38 -45.71 22.52
CA ARG A 404 -52.61 -44.66 21.54
C ARG A 404 -53.75 -45.12 20.64
N PHE A 405 -54.78 -44.27 20.53
CA PHE A 405 -56.00 -44.65 19.83
C PHE A 405 -56.03 -44.01 18.46
N ASP A 406 -56.18 -44.83 17.43
CA ASP A 406 -56.29 -44.32 16.07
C ASP A 406 -57.66 -43.73 15.84
N LEU A 407 -57.70 -42.53 15.25
CA LEU A 407 -58.95 -41.82 15.00
C LEU A 407 -59.84 -41.85 16.24
N ALA A 408 -59.26 -41.42 17.36
CA ALA A 408 -60.00 -41.42 18.62
C ALA A 408 -61.23 -40.53 18.57
N SER A 409 -61.29 -39.58 17.63
CA SER A 409 -62.47 -38.73 17.53
C SER A 409 -63.72 -39.54 17.21
N ILE A 410 -63.56 -40.66 16.50
CA ILE A 410 -64.70 -41.52 16.23
C ILE A 410 -65.27 -42.13 17.50
N MET A 411 -64.46 -42.24 18.56
CA MET A 411 -64.98 -42.69 19.84
C MET A 411 -65.88 -41.66 20.50
N THR A 412 -65.93 -40.43 19.96
CA THR A 412 -66.84 -39.42 20.47
C THR A 412 -68.16 -39.36 19.71
N ARG A 413 -68.32 -40.18 18.68
CA ARG A 413 -69.57 -40.19 17.92
C ARG A 413 -70.57 -41.12 18.58
N GLY A 414 -71.77 -40.61 18.84
CA GLY A 414 -72.76 -41.38 19.57
C GLY A 414 -73.42 -42.46 18.72
N CYS A 415 -73.96 -43.46 19.40
CA CYS A 415 -74.63 -44.56 18.74
C CYS A 415 -75.98 -44.10 18.18
N SER A 416 -76.70 -45.03 17.55
CA SER A 416 -77.99 -44.73 16.96
C SER A 416 -79.12 -44.72 17.98
N LEU A 417 -78.90 -45.26 19.18
CA LEU A 417 -79.94 -45.28 20.20
C LEU A 417 -80.30 -43.86 20.63
N GLY A 436 -73.67 -40.62 13.42
CA GLY A 436 -72.59 -40.32 14.35
C GLY A 436 -72.57 -38.86 14.75
N THR A 437 -73.26 -38.55 15.85
CA THR A 437 -73.32 -37.18 16.35
C THR A 437 -72.23 -36.97 17.39
N PRO A 438 -71.31 -36.02 17.20
CA PRO A 438 -70.29 -35.79 18.22
C PRO A 438 -70.93 -35.45 19.56
N LEU A 439 -70.33 -35.96 20.63
CA LEU A 439 -70.84 -35.78 21.98
C LEU A 439 -69.86 -34.97 22.80
N ALA A 440 -70.41 -34.12 23.68
CA ALA A 440 -69.57 -33.31 24.55
C ALA A 440 -68.88 -34.18 25.60
N THR A 441 -69.60 -35.15 26.15
CA THR A 441 -69.07 -36.09 27.13
C THR A 441 -69.41 -37.50 26.65
N PRO A 442 -68.70 -37.99 25.64
CA PRO A 442 -69.03 -39.31 25.09
C PRO A 442 -68.97 -40.38 26.16
N PRO A 443 -69.97 -41.28 26.21
CA PRO A 443 -70.01 -42.26 27.31
C PRO A 443 -68.77 -43.13 27.41
N LEU A 444 -68.24 -43.61 26.28
CA LEU A 444 -67.13 -44.57 26.33
C LEU A 444 -65.88 -43.95 26.93
N ILE A 445 -65.55 -42.73 26.49
CA ILE A 445 -64.38 -42.06 27.06
C ILE A 445 -64.60 -41.76 28.52
N ASP A 446 -65.85 -41.51 28.93
CA ASP A 446 -66.16 -41.35 30.35
C ASP A 446 -65.80 -42.63 31.11
N MET A 447 -66.24 -43.78 30.59
CA MET A 447 -65.91 -45.04 31.27
C MET A 447 -64.39 -45.24 31.33
N ILE A 448 -63.69 -44.97 30.23
CA ILE A 448 -62.25 -45.18 30.21
C ILE A 448 -61.56 -44.29 31.23
N SER A 449 -61.94 -43.00 31.25
CA SER A 449 -61.29 -42.06 32.16
C SER A 449 -61.54 -42.41 33.61
N ASN A 450 -62.78 -42.78 33.95
CA ASN A 450 -63.13 -43.04 35.34
C ASN A 450 -62.94 -44.49 35.76
N ASP A 451 -62.37 -45.34 34.90
CA ASP A 451 -62.09 -46.70 35.30
C ASP A 451 -61.00 -46.71 36.37
N PRO A 452 -61.12 -47.54 37.41
CA PRO A 452 -60.08 -47.57 38.44
C PRO A 452 -58.71 -47.95 37.92
N ILE A 453 -58.63 -48.72 36.83
CA ILE A 453 -57.37 -49.18 36.27
C ILE A 453 -56.85 -48.26 35.17
N LEU A 454 -57.71 -47.92 34.21
CA LEU A 454 -57.28 -47.17 33.05
C LEU A 454 -57.03 -45.69 33.36
N GLY A 455 -57.42 -45.20 34.53
CA GLY A 455 -57.17 -43.82 34.88
C GLY A 455 -55.71 -43.51 35.15
N ASP A 456 -54.90 -44.51 35.47
CA ASP A 456 -53.49 -44.30 35.76
C ASP A 456 -52.60 -44.49 34.54
N VAL A 457 -53.03 -45.26 33.55
CA VAL A 457 -52.23 -45.50 32.36
C VAL A 457 -52.34 -44.31 31.42
N LYS A 458 -51.41 -44.23 30.48
CA LYS A 458 -51.44 -43.15 29.49
C LYS A 458 -52.53 -43.41 28.47
N LEU A 459 -53.18 -42.34 28.02
CA LEU A 459 -54.28 -42.43 27.06
C LEU A 459 -54.09 -41.32 26.03
N ILE A 460 -53.44 -41.64 24.92
CA ILE A 460 -53.17 -40.71 23.84
C ILE A 460 -54.26 -40.87 22.78
N ALA A 461 -54.81 -39.75 22.31
CA ALA A 461 -55.91 -39.75 21.36
C ALA A 461 -55.49 -39.07 20.07
N GLU A 462 -55.84 -39.67 18.94
CA GLU A 462 -55.64 -39.06 17.62
C GLU A 462 -56.95 -38.36 17.27
N ALA A 463 -56.93 -37.03 17.30
CA ALA A 463 -58.16 -36.23 17.28
C ALA A 463 -58.51 -35.83 15.84
N TRP A 464 -59.04 -36.79 15.10
CA TRP A 464 -59.64 -36.54 13.80
C TRP A 464 -60.18 -37.87 13.26
N ASP A 465 -60.87 -37.79 12.13
CA ASP A 465 -61.37 -38.97 11.44
C ASP A 465 -61.54 -38.65 9.96
N ALA A 466 -62.17 -39.57 9.22
CA ALA A 466 -62.19 -39.45 7.77
C ALA A 466 -62.92 -38.20 7.30
N GLY A 467 -64.13 -37.98 7.78
CA GLY A 467 -64.93 -36.87 7.29
C GLY A 467 -64.58 -35.54 7.93
N GLY A 468 -63.59 -35.56 8.82
CA GLY A 468 -63.17 -34.34 9.50
C GLY A 468 -63.24 -34.47 11.00
N LEU A 469 -64.10 -33.69 11.64
CA LEU A 469 -64.26 -33.70 13.09
C LEU A 469 -62.93 -33.49 13.80
N TYR A 470 -62.18 -32.51 13.29
CA TYR A 470 -60.90 -32.14 13.87
C TYR A 470 -61.09 -31.66 15.31
N GLN A 471 -60.31 -32.24 16.23
CA GLN A 471 -60.50 -32.02 17.67
C GLN A 471 -59.19 -31.84 18.42
N VAL A 472 -58.16 -31.29 17.77
CA VAL A 472 -56.90 -31.09 18.46
C VAL A 472 -57.06 -29.91 19.42
N GLY A 473 -56.82 -30.15 20.71
CA GLY A 473 -57.02 -29.16 21.74
C GLY A 473 -58.41 -29.17 22.34
N GLN A 474 -59.33 -29.97 21.79
CA GLN A 474 -60.70 -30.02 22.30
C GLN A 474 -61.23 -31.46 22.31
N PHE A 475 -60.36 -32.44 22.43
CA PHE A 475 -60.81 -33.82 22.53
C PHE A 475 -61.31 -34.09 23.96
N PRO A 476 -62.53 -34.63 24.13
CA PRO A 476 -63.02 -34.90 25.49
C PRO A 476 -61.98 -35.60 26.33
N HIS A 477 -61.51 -34.96 27.41
CA HIS A 477 -60.29 -35.40 28.07
C HIS A 477 -60.47 -35.70 29.55
N TRP A 478 -61.39 -35.03 30.23
CA TRP A 478 -61.54 -35.13 31.68
C TRP A 478 -60.25 -34.75 32.42
N LYS A 479 -59.40 -33.94 31.79
CA LYS A 479 -58.12 -33.53 32.36
C LYS A 479 -57.19 -34.71 32.58
N ILE A 480 -57.35 -35.75 31.76
CA ILE A 480 -56.51 -36.94 31.83
C ILE A 480 -55.87 -37.25 30.47
N TRP A 481 -56.66 -37.20 29.41
CA TRP A 481 -56.21 -37.69 28.11
C TRP A 481 -55.18 -36.76 27.48
N SER A 482 -54.15 -37.37 26.88
CA SER A 482 -53.22 -36.69 26.02
C SER A 482 -53.69 -36.81 24.58
N GLU A 483 -52.90 -36.30 23.64
CA GLU A 483 -53.29 -36.39 22.24
C GLU A 483 -52.13 -35.99 21.35
N TRP A 484 -52.21 -36.41 20.10
CA TRP A 484 -51.23 -36.03 19.08
C TRP A 484 -51.48 -34.59 18.64
N ASN A 485 -50.44 -33.76 18.69
CA ASN A 485 -50.55 -32.36 18.32
C ASN A 485 -50.20 -32.23 16.84
N GLY A 486 -51.23 -32.17 15.98
CA GLY A 486 -50.99 -31.95 14.57
C GLY A 486 -50.66 -30.50 14.25
N LYS A 487 -51.19 -29.57 15.03
CA LYS A 487 -50.84 -28.17 14.85
C LYS A 487 -49.35 -27.95 15.10
N TYR A 488 -48.80 -28.63 16.11
CA TYR A 488 -47.36 -28.56 16.33
C TYR A 488 -46.61 -29.01 15.09
N ARG A 489 -46.98 -30.16 14.54
CA ARG A 489 -46.32 -30.66 13.34
C ARG A 489 -46.37 -29.64 12.22
N ASP A 490 -47.57 -29.13 11.93
CA ASP A 490 -47.72 -28.20 10.81
C ASP A 490 -46.91 -26.93 11.03
N ILE A 491 -47.03 -26.33 12.20
CA ILE A 491 -46.35 -25.06 12.46
C ILE A 491 -44.85 -25.25 12.43
N VAL A 492 -44.34 -26.33 13.03
CA VAL A 492 -42.91 -26.54 13.05
C VAL A 492 -42.38 -26.79 11.64
N ARG A 493 -43.09 -27.60 10.85
CA ARG A 493 -42.68 -27.80 9.47
C ARG A 493 -42.61 -26.48 8.73
N GLN A 494 -43.66 -25.66 8.85
CA GLN A 494 -43.74 -24.43 8.08
C GLN A 494 -42.70 -23.42 8.52
N PHE A 495 -42.45 -23.32 9.82
CA PHE A 495 -41.42 -22.40 10.30
C PHE A 495 -40.03 -22.85 9.87
N ILE A 496 -39.71 -24.13 10.13
CA ILE A 496 -38.35 -24.59 9.88
C ILE A 496 -38.02 -24.54 8.39
N LYS A 497 -38.99 -24.91 7.54
CA LYS A 497 -38.73 -24.85 6.10
C LYS A 497 -38.59 -23.41 5.61
N GLY A 498 -39.08 -22.44 6.36
CA GLY A 498 -39.01 -21.05 5.98
C GLY A 498 -40.32 -20.55 5.42
N THR A 499 -41.10 -19.84 6.24
CA THR A 499 -42.41 -19.37 5.81
C THR A 499 -42.81 -18.20 6.70
N ASP A 500 -43.33 -17.15 6.07
CA ASP A 500 -43.70 -15.94 6.80
C ASP A 500 -44.91 -16.19 7.69
N GLY A 501 -44.85 -15.65 8.91
CA GLY A 501 -45.98 -15.64 9.82
C GLY A 501 -45.94 -16.70 10.90
N PHE A 502 -45.14 -17.74 10.72
CA PHE A 502 -45.08 -18.84 11.70
C PHE A 502 -43.97 -18.63 12.72
N ALA A 503 -43.93 -17.46 13.34
CA ALA A 503 -42.96 -17.15 14.37
C ALA A 503 -43.55 -17.17 15.77
N GLY A 504 -44.69 -16.50 15.97
CA GLY A 504 -45.38 -16.59 17.25
C GLY A 504 -45.95 -17.98 17.49
N GLY A 505 -46.47 -18.61 16.44
CA GLY A 505 -46.93 -19.97 16.57
C GLY A 505 -45.81 -20.92 16.93
N PHE A 506 -44.63 -20.70 16.36
CA PHE A 506 -43.48 -21.52 16.70
C PHE A 506 -43.09 -21.35 18.17
N ALA A 507 -43.16 -20.11 18.67
CA ALA A 507 -42.89 -19.89 20.08
C ALA A 507 -43.92 -20.59 20.96
N GLU A 508 -45.20 -20.51 20.58
CA GLU A 508 -46.22 -21.24 21.33
C GLU A 508 -45.93 -22.73 21.33
N CYS A 509 -45.56 -23.28 20.18
CA CYS A 509 -45.23 -24.70 20.10
C CYS A 509 -44.07 -25.03 21.03
N LEU A 510 -43.04 -24.19 21.05
CA LEU A 510 -41.93 -24.40 21.98
C LEU A 510 -42.40 -24.33 23.43
N CYS A 511 -43.47 -23.58 23.70
CA CYS A 511 -43.98 -23.43 25.06
C CYS A 511 -45.01 -24.49 25.43
N GLY A 512 -45.35 -25.39 24.51
CA GLY A 512 -46.29 -26.45 24.80
C GLY A 512 -47.72 -26.18 24.40
N SER A 513 -47.97 -25.14 23.60
CA SER A 513 -49.29 -24.78 23.14
C SER A 513 -50.20 -24.44 24.32
N PRO A 514 -49.90 -23.37 25.07
CA PRO A 514 -50.81 -22.96 26.14
C PRO A 514 -52.20 -22.60 25.65
N HIS A 515 -52.31 -22.09 24.42
CA HIS A 515 -53.61 -21.71 23.88
C HIS A 515 -54.48 -22.91 23.53
N LEU A 516 -53.95 -24.13 23.59
CA LEU A 516 -54.73 -25.33 23.34
C LEU A 516 -54.97 -26.17 24.58
N TYR A 517 -54.13 -26.07 25.60
CA TYR A 517 -54.22 -26.97 26.75
C TYR A 517 -54.31 -26.24 28.09
N GLN A 518 -53.66 -25.09 28.22
CA GLN A 518 -53.72 -24.36 29.49
C GLN A 518 -55.15 -23.90 29.79
N ALA A 519 -55.87 -23.45 28.76
CA ALA A 519 -57.22 -22.96 28.96
C ALA A 519 -58.14 -24.06 29.50
N GLY A 520 -58.03 -25.26 28.95
CA GLY A 520 -58.92 -26.35 29.32
C GLY A 520 -58.57 -27.11 30.57
N GLY A 521 -57.46 -26.77 31.23
CA GLY A 521 -57.06 -27.43 32.46
C GLY A 521 -56.01 -28.51 32.30
N ARG A 522 -55.42 -28.65 31.12
CA ARG A 522 -54.38 -29.63 30.88
C ARG A 522 -53.00 -28.96 30.84
N LYS A 523 -51.99 -29.73 31.23
CA LYS A 523 -50.60 -29.34 31.34
C LYS A 523 -49.87 -29.54 30.02
N PRO A 524 -48.71 -28.91 29.82
CA PRO A 524 -48.05 -29.01 28.51
C PRO A 524 -47.70 -30.43 28.12
N TRP A 525 -47.38 -31.30 29.09
CA TRP A 525 -47.01 -32.67 28.77
C TRP A 525 -48.19 -33.53 28.36
N HIS A 526 -49.39 -32.97 28.26
CA HIS A 526 -50.52 -33.66 27.65
C HIS A 526 -50.51 -33.56 26.13
N SER A 527 -49.54 -32.85 25.56
CA SER A 527 -49.39 -32.73 24.12
C SER A 527 -48.22 -33.61 23.68
N ILE A 528 -48.47 -34.45 22.68
CA ILE A 528 -47.47 -35.36 22.14
C ILE A 528 -46.92 -34.71 20.87
N ASN A 529 -45.85 -33.94 21.02
CA ASN A 529 -45.25 -33.25 19.88
C ASN A 529 -44.58 -34.25 18.95
N PHE A 530 -44.63 -33.95 17.65
CA PHE A 530 -44.00 -34.80 16.66
C PHE A 530 -43.94 -34.05 15.34
N VAL A 531 -42.85 -34.23 14.61
CA VAL A 531 -42.72 -33.67 13.27
C VAL A 531 -43.05 -34.71 12.21
N CYS A 532 -42.63 -35.96 12.42
CA CYS A 532 -42.89 -37.05 11.50
C CYS A 532 -43.47 -38.23 12.26
N ALA A 533 -44.27 -39.04 11.57
CA ALA A 533 -44.86 -40.24 12.13
C ALA A 533 -44.89 -41.31 11.05
N HIS A 534 -45.55 -42.43 11.35
CA HIS A 534 -45.66 -43.50 10.36
C HIS A 534 -46.46 -43.06 9.14
N ASP A 535 -47.41 -42.15 9.33
CA ASP A 535 -48.28 -41.68 8.25
C ASP A 535 -47.77 -40.33 7.77
N GLY A 536 -47.15 -40.33 6.59
CA GLY A 536 -46.65 -39.13 5.96
C GLY A 536 -45.17 -39.27 5.66
N PHE A 537 -44.56 -38.15 5.32
CA PHE A 537 -43.12 -38.14 5.06
C PHE A 537 -42.35 -38.47 6.32
N THR A 538 -41.24 -39.18 6.16
CA THR A 538 -40.29 -39.36 7.25
C THR A 538 -39.51 -38.06 7.44
N LEU A 539 -38.55 -38.08 8.35
CA LEU A 539 -37.73 -36.89 8.57
C LEU A 539 -36.82 -36.63 7.37
N ALA A 540 -36.26 -37.69 6.79
CA ALA A 540 -35.40 -37.51 5.63
C ALA A 540 -36.19 -37.03 4.42
N ASP A 541 -37.38 -37.60 4.19
CA ASP A 541 -38.18 -37.20 3.05
C ASP A 541 -38.78 -35.81 3.24
N LEU A 542 -38.98 -35.38 4.48
CA LEU A 542 -39.55 -34.07 4.72
C LEU A 542 -38.66 -32.97 4.18
N VAL A 543 -37.35 -33.22 4.08
CA VAL A 543 -36.39 -32.26 3.57
C VAL A 543 -35.85 -32.65 2.20
N THR A 544 -36.52 -33.57 1.51
CA THR A 544 -36.06 -34.09 0.23
C THR A 544 -37.07 -33.95 -0.90
N TYR A 545 -38.36 -33.85 -0.60
CA TYR A 545 -39.39 -33.86 -1.62
C TYR A 545 -40.40 -32.75 -1.34
N ASN A 546 -40.94 -32.17 -2.41
CA ASN A 546 -42.04 -31.22 -2.29
C ASN A 546 -43.40 -31.90 -2.39
N LYS A 547 -43.50 -33.01 -3.11
CA LYS A 547 -44.76 -33.68 -3.34
C LYS A 547 -44.59 -35.18 -3.17
N LYS A 548 -45.69 -35.84 -2.85
CA LYS A 548 -45.67 -37.28 -2.59
C LYS A 548 -45.39 -38.06 -3.87
N TYR A 549 -44.84 -39.27 -3.70
CA TYR A 549 -44.63 -40.23 -4.77
C TYR A 549 -45.26 -41.55 -4.33
N ASN A 550 -46.56 -41.69 -4.59
CA ASN A 550 -47.33 -42.85 -4.15
C ASN A 550 -47.83 -43.69 -5.32
N SER A 551 -47.21 -43.56 -6.49
CA SER A 551 -47.64 -44.34 -7.64
C SER A 551 -47.44 -45.83 -7.40
N SER A 552 -46.44 -46.20 -6.59
CA SER A 552 -46.19 -47.60 -6.29
C SER A 552 -47.25 -48.22 -5.39
N ASN A 553 -48.14 -47.40 -4.82
CA ASN A 553 -49.22 -47.91 -3.98
C ASN A 553 -50.41 -48.40 -4.79
N GLY A 554 -50.41 -48.19 -6.11
CA GLY A 554 -51.46 -48.69 -6.96
C GLY A 554 -52.68 -47.81 -7.08
N GLU A 555 -52.76 -46.71 -6.35
CA GLU A 555 -53.91 -45.82 -6.37
C GLU A 555 -53.69 -44.59 -7.24
N ASP A 556 -52.60 -44.54 -7.99
CA ASP A 556 -52.31 -43.41 -8.87
C ASP A 556 -52.31 -42.09 -8.10
N ASN A 557 -51.60 -42.08 -6.97
CA ASN A 557 -51.39 -40.88 -6.16
C ASN A 557 -52.67 -40.34 -5.56
N ARG A 558 -53.73 -41.14 -5.49
CA ARG A 558 -54.95 -40.69 -4.81
C ARG A 558 -54.76 -40.73 -3.30
N ASP A 559 -54.12 -41.77 -2.79
CA ASP A 559 -53.90 -41.93 -1.36
C ASP A 559 -52.76 -41.03 -0.89
N GLY A 560 -52.79 -40.71 0.40
CA GLY A 560 -51.75 -39.94 1.03
C GLY A 560 -52.15 -38.48 1.25
N GLU A 561 -51.33 -37.80 2.03
CA GLU A 561 -51.54 -36.38 2.30
C GLU A 561 -51.05 -35.53 1.14
N ASN A 562 -51.86 -34.55 0.75
CA ASN A 562 -51.52 -33.68 -0.37
C ASN A 562 -50.75 -32.45 0.06
N HIS A 563 -51.05 -31.90 1.23
CA HIS A 563 -50.36 -30.71 1.75
C HIS A 563 -49.34 -31.18 2.78
N ASN A 564 -48.13 -31.49 2.31
CA ASN A 564 -47.07 -32.00 3.16
C ASN A 564 -46.30 -30.90 3.89
N LEU A 565 -46.44 -29.64 3.48
CA LEU A 565 -45.69 -28.55 4.09
C LEU A 565 -44.18 -28.85 4.08
N SER A 566 -43.71 -29.42 2.99
CA SER A 566 -42.33 -29.86 2.89
C SER A 566 -41.52 -28.90 2.02
N TRP A 567 -40.24 -29.23 1.84
CA TRP A 567 -39.34 -28.47 0.99
C TRP A 567 -38.11 -29.32 0.76
N ASN A 568 -37.61 -29.35 -0.48
CA ASN A 568 -36.49 -30.22 -0.81
C ASN A 568 -35.14 -29.58 -0.55
N CYS A 569 -35.10 -28.38 0.02
CA CYS A 569 -33.84 -27.70 0.33
C CYS A 569 -33.02 -27.45 -0.94
N GLY A 570 -33.69 -27.17 -2.05
CA GLY A 570 -33.02 -26.93 -3.31
C GLY A 570 -33.47 -27.88 -4.39
N GLU A 571 -32.57 -28.75 -4.84
CA GLU A 571 -32.94 -29.78 -5.79
C GLU A 571 -33.82 -30.84 -5.12
N GLU A 572 -34.58 -31.55 -5.95
CA GLU A 572 -35.49 -32.58 -5.45
C GLU A 572 -34.88 -33.96 -5.64
N GLY A 573 -35.12 -34.84 -4.67
CA GLY A 573 -34.65 -36.21 -4.73
C GLY A 573 -33.26 -36.38 -4.12
N GLU A 574 -32.86 -37.64 -3.97
CA GLU A 574 -31.60 -37.95 -3.34
C GLU A 574 -30.41 -37.44 -4.14
N PHE A 575 -30.61 -37.08 -5.41
CA PHE A 575 -29.55 -36.60 -6.26
C PHE A 575 -29.53 -35.08 -6.19
N ALA A 576 -28.58 -34.53 -5.44
CA ALA A 576 -28.48 -33.08 -5.27
C ALA A 576 -27.05 -32.72 -4.95
N GLY A 577 -26.73 -31.43 -5.07
CA GLY A 577 -25.40 -30.96 -4.82
C GLY A 577 -25.05 -30.98 -3.34
N LEU A 578 -23.77 -30.69 -3.06
CA LEU A 578 -23.29 -30.74 -1.69
C LEU A 578 -24.00 -29.72 -0.82
N SER A 579 -24.25 -28.52 -1.35
CA SER A 579 -24.93 -27.50 -0.55
C SER A 579 -26.32 -27.96 -0.14
N VAL A 580 -27.05 -28.59 -1.07
CA VAL A 580 -28.40 -29.06 -0.75
C VAL A 580 -28.36 -30.12 0.35
N LYS A 581 -27.41 -31.05 0.26
CA LYS A 581 -27.33 -32.11 1.26
C LYS A 581 -26.90 -31.56 2.61
N ARG A 582 -25.98 -30.59 2.64
CA ARG A 582 -25.62 -29.95 3.89
C ARG A 582 -26.81 -29.24 4.51
N LEU A 583 -27.59 -28.53 3.69
CA LEU A 583 -28.79 -27.86 4.20
C LEU A 583 -29.79 -28.88 4.72
N ARG A 584 -29.88 -30.04 4.07
CA ARG A 584 -30.81 -31.06 4.53
C ARG A 584 -30.38 -31.64 5.87
N LYS A 585 -29.09 -31.91 6.04
CA LYS A 585 -28.60 -32.37 7.34
C LYS A 585 -28.88 -31.32 8.42
N ARG A 586 -28.62 -30.06 8.09
CA ARG A 586 -28.90 -28.97 9.03
C ARG A 586 -30.38 -28.93 9.39
N GLN A 587 -31.25 -29.15 8.41
CA GLN A 587 -32.68 -29.05 8.66
C GLN A 587 -33.18 -30.23 9.48
N MET A 588 -32.65 -31.43 9.25
CA MET A 588 -33.01 -32.56 10.10
C MET A 588 -32.58 -32.31 11.54
N ARG A 589 -31.37 -31.79 11.73
CA ARG A 589 -30.93 -31.45 13.08
C ARG A 589 -31.80 -30.36 13.69
N ASN A 590 -32.24 -29.41 12.87
CA ASN A 590 -33.12 -28.35 13.38
C ASN A 590 -34.45 -28.93 13.84
N PHE A 591 -35.01 -29.86 13.07
CA PHE A 591 -36.26 -30.49 13.48
C PHE A 591 -36.08 -31.25 14.79
N PHE A 592 -34.97 -31.98 14.94
CA PHE A 592 -34.75 -32.69 16.19
C PHE A 592 -34.56 -31.74 17.35
N VAL A 593 -33.82 -30.65 17.15
CA VAL A 593 -33.63 -29.67 18.22
C VAL A 593 -34.97 -29.05 18.61
N SER A 594 -35.78 -28.70 17.61
CA SER A 594 -37.11 -28.15 17.90
C SER A 594 -37.93 -29.15 18.70
N LEU A 595 -37.87 -30.42 18.33
CA LEU A 595 -38.63 -31.44 19.03
C LEU A 595 -38.15 -31.62 20.47
N MET A 596 -36.85 -31.51 20.71
CA MET A 596 -36.28 -31.83 22.01
C MET A 596 -36.18 -30.62 22.95
N VAL A 597 -36.52 -29.42 22.50
CA VAL A 597 -36.48 -28.23 23.35
C VAL A 597 -37.86 -27.61 23.51
N SER A 598 -38.92 -28.38 23.29
CA SER A 598 -40.28 -27.91 23.48
C SER A 598 -40.91 -28.57 24.70
N GLN A 599 -41.82 -27.84 25.33
CA GLN A 599 -42.61 -28.40 26.42
C GLN A 599 -43.65 -29.35 25.83
N GLY A 600 -43.74 -30.53 26.41
CA GLY A 600 -44.56 -31.60 25.87
C GLY A 600 -43.80 -32.90 25.94
N VAL A 601 -44.24 -33.87 25.14
CA VAL A 601 -43.60 -35.16 25.04
C VAL A 601 -43.13 -35.34 23.60
N PRO A 602 -41.83 -35.35 23.33
CA PRO A 602 -41.37 -35.56 21.95
C PRO A 602 -41.69 -36.96 21.46
N MET A 603 -41.87 -37.08 20.15
CA MET A 603 -42.15 -38.36 19.51
C MET A 603 -41.59 -38.33 18.09
N PHE A 604 -40.96 -39.43 17.70
CA PHE A 604 -40.48 -39.57 16.34
C PHE A 604 -40.57 -41.03 15.92
N TYR A 605 -40.94 -41.24 14.66
CA TYR A 605 -41.06 -42.58 14.10
C TYR A 605 -39.69 -43.23 13.99
N MET A 606 -39.68 -44.57 14.04
CA MET A 606 -38.41 -45.27 14.01
C MET A 606 -37.67 -44.96 12.71
N GLY A 607 -36.35 -44.82 12.84
CA GLY A 607 -35.50 -44.51 11.71
C GLY A 607 -35.24 -43.03 11.52
N ASP A 608 -36.08 -42.17 12.10
CA ASP A 608 -35.84 -40.73 11.99
C ASP A 608 -34.55 -40.32 12.67
N GLU A 609 -34.01 -41.17 13.56
CA GLU A 609 -32.77 -40.83 14.24
C GLU A 609 -31.55 -40.96 13.33
N TYR A 610 -31.65 -41.72 12.23
CA TYR A 610 -30.56 -41.83 11.28
C TYR A 610 -30.94 -41.37 9.88
N GLY A 611 -32.17 -40.89 9.67
CA GLY A 611 -32.55 -40.36 8.38
C GLY A 611 -33.14 -41.39 7.44
N HIS A 612 -34.04 -42.22 7.96
CA HIS A 612 -34.68 -43.23 7.13
C HIS A 612 -35.49 -42.58 6.02
N THR A 613 -35.32 -43.08 4.80
CA THR A 613 -35.98 -42.52 3.62
C THR A 613 -36.83 -43.60 2.97
N LYS A 614 -38.07 -43.26 2.64
CA LYS A 614 -38.99 -44.15 1.95
C LYS A 614 -39.07 -43.85 0.45
N GLY A 615 -38.13 -43.08 -0.07
CA GLY A 615 -38.15 -42.74 -1.49
C GLY A 615 -39.30 -41.85 -1.90
N GLY A 616 -39.71 -40.92 -1.04
CA GLY A 616 -40.77 -40.00 -1.36
C GLY A 616 -42.16 -40.53 -1.15
N ASN A 617 -42.33 -41.82 -0.89
CA ASN A 617 -43.64 -42.41 -0.69
C ASN A 617 -44.21 -41.93 0.63
N ASN A 618 -45.27 -41.12 0.56
CA ASN A 618 -45.87 -40.52 1.75
C ASN A 618 -46.68 -41.53 2.56
N ASN A 619 -47.16 -42.60 1.94
CA ASN A 619 -48.17 -43.47 2.56
C ASN A 619 -47.80 -44.94 2.37
N THR A 620 -46.59 -45.32 2.76
CA THR A 620 -46.14 -46.71 2.63
C THR A 620 -46.88 -47.58 3.64
N TYR A 621 -48.09 -47.97 3.28
CA TYR A 621 -48.95 -48.75 4.15
C TYR A 621 -49.19 -50.17 3.65
N CYS A 622 -48.76 -50.50 2.44
CA CYS A 622 -49.06 -51.77 1.82
C CYS A 622 -47.80 -52.40 1.25
N HIS A 623 -46.68 -52.27 1.96
CA HIS A 623 -45.40 -52.78 1.50
C HIS A 623 -44.72 -53.58 2.59
N ASP A 624 -44.24 -54.77 2.25
CA ASP A 624 -43.34 -55.54 3.10
C ASP A 624 -41.89 -55.36 2.67
N HIS A 625 -41.61 -54.35 1.85
CA HIS A 625 -40.28 -54.12 1.31
C HIS A 625 -39.35 -53.54 2.36
N TYR A 626 -38.08 -53.42 1.99
CA TYR A 626 -37.10 -52.72 2.82
C TYR A 626 -37.47 -51.25 3.01
N VAL A 627 -38.37 -50.72 2.19
CA VAL A 627 -38.78 -49.32 2.33
C VAL A 627 -39.40 -49.08 3.70
N ASN A 628 -40.02 -50.10 4.30
CA ASN A 628 -40.68 -49.98 5.58
C ASN A 628 -39.87 -50.58 6.72
N TYR A 629 -38.64 -51.01 6.46
CA TYR A 629 -37.81 -51.69 7.46
C TYR A 629 -36.76 -50.74 8.01
N PHE A 630 -36.53 -50.84 9.33
CA PHE A 630 -35.34 -50.24 9.92
C PHE A 630 -34.10 -50.82 9.26
N ARG A 631 -33.18 -49.94 8.86
CA ARG A 631 -31.97 -50.32 8.13
C ARG A 631 -30.80 -50.20 9.10
N TRP A 632 -30.46 -51.31 9.76
CA TRP A 632 -29.36 -51.29 10.72
C TRP A 632 -28.01 -51.10 10.05
N ASP A 633 -27.90 -51.44 8.76
CA ASP A 633 -26.68 -51.16 8.02
C ASP A 633 -26.57 -49.69 7.63
N LYS A 634 -27.68 -48.95 7.62
CA LYS A 634 -27.68 -47.55 7.28
C LYS A 634 -27.58 -46.63 8.49
N LYS A 635 -28.07 -47.07 9.65
CA LYS A 635 -27.90 -46.25 10.85
C LYS A 635 -26.46 -46.26 11.34
N GLU A 636 -25.65 -47.19 10.84
CA GLU A 636 -24.21 -47.14 11.10
C GLU A 636 -23.52 -46.11 10.20
N GLU A 637 -23.88 -46.09 8.92
CA GLU A 637 -23.29 -45.11 8.01
C GLU A 637 -23.64 -43.69 8.43
N SER A 638 -24.91 -43.47 8.79
CA SER A 638 -25.37 -42.17 9.27
C SER A 638 -25.31 -42.10 10.79
N SER A 639 -24.14 -42.40 11.34
CA SER A 639 -23.97 -42.39 12.79
C SER A 639 -23.86 -40.99 13.36
N ASP A 640 -23.54 -39.99 12.54
CA ASP A 640 -23.46 -38.62 13.02
C ASP A 640 -24.83 -38.13 13.48
N LEU A 641 -25.85 -38.33 12.64
CA LEU A 641 -27.19 -37.88 13.00
C LEU A 641 -27.75 -38.67 14.18
N GLN A 642 -27.47 -39.97 14.22
CA GLN A 642 -27.92 -40.79 15.35
C GLN A 642 -27.25 -40.33 16.65
N ARG A 643 -25.95 -40.01 16.57
CA ARG A 643 -25.26 -39.47 17.74
C ARG A 643 -25.87 -38.15 18.17
N PHE A 644 -26.18 -37.28 17.21
CA PHE A 644 -26.81 -36.01 17.55
C PHE A 644 -28.14 -36.22 18.25
N CYS A 645 -28.94 -37.16 17.74
CA CYS A 645 -30.24 -37.43 18.34
C CYS A 645 -30.10 -37.97 19.76
N SER A 646 -29.18 -38.91 19.96
CA SER A 646 -28.96 -39.44 21.30
C SER A 646 -28.50 -38.36 22.26
N LEU A 647 -27.58 -37.51 21.82
CA LEU A 647 -27.09 -36.44 22.68
C LEU A 647 -28.18 -35.43 22.99
N MET A 648 -29.03 -35.12 22.01
CA MET A 648 -30.13 -34.20 22.27
C MET A 648 -31.13 -34.79 23.25
N THR A 649 -31.41 -36.09 23.14
CA THR A 649 -32.28 -36.74 24.11
C THR A 649 -31.69 -36.69 25.51
N LYS A 650 -30.39 -36.96 25.63
CA LYS A 650 -29.74 -36.88 26.94
C LYS A 650 -29.76 -35.45 27.47
N PHE A 651 -29.55 -34.47 26.60
CA PHE A 651 -29.59 -33.07 27.02
C PHE A 651 -30.97 -32.70 27.53
N ARG A 652 -32.02 -33.14 26.84
CA ARG A 652 -33.37 -32.91 27.34
C ARG A 652 -33.57 -33.56 28.70
N LYS A 653 -33.05 -34.78 28.86
CA LYS A 653 -33.19 -35.47 30.14
C LYS A 653 -32.50 -34.68 31.26
N GLN A 654 -31.31 -34.16 30.99
CA GLN A 654 -30.55 -33.47 32.02
C GLN A 654 -31.22 -32.16 32.44
N CYS A 655 -31.65 -31.38 31.45
CA CYS A 655 -32.21 -30.06 31.74
C CYS A 655 -33.44 -30.18 32.63
N GLU A 656 -33.50 -29.34 33.66
CA GLU A 656 -34.71 -29.19 34.46
C GLU A 656 -35.76 -28.34 33.74
N SER A 657 -35.31 -27.41 32.90
CA SER A 657 -36.21 -26.44 32.30
C SER A 657 -36.99 -26.98 31.11
N LEU A 658 -36.62 -28.15 30.59
CA LEU A 658 -37.27 -28.71 29.42
C LEU A 658 -38.27 -29.81 29.77
N GLY A 659 -38.20 -30.38 30.96
CA GLY A 659 -39.17 -31.36 31.40
C GLY A 659 -40.18 -30.77 32.35
N LEU A 660 -40.66 -29.56 32.03
CA LEU A 660 -41.55 -28.85 32.93
C LEU A 660 -42.85 -29.62 33.15
N ALA A 661 -43.32 -29.65 34.40
CA ALA A 661 -44.61 -30.23 34.73
C ALA A 661 -45.75 -29.24 34.55
N ASP A 662 -45.45 -27.95 34.34
CA ASP A 662 -46.46 -26.94 34.09
C ASP A 662 -45.93 -26.00 33.02
N PHE A 663 -46.82 -25.19 32.46
CA PHE A 663 -46.45 -24.35 31.34
C PHE A 663 -45.36 -23.36 31.76
N PRO A 664 -44.51 -22.93 30.82
CA PRO A 664 -43.44 -22.00 31.17
C PRO A 664 -43.98 -20.70 31.76
N THR A 665 -43.23 -20.15 32.70
CA THR A 665 -43.56 -18.89 33.35
C THR A 665 -42.63 -17.81 32.81
N ALA A 666 -43.17 -16.61 32.61
CA ALA A 666 -42.38 -15.52 32.05
C ALA A 666 -41.20 -15.14 32.94
N GLN A 667 -41.24 -15.52 34.22
CA GLN A 667 -40.11 -15.24 35.10
C GLN A 667 -38.86 -15.98 34.65
N ARG A 668 -39.00 -17.23 34.21
CA ARG A 668 -37.88 -18.04 33.79
C ARG A 668 -37.59 -17.97 32.29
N LEU A 669 -38.63 -17.88 31.46
CA LEU A 669 -38.48 -17.91 30.01
C LEU A 669 -38.51 -16.47 29.49
N HIS A 670 -37.46 -16.08 28.78
CA HIS A 670 -37.36 -14.76 28.17
C HIS A 670 -37.11 -14.92 26.69
N TRP A 671 -37.71 -14.06 25.88
CA TRP A 671 -37.63 -14.15 24.43
C TRP A 671 -36.66 -13.11 23.89
N HIS A 672 -35.86 -13.53 22.91
CA HIS A 672 -34.81 -12.70 22.34
C HIS A 672 -34.90 -12.78 20.82
N GLY A 673 -34.32 -11.77 20.16
CA GLY A 673 -34.26 -11.75 18.72
C GLY A 673 -32.82 -11.71 18.23
N HIS A 674 -32.59 -11.08 17.08
CA HIS A 674 -31.21 -10.88 16.65
C HIS A 674 -30.40 -10.12 17.68
N GLN A 675 -31.06 -9.32 18.52
CA GLN A 675 -30.47 -8.69 19.68
C GLN A 675 -31.24 -9.09 20.93
N PRO A 676 -30.56 -9.31 22.06
CA PRO A 676 -31.26 -9.84 23.23
C PRO A 676 -32.37 -8.90 23.70
N GLY A 677 -33.47 -9.51 24.13
CA GLY A 677 -34.58 -8.77 24.71
C GLY A 677 -35.51 -8.10 23.72
N LYS A 678 -35.29 -8.29 22.43
CA LYS A 678 -36.09 -7.66 21.39
C LYS A 678 -36.57 -8.71 20.39
N PRO A 679 -37.52 -9.56 20.80
CA PRO A 679 -38.07 -10.54 19.87
C PRO A 679 -38.80 -9.87 18.72
N ASP A 680 -38.77 -10.52 17.56
CA ASP A 680 -39.46 -10.05 16.36
C ASP A 680 -40.62 -11.00 16.08
N TRP A 681 -41.83 -10.54 16.42
CA TRP A 681 -43.04 -11.32 16.21
C TRP A 681 -43.77 -10.93 14.92
N SER A 682 -43.10 -10.17 14.05
CA SER A 682 -43.75 -9.69 12.84
C SER A 682 -43.97 -10.84 11.86
N GLU A 683 -44.81 -10.57 10.85
CA GLU A 683 -45.10 -11.58 9.84
C GLU A 683 -43.88 -11.90 8.98
N THR A 684 -42.90 -11.00 8.92
CA THR A 684 -41.66 -11.24 8.20
C THR A 684 -40.61 -11.93 9.04
N SER A 685 -40.86 -12.11 10.34
CA SER A 685 -39.88 -12.74 11.21
C SER A 685 -39.71 -14.22 10.87
N ARG A 686 -38.45 -14.67 10.87
CA ARG A 686 -38.12 -16.08 10.72
C ARG A 686 -37.03 -16.48 11.70
N PHE A 687 -36.98 -15.82 12.85
CA PHE A 687 -35.96 -16.07 13.86
C PHE A 687 -36.64 -16.13 15.22
N VAL A 688 -36.41 -17.21 15.96
CA VAL A 688 -37.01 -17.39 17.28
C VAL A 688 -35.92 -17.83 18.25
N ALA A 689 -35.70 -17.05 19.30
CA ALA A 689 -34.70 -17.38 20.30
C ALA A 689 -35.26 -17.12 21.69
N PHE A 690 -34.80 -17.91 22.65
CA PHE A 690 -35.20 -17.71 24.03
C PHE A 690 -34.06 -18.12 24.96
N SER A 691 -34.14 -17.63 26.18
CA SER A 691 -33.28 -18.05 27.27
C SER A 691 -34.16 -18.49 28.44
N THR A 692 -33.66 -19.46 29.20
CA THR A 692 -34.46 -20.06 30.26
C THR A 692 -33.56 -20.43 31.43
N LYS A 693 -33.99 -20.06 32.64
CA LYS A 693 -33.29 -20.46 33.84
C LYS A 693 -33.51 -21.95 34.10
N ASP A 694 -32.46 -22.63 34.55
CA ASP A 694 -32.48 -24.07 34.75
C ASP A 694 -31.78 -24.35 36.07
N GLU A 695 -32.53 -24.83 37.05
CA GLU A 695 -31.99 -24.95 38.41
C GLU A 695 -30.82 -25.93 38.48
N THR A 696 -30.66 -26.78 37.47
CA THR A 696 -29.58 -27.77 37.44
C THR A 696 -28.37 -27.35 36.63
N LYS A 697 -28.55 -26.49 35.62
CA LYS A 697 -27.48 -26.17 34.68
C LYS A 697 -27.07 -24.71 34.66
N GLY A 698 -27.93 -23.79 35.07
CA GLY A 698 -27.64 -22.38 34.95
C GLY A 698 -28.67 -21.66 34.11
N GLU A 699 -28.28 -21.23 32.92
CA GLU A 699 -29.21 -20.67 31.95
C GLU A 699 -28.94 -21.30 30.59
N ILE A 700 -30.00 -21.60 29.86
CA ILE A 700 -29.92 -22.23 28.55
C ILE A 700 -30.44 -21.23 27.52
N TYR A 701 -29.65 -21.00 26.48
CA TYR A 701 -30.03 -20.11 25.38
C TYR A 701 -30.19 -20.94 24.12
N VAL A 702 -31.39 -20.90 23.54
CA VAL A 702 -31.70 -21.65 22.32
C VAL A 702 -32.11 -20.66 21.26
N ALA A 703 -31.66 -20.88 20.02
CA ALA A 703 -31.97 -19.99 18.92
C ALA A 703 -32.20 -20.80 17.65
N PHE A 704 -33.21 -20.40 16.88
CA PHE A 704 -33.52 -20.97 15.58
C PHE A 704 -33.54 -19.84 14.56
N ASN A 705 -32.66 -19.94 13.57
CA ASN A 705 -32.59 -18.99 12.46
C ASN A 705 -33.11 -19.72 11.22
N ALA A 706 -34.41 -19.59 10.98
CA ALA A 706 -35.08 -20.25 9.86
C ALA A 706 -35.01 -19.43 8.57
N SER A 707 -34.37 -18.27 8.59
CA SER A 707 -34.28 -17.44 7.40
C SER A 707 -33.13 -17.92 6.51
N HIS A 708 -33.10 -17.38 5.29
CA HIS A 708 -32.10 -17.75 4.30
C HIS A 708 -30.81 -16.95 4.41
N LEU A 709 -30.70 -16.06 5.41
CA LEU A 709 -29.54 -15.22 5.59
C LEU A 709 -28.83 -15.56 6.90
N PRO A 710 -27.50 -15.55 6.94
CA PRO A 710 -26.80 -15.72 8.21
C PRO A 710 -27.13 -14.59 9.18
N ALA A 711 -26.63 -14.72 10.40
CA ALA A 711 -26.91 -13.69 11.41
C ALA A 711 -25.95 -13.82 12.57
N VAL A 712 -25.28 -12.73 12.91
CA VAL A 712 -24.49 -12.66 14.14
C VAL A 712 -25.43 -12.15 15.23
N VAL A 713 -25.94 -13.07 16.04
CA VAL A 713 -26.94 -12.75 17.05
C VAL A 713 -26.22 -12.40 18.35
N GLY A 714 -26.68 -11.33 19.00
CA GLY A 714 -26.17 -10.97 20.30
C GLY A 714 -26.81 -11.80 21.39
N LEU A 715 -26.01 -12.23 22.34
CA LEU A 715 -26.47 -13.07 23.43
C LEU A 715 -26.80 -12.24 24.65
N PRO A 716 -27.65 -12.75 25.54
CA PRO A 716 -28.04 -11.95 26.72
C PRO A 716 -26.82 -11.54 27.53
N GLU A 717 -26.85 -10.32 28.04
CA GLU A 717 -25.75 -9.78 28.84
C GLU A 717 -25.89 -10.30 30.27
N ARG A 718 -24.96 -11.16 30.68
CA ARG A 718 -24.95 -11.76 32.02
C ARG A 718 -23.60 -11.46 32.66
N PRO A 719 -23.47 -10.37 33.40
CA PRO A 719 -22.18 -10.09 34.04
C PRO A 719 -21.77 -11.21 34.97
N GLY A 720 -20.47 -11.53 34.96
CA GLY A 720 -19.93 -12.61 35.76
C GLY A 720 -20.03 -13.98 35.13
N TYR A 721 -20.64 -14.11 33.95
CA TYR A 721 -20.79 -15.39 33.28
C TYR A 721 -20.59 -15.20 31.79
N ARG A 722 -20.28 -16.30 31.11
CA ARG A 722 -20.15 -16.31 29.66
C ARG A 722 -20.88 -17.52 29.10
N TRP A 723 -21.45 -17.36 27.91
CA TRP A 723 -22.11 -18.46 27.23
C TRP A 723 -21.08 -19.41 26.64
N GLU A 724 -21.41 -20.71 26.66
CA GLU A 724 -20.50 -21.76 26.21
C GLU A 724 -21.16 -22.55 25.10
N PRO A 725 -20.55 -22.68 23.91
CA PRO A 725 -21.19 -23.45 22.84
C PRO A 725 -21.49 -24.87 23.26
N LEU A 726 -22.73 -25.30 23.01
CA LEU A 726 -23.13 -26.68 23.20
C LEU A 726 -23.60 -27.34 21.92
N VAL A 727 -24.53 -26.72 21.21
CA VAL A 727 -25.09 -27.29 19.97
C VAL A 727 -25.07 -26.22 18.89
N ASP A 728 -24.67 -26.63 17.69
CA ASP A 728 -24.76 -25.76 16.51
C ASP A 728 -24.96 -26.69 15.31
N THR A 729 -26.18 -26.74 14.79
CA THR A 729 -26.51 -27.72 13.77
C THR A 729 -25.76 -27.51 12.47
N GLY A 730 -25.21 -26.31 12.24
CA GLY A 730 -24.44 -26.06 11.04
C GLY A 730 -23.02 -26.62 11.08
N LYS A 731 -22.51 -26.91 12.28
CA LYS A 731 -21.15 -27.39 12.41
C LYS A 731 -21.01 -28.79 11.81
N PRO A 732 -19.85 -29.13 11.27
CA PRO A 732 -19.60 -30.51 10.85
C PRO A 732 -19.50 -31.43 12.05
N ALA A 733 -19.87 -32.68 11.86
CA ALA A 733 -19.77 -33.65 12.92
C ALA A 733 -18.31 -33.89 13.28
N PRO A 734 -18.01 -34.18 14.55
CA PRO A 734 -18.91 -34.32 15.71
C PRO A 734 -19.12 -33.03 16.48
N TYR A 735 -18.74 -31.88 15.92
CA TYR A 735 -18.82 -30.61 16.64
C TYR A 735 -20.22 -30.00 16.60
N ASP A 736 -21.17 -30.65 15.92
CA ASP A 736 -22.56 -30.21 15.99
C ASP A 736 -23.11 -30.32 17.40
N PHE A 737 -22.54 -31.16 18.24
CA PHE A 737 -22.93 -31.29 19.64
C PHE A 737 -21.66 -31.55 20.45
N LEU A 738 -21.11 -30.50 21.04
CA LEU A 738 -19.88 -30.64 21.83
C LEU A 738 -20.15 -31.44 23.09
N THR A 739 -19.21 -32.32 23.43
CA THR A 739 -19.30 -33.13 24.63
C THR A 739 -17.89 -33.36 25.17
N ASP A 740 -17.83 -33.74 26.45
CA ASP A 740 -16.52 -33.96 27.08
C ASP A 740 -15.77 -35.12 26.47
N ASP A 741 -16.44 -35.99 25.72
CA ASP A 741 -15.76 -37.10 25.06
C ASP A 741 -14.91 -36.63 23.88
N LEU A 742 -15.02 -35.37 23.48
CA LEU A 742 -14.19 -34.84 22.41
C LEU A 742 -12.84 -34.43 22.98
N PRO A 743 -11.73 -34.96 22.47
CA PRO A 743 -10.42 -34.59 23.03
C PRO A 743 -10.07 -33.12 22.88
N ASP A 744 -10.71 -32.42 21.94
CA ASP A 744 -10.35 -31.05 21.60
C ASP A 744 -11.54 -30.10 21.70
N ARG A 745 -12.43 -30.32 22.67
CA ARG A 745 -13.55 -29.41 22.87
C ARG A 745 -13.06 -28.03 23.29
N ALA A 746 -12.04 -27.97 24.15
CA ALA A 746 -11.52 -26.69 24.59
C ALA A 746 -10.98 -25.88 23.42
N HIS A 747 -10.26 -26.53 22.51
CA HIS A 747 -9.75 -25.83 21.33
C HIS A 747 -10.90 -25.31 20.47
N ALA A 748 -11.94 -26.12 20.27
CA ALA A 748 -13.06 -25.70 19.46
C ALA A 748 -13.75 -24.49 20.08
N VAL A 749 -13.92 -24.48 21.40
CA VAL A 749 -14.53 -23.32 22.06
C VAL A 749 -13.62 -22.11 21.96
N HIS A 750 -12.30 -22.32 22.11
CA HIS A 750 -11.38 -21.19 22.05
C HIS A 750 -11.41 -20.54 20.67
N LEU A 751 -11.61 -21.33 19.62
CA LEU A 751 -11.61 -20.79 18.27
C LEU A 751 -12.82 -19.89 17.98
N PHE A 752 -13.87 -19.96 18.80
CA PHE A 752 -14.98 -19.01 18.74
C PHE A 752 -15.02 -18.09 19.95
N SER A 753 -14.03 -18.20 20.84
CA SER A 753 -13.98 -17.34 22.02
C SER A 753 -14.06 -15.86 21.67
N HIS A 754 -13.49 -15.45 20.53
CA HIS A 754 -13.50 -14.02 20.24
C HIS A 754 -14.90 -13.51 19.93
N PHE A 755 -15.75 -14.37 19.36
CA PHE A 755 -17.17 -14.02 19.22
C PHE A 755 -17.89 -14.14 20.55
N LEU A 756 -17.57 -15.15 21.33
CA LEU A 756 -18.32 -15.39 22.57
C LEU A 756 -18.03 -14.32 23.62
N ASN A 757 -16.82 -13.77 23.63
CA ASN A 757 -16.46 -12.75 24.60
C ASN A 757 -17.25 -11.46 24.39
N SER A 758 -17.66 -11.17 23.16
CA SER A 758 -18.46 -10.01 22.84
C SER A 758 -19.96 -10.28 22.99
N ASN A 759 -20.32 -11.45 23.50
CA ASN A 759 -21.71 -11.89 23.54
C ASN A 759 -22.31 -11.88 22.14
N LEU A 760 -21.69 -12.66 21.27
CA LEU A 760 -22.13 -12.81 19.89
C LEU A 760 -22.03 -14.27 19.48
N TYR A 761 -22.87 -14.66 18.52
CA TYR A 761 -22.73 -15.97 17.90
C TYR A 761 -23.09 -15.87 16.42
N PRO A 762 -22.22 -16.28 15.51
CA PRO A 762 -22.56 -16.28 14.08
C PRO A 762 -23.28 -17.55 13.69
N MET A 763 -24.46 -17.41 13.11
CA MET A 763 -25.30 -18.51 12.69
C MET A 763 -25.45 -18.52 11.18
N LEU A 764 -25.42 -19.71 10.60
CA LEU A 764 -25.73 -19.88 9.18
C LEU A 764 -27.23 -19.72 8.96
N SER A 765 -27.62 -19.75 7.69
CA SER A 765 -29.04 -19.76 7.35
C SER A 765 -29.64 -21.12 7.65
N TYR A 766 -30.87 -21.14 8.12
CA TYR A 766 -31.60 -22.37 8.40
C TYR A 766 -30.83 -23.24 9.40
N SER A 767 -30.53 -22.66 10.56
CA SER A 767 -29.72 -23.35 11.56
C SER A 767 -30.31 -23.12 12.95
N SER A 768 -29.63 -23.65 13.96
CA SER A 768 -30.04 -23.47 15.33
C SER A 768 -28.84 -23.70 16.24
N ILE A 769 -28.89 -23.11 17.43
CA ILE A 769 -27.81 -23.21 18.39
C ILE A 769 -28.37 -23.32 19.80
N ILE A 770 -27.61 -23.99 20.67
CA ILE A 770 -27.88 -24.05 22.10
C ILE A 770 -26.58 -23.74 22.84
N LEU A 771 -26.67 -22.84 23.82
CA LEU A 771 -25.54 -22.43 24.64
C LEU A 771 -25.92 -22.52 26.11
N GLU A 772 -24.91 -22.70 26.96
CA GLU A 772 -25.10 -22.80 28.40
C GLU A 772 -24.31 -21.69 29.09
N LEU A 773 -24.93 -21.04 30.07
CA LEU A 773 -24.29 -19.97 30.82
C LEU A 773 -23.42 -20.56 31.92
N GLN A 774 -22.11 -20.42 31.79
CA GLN A 774 -21.16 -20.95 32.76
C GLN A 774 -20.44 -19.80 33.48
N PRO A 775 -19.98 -20.03 34.72
CA PRO A 775 -19.24 -18.98 35.42
C PRO A 775 -17.98 -18.60 34.68
N ASP A 776 -17.63 -17.32 34.77
CA ASP A 776 -16.43 -16.79 34.12
C ASP A 776 -15.31 -16.57 35.14
N GLU B 60 56.74 34.86 1.25
CA GLU B 60 57.08 33.66 1.99
C GLU B 60 56.57 33.77 3.43
N ARG B 61 55.86 32.74 3.89
CA ARG B 61 55.23 32.78 5.20
C ARG B 61 55.15 31.36 5.76
N TYR B 62 55.09 31.27 7.08
CA TYR B 62 55.01 30.00 7.77
C TYR B 62 53.98 30.10 8.90
N ALA B 63 53.30 28.99 9.18
CA ALA B 63 52.16 28.98 10.08
C ALA B 63 52.50 28.48 11.48
N LEU B 64 52.98 27.23 11.59
CA LEU B 64 53.10 26.59 12.90
C LEU B 64 54.51 26.80 13.45
N GLY B 65 54.74 28.00 13.96
CA GLY B 65 56.03 28.34 14.53
C GLY B 65 57.17 28.21 13.55
N GLY B 66 56.90 28.35 12.25
CA GLY B 66 57.89 28.23 11.22
C GLY B 66 57.93 26.86 10.55
N ALA B 67 57.37 25.84 11.19
CA ALA B 67 57.42 24.49 10.62
C ALA B 67 56.63 24.41 9.32
N CYS B 68 55.38 24.86 9.35
CA CYS B 68 54.48 24.75 8.20
C CYS B 68 54.65 25.94 7.27
N ARG B 69 54.40 25.70 5.99
CA ARG B 69 54.46 26.75 4.96
C ARG B 69 53.05 27.14 4.56
N VAL B 70 52.88 28.40 4.15
CA VAL B 70 51.59 28.94 3.76
C VAL B 70 51.68 29.41 2.31
N LEU B 71 50.86 28.82 1.46
CA LEU B 71 50.77 29.18 0.05
C LEU B 71 49.43 29.87 -0.21
N ALA B 72 49.19 30.19 -1.49
CA ALA B 72 47.95 30.86 -1.86
C ALA B 72 46.76 29.92 -1.75
N GLY B 73 46.88 28.71 -2.28
CA GLY B 73 45.77 27.79 -2.35
C GLY B 73 44.92 28.00 -3.57
N MET B 74 43.77 27.34 -3.59
CA MET B 74 42.81 27.45 -4.67
C MET B 74 41.42 27.53 -4.08
N PRO B 75 40.46 28.14 -4.81
CA PRO B 75 39.15 28.39 -4.22
C PRO B 75 38.20 27.20 -4.21
N ALA B 76 38.52 26.10 -4.88
CA ALA B 76 37.63 24.96 -4.94
C ALA B 76 38.44 23.68 -4.75
N PRO B 77 37.83 22.64 -4.15
CA PRO B 77 36.48 22.58 -3.59
C PRO B 77 36.39 23.29 -2.26
N LEU B 78 35.20 23.77 -1.87
CA LEU B 78 35.06 24.43 -0.58
C LEU B 78 35.23 23.43 0.55
N GLY B 79 35.81 23.90 1.65
CA GLY B 79 36.13 23.07 2.79
C GLY B 79 37.58 22.63 2.77
N ALA B 80 38.02 22.12 3.92
CA ALA B 80 39.37 21.61 4.05
C ALA B 80 39.52 20.34 3.22
N THR B 81 40.60 20.27 2.43
CA THR B 81 40.85 19.14 1.55
C THR B 81 42.32 18.78 1.61
N ALA B 82 42.61 17.51 1.87
CA ALA B 82 43.99 17.03 1.87
C ALA B 82 44.51 16.98 0.45
N LEU B 83 45.69 17.55 0.22
CA LEU B 83 46.21 17.70 -1.13
C LEU B 83 47.70 18.02 -1.13
N ASP B 84 48.48 17.24 -1.88
CA ASP B 84 49.88 17.55 -2.15
C ASP B 84 50.67 17.79 -0.86
N GLY B 85 50.47 16.90 0.10
CA GLY B 85 51.21 16.97 1.35
C GLY B 85 50.75 18.06 2.29
N GLY B 86 49.60 18.66 2.04
CA GLY B 86 49.09 19.70 2.92
C GLY B 86 47.58 19.73 2.93
N VAL B 87 47.00 20.83 3.41
CA VAL B 87 45.56 21.00 3.45
C VAL B 87 45.20 22.33 2.80
N ASN B 88 44.20 22.30 1.92
CA ASN B 88 43.69 23.48 1.26
C ASN B 88 42.35 23.84 1.87
N PHE B 89 42.23 25.05 2.39
CA PHE B 89 41.00 25.57 2.96
C PHE B 89 40.39 26.58 2.01
N ALA B 90 39.07 26.52 1.83
CA ALA B 90 38.36 27.48 1.01
C ALA B 90 36.98 27.71 1.62
N VAL B 91 36.57 28.97 1.70
CA VAL B 91 35.30 29.33 2.32
C VAL B 91 34.73 30.53 1.59
N TYR B 92 33.44 30.46 1.28
CA TYR B 92 32.76 31.58 0.64
C TYR B 92 32.30 32.59 1.67
N SER B 93 32.63 33.85 1.45
CA SER B 93 32.10 34.95 2.27
C SER B 93 32.12 36.21 1.43
N ALA B 94 30.94 36.77 1.15
CA ALA B 94 30.86 37.95 0.31
C ALA B 94 31.05 39.23 1.12
N GLY B 95 30.46 39.30 2.30
CA GLY B 95 30.50 40.51 3.10
C GLY B 95 31.76 40.69 3.93
N ALA B 96 32.63 39.69 3.99
CA ALA B 96 33.81 39.76 4.84
C ALA B 96 34.87 40.63 4.18
N SER B 97 35.32 41.65 4.90
CA SER B 97 36.45 42.46 4.45
C SER B 97 37.79 41.82 4.77
N ALA B 98 37.88 41.08 5.87
CA ALA B 98 39.10 40.36 6.21
C ALA B 98 38.73 38.99 6.78
N ALA B 99 39.68 38.07 6.71
CA ALA B 99 39.46 36.73 7.23
C ALA B 99 40.78 36.13 7.68
N SER B 100 40.71 35.24 8.67
CA SER B 100 41.87 34.51 9.13
C SER B 100 41.45 33.09 9.49
N LEU B 101 42.41 32.18 9.41
CA LEU B 101 42.20 30.76 9.72
C LEU B 101 42.77 30.48 11.11
N CYS B 102 41.94 29.93 11.99
CA CYS B 102 42.32 29.66 13.37
C CYS B 102 42.45 28.15 13.56
N LEU B 103 43.63 27.71 13.97
CA LEU B 103 43.94 26.31 14.18
C LEU B 103 44.04 26.02 15.66
N PHE B 104 43.40 24.95 16.11
CA PHE B 104 43.38 24.51 17.49
C PHE B 104 44.00 23.13 17.62
N THR B 105 44.61 22.87 18.75
CA THR B 105 44.87 21.51 19.17
C THR B 105 43.77 21.06 20.12
N PRO B 106 43.41 19.78 20.17
CA PRO B 106 42.23 19.38 20.95
C PRO B 106 42.23 19.93 22.37
N ASP B 107 43.36 19.85 23.08
CA ASP B 107 43.42 20.39 24.44
C ASP B 107 43.21 21.90 24.43
N ASP B 108 43.77 22.60 23.45
CA ASP B 108 43.59 24.04 23.38
C ASP B 108 42.13 24.40 23.11
N LEU B 109 41.48 23.66 22.22
CA LEU B 109 40.05 23.88 21.97
C LEU B 109 39.24 23.61 23.22
N GLU B 110 39.67 22.65 24.04
CA GLU B 110 38.99 22.42 25.30
C GLU B 110 39.08 23.68 26.16
N ALA B 111 40.23 24.35 26.14
CA ALA B 111 40.43 25.59 26.86
C ALA B 111 39.89 26.81 26.12
N ASP B 112 39.37 26.63 24.90
CA ASP B 112 38.83 27.73 24.11
C ASP B 112 39.93 28.76 23.79
N GLU B 113 41.03 28.28 23.24
CA GLU B 113 42.15 29.12 22.87
C GLU B 113 42.67 28.70 21.50
N VAL B 114 43.05 29.68 20.69
CA VAL B 114 43.51 29.44 19.33
C VAL B 114 44.99 29.11 19.36
N THR B 115 45.34 27.90 18.92
CA THR B 115 46.75 27.50 18.91
C THR B 115 47.55 28.30 17.90
N GLU B 116 46.98 28.57 16.73
CA GLU B 116 47.66 29.35 15.70
C GLU B 116 46.60 30.14 14.93
N GLU B 117 47.03 31.24 14.34
CA GLU B 117 46.13 32.09 13.57
C GLU B 117 46.87 32.62 12.35
N VAL B 118 46.42 32.22 11.17
CA VAL B 118 47.02 32.61 9.90
C VAL B 118 46.10 33.65 9.26
N PRO B 119 46.50 34.91 9.18
CA PRO B 119 45.67 35.89 8.46
C PRO B 119 45.66 35.59 6.98
N LEU B 120 44.60 36.04 6.31
CA LEU B 120 44.41 35.82 4.89
C LEU B 120 44.51 37.15 4.14
N ASP B 121 45.41 37.19 3.17
CA ASP B 121 45.61 38.40 2.38
C ASP B 121 44.49 38.53 1.35
N PRO B 122 43.75 39.65 1.32
CA PRO B 122 42.67 39.76 0.32
C PRO B 122 43.15 39.80 -1.12
N LEU B 123 44.46 39.83 -1.36
CA LEU B 123 44.98 39.87 -2.72
C LEU B 123 45.34 38.49 -3.24
N PHE B 124 46.06 37.68 -2.45
CA PHE B 124 46.51 36.37 -2.87
C PHE B 124 45.66 35.22 -2.33
N ASN B 125 44.94 35.45 -1.23
CA ASN B 125 44.13 34.43 -0.59
C ASN B 125 42.64 34.72 -0.75
N ARG B 126 42.24 35.25 -1.90
CA ARG B 126 40.83 35.50 -2.18
C ARG B 126 40.63 35.58 -3.69
N THR B 127 39.88 34.63 -4.24
CA THR B 127 39.47 34.65 -5.64
C THR B 127 37.96 34.87 -5.67
N GLY B 128 37.54 36.03 -6.16
CA GLY B 128 36.14 36.37 -6.09
C GLY B 128 35.70 36.50 -4.65
N ASN B 129 34.59 35.85 -4.30
CA ASN B 129 34.06 35.84 -2.95
C ASN B 129 34.46 34.60 -2.17
N VAL B 130 35.56 33.95 -2.56
CA VAL B 130 36.03 32.73 -1.92
C VAL B 130 37.40 33.02 -1.33
N TRP B 131 37.48 33.06 0.00
CA TRP B 131 38.77 33.07 0.67
C TRP B 131 39.37 31.68 0.62
N HIS B 132 40.70 31.60 0.51
CA HIS B 132 41.34 30.30 0.45
C HIS B 132 42.79 30.42 0.87
N VAL B 133 43.32 29.33 1.39
CA VAL B 133 44.71 29.27 1.86
C VAL B 133 45.14 27.82 1.93
N PHE B 134 46.38 27.57 1.55
CA PHE B 134 46.97 26.24 1.59
C PHE B 134 48.07 26.21 2.65
N ILE B 135 48.15 25.12 3.40
CA ILE B 135 49.17 24.95 4.44
C ILE B 135 49.79 23.58 4.28
N GLU B 136 51.11 23.55 4.07
CA GLU B 136 51.84 22.28 4.07
C GLU B 136 52.00 21.76 5.49
N GLY B 137 51.97 20.45 5.64
CA GLY B 137 52.25 19.81 6.91
C GLY B 137 51.21 18.78 7.27
N GLU B 138 51.38 18.20 8.46
CA GLU B 138 50.48 17.17 8.98
C GLU B 138 49.51 17.84 9.95
N LEU B 139 48.46 18.40 9.38
CA LEU B 139 47.44 19.12 10.15
C LEU B 139 46.26 18.25 10.54
N HIS B 140 46.29 16.95 10.22
CA HIS B 140 45.14 16.09 10.47
C HIS B 140 44.79 16.00 11.95
N ASN B 141 45.74 16.26 12.84
CA ASN B 141 45.53 16.13 14.27
C ASN B 141 45.09 17.44 14.92
N MET B 142 44.85 18.48 14.13
CA MET B 142 44.34 19.75 14.63
C MET B 142 42.91 19.96 14.15
N LEU B 143 42.31 21.03 14.64
CA LEU B 143 40.98 21.46 14.23
C LEU B 143 41.07 22.89 13.72
N TYR B 144 40.08 23.32 12.95
CA TYR B 144 40.18 24.62 12.30
C TYR B 144 38.84 25.34 12.32
N GLY B 145 38.93 26.66 12.26
CA GLY B 145 37.79 27.54 12.13
C GLY B 145 38.23 28.81 11.43
N TYR B 146 37.30 29.75 11.29
CA TYR B 146 37.57 31.01 10.62
C TYR B 146 37.19 32.17 11.52
N ARG B 147 37.84 33.31 11.29
CA ARG B 147 37.56 34.55 11.99
C ARG B 147 37.40 35.63 10.92
N PHE B 148 36.17 36.14 10.78
CA PHE B 148 35.82 37.06 9.72
C PHE B 148 35.57 38.45 10.28
N ASP B 149 36.14 39.46 9.61
CA ASP B 149 35.95 40.85 9.96
C ASP B 149 35.19 41.54 8.84
N GLY B 150 34.09 42.21 9.21
CA GLY B 150 33.27 42.94 8.26
C GLY B 150 32.45 44.00 8.96
N MET B 151 31.23 44.24 8.47
CA MET B 151 30.34 45.22 9.06
C MET B 151 29.34 44.51 9.96
N PHE B 152 29.17 45.04 11.17
CA PHE B 152 28.14 44.58 12.10
C PHE B 152 26.94 45.51 11.97
N ALA B 153 25.86 45.01 11.40
CA ALA B 153 24.66 45.81 11.15
C ALA B 153 23.45 44.89 11.12
N PRO B 154 22.91 44.53 12.27
CA PRO B 154 21.73 43.64 12.28
C PRO B 154 20.58 44.18 11.45
N HIS B 155 20.38 45.50 11.46
CA HIS B 155 19.31 46.08 10.65
C HIS B 155 19.51 45.84 9.16
N CYS B 156 20.75 45.75 8.70
CA CYS B 156 21.05 45.48 7.30
C CYS B 156 21.32 44.02 7.01
N GLY B 157 21.36 43.16 8.04
CA GLY B 157 21.59 41.75 7.84
C GLY B 157 23.03 41.30 7.96
N GLN B 158 23.92 42.15 8.46
CA GLN B 158 25.32 41.81 8.66
C GLN B 158 25.57 41.52 10.14
N TYR B 159 26.44 40.54 10.41
CA TYR B 159 26.71 40.11 11.78
C TYR B 159 28.20 39.85 12.00
N PHE B 160 29.06 40.45 11.20
CA PHE B 160 30.49 40.17 11.30
C PHE B 160 31.05 40.68 12.62
N ASP B 161 31.91 39.87 13.24
CA ASP B 161 32.50 40.19 14.53
C ASP B 161 33.75 39.35 14.71
N VAL B 162 34.91 40.01 14.84
CA VAL B 162 36.18 39.29 14.85
C VAL B 162 36.35 38.46 16.11
N SER B 163 35.58 38.73 17.17
CA SER B 163 35.71 37.94 18.39
C SER B 163 35.14 36.54 18.26
N ASN B 164 34.44 36.25 17.16
CA ASN B 164 33.81 34.95 16.95
C ASN B 164 34.65 34.11 16.02
N VAL B 165 34.88 32.85 16.41
CA VAL B 165 35.47 31.84 15.54
C VAL B 165 34.34 30.91 15.10
N VAL B 166 34.16 30.77 13.80
CA VAL B 166 33.02 30.05 13.25
C VAL B 166 33.52 28.75 12.60
N VAL B 167 32.61 27.79 12.51
CA VAL B 167 32.90 26.48 11.95
C VAL B 167 32.58 26.51 10.46
N ASP B 168 33.47 25.94 9.66
CA ASP B 168 33.24 25.89 8.22
C ASP B 168 31.97 25.12 7.92
N PRO B 169 31.08 25.64 7.06
CA PRO B 169 29.91 24.84 6.66
C PRO B 169 30.27 23.52 6.01
N TYR B 170 31.44 23.43 5.38
CA TYR B 170 31.87 22.22 4.69
C TYR B 170 32.70 21.29 5.58
N ALA B 171 32.85 21.62 6.86
CA ALA B 171 33.60 20.75 7.77
C ALA B 171 32.89 19.41 7.91
N LYS B 172 33.69 18.34 7.88
CA LYS B 172 33.16 16.98 7.92
C LYS B 172 32.98 16.44 9.33
N ALA B 173 33.38 17.20 10.36
CA ALA B 173 33.13 16.82 11.73
C ALA B 173 33.36 18.01 12.66
N VAL B 174 32.43 18.27 13.56
CA VAL B 174 32.46 19.44 14.43
C VAL B 174 32.72 18.98 15.85
N ILE B 175 33.90 19.29 16.38
CA ILE B 175 34.37 18.79 17.66
C ILE B 175 34.07 19.83 18.72
N SER B 176 33.00 19.62 19.48
CA SER B 176 32.68 20.48 20.62
C SER B 176 32.64 19.71 21.93
N ARG B 177 31.86 18.63 22.00
CA ARG B 177 31.70 17.84 23.21
C ARG B 177 31.69 16.37 22.84
N GLY B 178 31.94 15.51 23.83
CA GLY B 178 32.09 14.10 23.58
C GLY B 178 30.93 13.25 24.05
N GLU B 179 30.34 13.60 25.18
CA GLU B 179 29.31 12.79 25.83
C GLU B 179 27.94 13.43 25.65
N TYR B 180 26.94 12.59 25.36
CA TYR B 180 25.58 13.07 25.20
C TYR B 180 25.05 13.61 26.52
N GLY B 181 24.62 14.86 26.51
CA GLY B 181 23.98 15.45 27.67
C GLY B 181 24.92 15.94 28.75
N VAL B 182 26.23 15.91 28.51
CA VAL B 182 27.22 16.39 29.48
C VAL B 182 27.68 17.77 29.02
N PRO B 183 27.37 18.84 29.76
CA PRO B 183 27.84 20.17 29.36
C PRO B 183 29.35 20.27 29.31
N GLY B 184 29.86 21.42 28.87
CA GLY B 184 31.28 21.63 28.76
C GLY B 184 31.90 21.96 30.10
N PRO B 185 33.13 22.49 30.08
CA PRO B 185 33.83 22.77 31.34
C PRO B 185 33.29 23.99 32.06
N GLY B 186 32.23 23.80 32.84
CA GLY B 186 31.62 24.90 33.57
C GLY B 186 30.14 25.05 33.28
N GLY B 187 29.52 23.98 32.80
CA GLY B 187 28.13 24.02 32.43
C GLY B 187 27.85 24.71 31.12
N ASP B 188 28.88 25.05 30.36
CA ASP B 188 28.71 25.76 29.09
C ASP B 188 28.13 24.79 28.06
N CYS B 189 26.88 25.02 27.68
CA CYS B 189 26.25 24.18 26.66
C CYS B 189 26.69 24.57 25.25
N TRP B 190 27.30 25.74 25.08
CA TRP B 190 27.75 26.22 23.77
C TRP B 190 29.25 26.52 23.81
N PRO B 191 30.09 25.52 24.07
CA PRO B 191 31.53 25.74 24.03
C PRO B 191 32.03 25.93 22.60
N GLN B 192 33.27 26.39 22.50
CA GLN B 192 33.86 26.61 21.20
C GLN B 192 33.84 25.33 20.38
N MET B 193 33.51 25.47 19.10
CA MET B 193 33.47 24.35 18.17
C MET B 193 34.49 24.56 17.06
N ALA B 194 35.00 23.44 16.54
CA ALA B 194 35.96 23.49 15.45
C ALA B 194 35.65 22.37 14.48
N GLY B 195 36.35 22.40 13.34
CA GLY B 195 36.16 21.41 12.30
C GLY B 195 37.34 20.46 12.20
N MET B 196 37.06 19.26 11.70
CA MET B 196 38.10 18.25 11.59
C MET B 196 38.86 18.43 10.29
N ILE B 197 40.18 18.35 10.36
CA ILE B 197 41.03 18.50 9.18
C ILE B 197 41.27 17.11 8.58
N PRO B 198 41.01 16.90 7.29
CA PRO B 198 41.04 15.54 6.75
C PRO B 198 42.44 14.96 6.67
N LEU B 199 42.48 13.63 6.66
CA LEU B 199 43.70 12.90 6.36
C LEU B 199 43.92 12.84 4.85
N PRO B 200 45.15 12.58 4.41
CA PRO B 200 45.40 12.40 2.97
C PRO B 200 44.93 11.06 2.43
N TYR B 201 44.19 10.27 3.20
CA TYR B 201 43.71 8.97 2.76
C TYR B 201 42.47 8.62 3.56
N SER B 202 41.68 7.70 3.03
CA SER B 202 40.50 7.19 3.72
C SER B 202 40.86 5.96 4.55
N THR B 203 40.31 5.89 5.75
CA THR B 203 40.67 4.87 6.72
C THR B 203 39.51 3.92 7.01
N PHE B 204 38.62 3.72 6.04
CA PHE B 204 37.47 2.84 6.22
C PHE B 204 37.44 1.80 5.10
N ASP B 205 37.25 0.55 5.48
CA ASP B 205 37.10 -0.56 4.54
C ASP B 205 35.62 -0.83 4.34
N TRP B 206 35.11 -0.51 3.16
CA TRP B 206 33.70 -0.79 2.85
C TRP B 206 33.46 -2.26 2.51
N GLN B 207 34.51 -3.03 2.25
CA GLN B 207 34.41 -4.47 2.06
C GLN B 207 33.62 -4.80 0.80
N GLY B 208 33.79 -4.00 -0.25
CA GLY B 208 33.11 -4.24 -1.50
C GLY B 208 31.65 -3.83 -1.52
N ASP B 209 31.21 -3.05 -0.54
CA ASP B 209 29.81 -2.64 -0.47
C ASP B 209 29.35 -2.05 -1.80
N LEU B 210 28.17 -2.48 -2.24
CA LEU B 210 27.55 -1.99 -3.46
C LEU B 210 26.14 -1.49 -3.14
N PRO B 211 25.62 -0.55 -3.94
CA PRO B 211 24.27 -0.03 -3.66
C PRO B 211 23.19 -1.07 -3.97
N LEU B 212 22.29 -1.27 -3.01
CA LEU B 212 21.23 -2.25 -3.20
C LEU B 212 20.29 -1.85 -4.34
N ARG B 213 19.88 -0.58 -4.37
CA ARG B 213 18.98 -0.08 -5.41
C ARG B 213 17.70 -0.89 -5.48
N TYR B 214 17.11 -1.17 -4.33
CA TYR B 214 15.83 -1.86 -4.30
C TYR B 214 14.80 -1.01 -5.03
N PRO B 215 14.00 -1.58 -5.93
CA PRO B 215 12.89 -0.83 -6.50
C PRO B 215 12.02 -0.29 -5.37
N GLN B 216 11.58 0.97 -5.51
CA GLN B 216 10.88 1.61 -4.40
C GLN B 216 9.55 0.95 -4.10
N LYS B 217 8.97 0.21 -5.05
CA LYS B 217 7.73 -0.50 -4.80
C LYS B 217 7.93 -1.64 -3.82
N ASP B 218 9.16 -2.12 -3.65
CA ASP B 218 9.48 -3.24 -2.79
C ASP B 218 9.98 -2.80 -1.41
N LEU B 219 9.81 -1.53 -1.06
CA LEU B 219 10.34 -1.01 0.20
C LEU B 219 9.32 -1.06 1.31
N VAL B 220 9.77 -1.50 2.49
CA VAL B 220 9.08 -1.29 3.75
C VAL B 220 10.00 -0.47 4.63
N ILE B 221 9.55 0.71 5.04
CA ILE B 221 10.41 1.70 5.67
C ILE B 221 10.12 1.74 7.17
N TYR B 222 11.20 1.81 7.94
CA TYR B 222 11.16 1.74 9.40
C TYR B 222 11.85 2.99 9.95
N GLU B 223 11.05 3.99 10.31
CA GLU B 223 11.59 5.21 10.88
C GLU B 223 12.10 4.91 12.27
N MET B 224 13.34 5.25 12.54
CA MET B 224 14.03 4.82 13.75
C MET B 224 14.90 5.96 14.28
N HIS B 225 14.91 6.11 15.61
CA HIS B 225 15.78 7.06 16.27
C HIS B 225 17.07 6.35 16.66
N LEU B 226 18.21 6.89 16.23
CA LEU B 226 19.47 6.18 16.39
C LEU B 226 19.80 5.96 17.86
N ARG B 227 19.66 7.00 18.68
CA ARG B 227 19.97 6.86 20.11
C ARG B 227 18.93 6.01 20.81
N GLY B 228 17.64 6.31 20.58
CA GLY B 228 16.59 5.61 21.29
C GLY B 228 16.48 4.15 20.94
N PHE B 229 17.01 3.74 19.78
CA PHE B 229 16.86 2.36 19.34
C PHE B 229 17.50 1.38 20.31
N THR B 230 18.57 1.79 21.00
CA THR B 230 19.29 0.88 21.88
C THR B 230 19.71 1.52 23.20
N LYS B 231 19.23 2.71 23.53
CA LYS B 231 19.67 3.38 24.75
C LYS B 231 19.09 2.76 26.01
N HIS B 232 17.96 2.07 25.92
CA HIS B 232 17.37 1.46 27.11
C HIS B 232 18.27 0.35 27.64
N SER B 233 18.23 0.17 28.96
CA SER B 233 19.06 -0.85 29.60
C SER B 233 18.70 -2.26 29.12
N SER B 234 17.47 -2.43 28.62
CA SER B 234 17.03 -3.76 28.19
C SER B 234 17.56 -4.16 26.82
N SER B 235 18.22 -3.25 26.11
CA SER B 235 18.76 -3.60 24.81
C SER B 235 19.88 -4.61 24.91
N ASN B 236 20.64 -4.59 26.00
CA ASN B 236 21.75 -5.52 26.21
C ASN B 236 22.76 -5.44 25.06
N VAL B 237 23.16 -4.21 24.74
CA VAL B 237 24.17 -3.97 23.72
C VAL B 237 25.41 -3.41 24.40
N GLU B 238 26.55 -3.56 23.72
CA GLU B 238 27.82 -3.12 24.29
C GLU B 238 27.83 -1.61 24.51
N HIS B 239 27.30 -0.84 23.56
CA HIS B 239 27.29 0.62 23.60
C HIS B 239 25.87 1.11 23.37
N PRO B 240 25.06 1.22 24.42
CA PRO B 240 23.69 1.70 24.23
C PRO B 240 23.66 3.11 23.64
N GLY B 241 22.72 3.34 22.72
CA GLY B 241 22.49 4.65 22.19
C GLY B 241 23.52 5.16 21.21
N THR B 242 24.19 4.25 20.48
CA THR B 242 25.20 4.64 19.51
C THR B 242 24.97 3.87 18.21
N TYR B 243 25.78 4.18 17.19
CA TYR B 243 25.70 3.45 15.92
C TYR B 243 26.08 1.99 16.12
N ILE B 244 27.19 1.75 16.82
CA ILE B 244 27.65 0.38 17.06
C ILE B 244 26.61 -0.38 17.86
N GLY B 245 26.03 0.27 18.87
CA GLY B 245 24.96 -0.38 19.63
C GLY B 245 23.79 -0.77 18.78
N ALA B 246 23.45 0.06 17.78
CA ALA B 246 22.34 -0.26 16.90
C ALA B 246 22.69 -1.34 15.88
N ILE B 247 23.98 -1.52 15.59
CA ILE B 247 24.38 -2.53 14.61
C ILE B 247 23.94 -3.93 15.05
N SER B 248 23.84 -4.16 16.35
CA SER B 248 23.52 -5.49 16.86
C SER B 248 22.01 -5.77 16.91
N LYS B 249 21.21 -4.93 16.25
CA LYS B 249 19.76 -5.14 16.17
C LYS B 249 19.26 -5.07 14.74
N LEU B 250 20.14 -4.88 13.77
CA LEU B 250 19.73 -4.95 12.37
C LEU B 250 19.24 -6.35 12.03
N ASP B 251 19.69 -7.37 12.75
CA ASP B 251 19.13 -8.71 12.56
C ASP B 251 17.67 -8.75 13.00
N TYR B 252 17.35 -8.13 14.14
CA TYR B 252 15.95 -8.03 14.53
C TYR B 252 15.14 -7.29 13.49
N LEU B 253 15.69 -6.20 12.95
CA LEU B 253 14.98 -5.47 11.91
C LEU B 253 14.74 -6.33 10.68
N LYS B 254 15.75 -7.11 10.28
CA LYS B 254 15.61 -7.95 9.11
C LYS B 254 14.57 -9.04 9.31
N GLU B 255 14.53 -9.64 10.51
CA GLU B 255 13.50 -10.64 10.80
C GLU B 255 12.13 -9.99 10.99
N LEU B 256 12.07 -8.69 11.26
CA LEU B 256 10.78 -8.01 11.34
C LEU B 256 10.18 -7.73 9.97
N GLY B 257 10.94 -7.93 8.89
CA GLY B 257 10.48 -7.71 7.54
C GLY B 257 10.96 -6.41 6.93
N VAL B 258 11.60 -5.54 7.71
CA VAL B 258 12.05 -4.25 7.20
C VAL B 258 13.26 -4.45 6.30
N ASN B 259 13.30 -3.71 5.20
CA ASN B 259 14.48 -3.63 4.36
C ASN B 259 14.89 -2.19 4.06
N CYS B 260 14.45 -1.24 4.88
CA CYS B 260 14.86 0.15 4.75
C CYS B 260 14.63 0.85 6.08
N VAL B 261 15.61 1.63 6.51
CA VAL B 261 15.58 2.32 7.79
C VAL B 261 15.71 3.81 7.53
N GLU B 262 14.72 4.58 7.95
CA GLU B 262 14.76 6.04 7.88
C GLU B 262 15.31 6.56 9.21
N LEU B 263 16.59 6.93 9.22
CA LEU B 263 17.20 7.49 10.42
C LEU B 263 16.66 8.90 10.67
N MET B 264 16.23 9.15 11.90
CA MET B 264 15.91 10.50 12.31
C MET B 264 17.19 11.31 12.37
N PRO B 265 17.10 12.66 12.36
CA PRO B 265 18.28 13.48 12.05
C PRO B 265 19.56 13.02 12.74
N CYS B 266 20.53 12.57 11.94
CA CYS B 266 21.84 12.18 12.43
C CYS B 266 22.92 13.20 12.07
N HIS B 267 22.53 14.37 11.57
CA HIS B 267 23.47 15.46 11.37
C HIS B 267 23.83 16.08 12.72
N GLU B 268 24.98 16.75 12.74
CA GLU B 268 25.45 17.35 13.98
C GLU B 268 24.41 18.32 14.54
N PHE B 269 24.13 18.19 15.83
CA PHE B 269 23.22 19.11 16.49
C PHE B 269 23.54 19.14 17.98
N ASN B 270 23.05 20.17 18.65
CA ASN B 270 23.30 20.38 20.07
C ASN B 270 22.07 19.91 20.85
N GLU B 271 22.26 18.92 21.72
CA GLU B 271 21.17 18.42 22.54
C GLU B 271 20.93 19.27 23.78
N LEU B 272 21.81 20.22 24.06
CA LEU B 272 21.72 21.07 25.24
C LEU B 272 21.27 22.49 24.92
N GLU B 273 20.78 22.74 23.70
CA GLU B 273 20.37 24.09 23.35
C GLU B 273 19.13 24.52 24.13
N TYR B 274 18.30 23.56 24.54
CA TYR B 274 17.15 23.85 25.39
C TYR B 274 17.46 23.65 26.88
N PHE B 275 18.70 23.34 27.22
CA PHE B 275 19.04 22.89 28.57
C PHE B 275 19.47 24.03 29.48
N SER B 276 20.27 24.98 28.97
CA SER B 276 20.73 26.08 29.81
C SER B 276 19.55 26.83 30.41
N CYS B 277 18.75 27.46 29.55
CA CYS B 277 17.42 27.89 29.97
C CYS B 277 16.52 26.67 30.01
N SER B 278 15.54 26.70 30.91
CA SER B 278 14.74 25.51 31.16
C SER B 278 15.69 24.37 31.56
N SER B 279 15.23 23.12 31.48
CA SER B 279 16.09 21.98 31.74
C SER B 279 15.81 20.88 30.72
N LYS B 280 15.54 21.27 29.48
CA LYS B 280 15.08 20.35 28.44
C LYS B 280 16.22 19.95 27.52
N MET B 281 16.00 18.86 26.81
CA MET B 281 16.94 18.33 25.83
C MET B 281 16.37 18.53 24.42
N ASN B 282 17.22 18.32 23.43
CA ASN B 282 16.79 18.29 22.03
C ASN B 282 17.02 16.86 21.55
N PHE B 283 16.02 16.00 21.80
CA PHE B 283 16.18 14.58 21.53
C PHE B 283 16.19 14.29 20.03
N TRP B 284 15.15 14.74 19.32
CA TRP B 284 15.01 14.37 17.92
C TRP B 284 16.14 14.94 17.07
N GLY B 285 16.55 16.17 17.35
CA GLY B 285 17.66 16.75 16.63
C GLY B 285 17.26 17.53 15.39
N TYR B 286 16.10 18.17 15.40
CA TYR B 286 15.65 18.96 14.26
C TYR B 286 16.12 20.41 14.37
N SER B 287 17.43 20.57 14.55
CA SER B 287 18.08 21.88 14.51
C SER B 287 19.55 21.60 14.28
N THR B 288 19.98 21.71 13.03
CA THR B 288 21.29 21.21 12.62
C THR B 288 22.34 22.31 12.70
N ILE B 289 23.49 21.97 13.29
CA ILE B 289 24.64 22.87 13.28
C ILE B 289 25.38 22.78 11.96
N ASN B 290 25.91 21.59 11.66
CA ASN B 290 26.69 21.35 10.46
C ASN B 290 26.01 20.26 9.64
N PHE B 291 25.97 20.45 8.33
CA PHE B 291 25.24 19.53 7.47
C PHE B 291 26.11 18.44 6.88
N PHE B 292 27.41 18.68 6.72
CA PHE B 292 28.32 17.65 6.25
C PHE B 292 28.77 16.71 7.35
N SER B 293 28.39 16.96 8.61
CA SER B 293 28.96 16.28 9.75
C SER B 293 27.94 15.39 10.44
N PRO B 294 28.32 14.16 10.82
CA PRO B 294 27.43 13.33 11.63
C PRO B 294 27.47 13.75 13.10
N MET B 295 26.49 13.26 13.85
CA MET B 295 26.40 13.55 15.27
C MET B 295 27.47 12.73 15.99
N ILE B 296 28.44 13.42 16.61
CA ILE B 296 29.51 12.71 17.29
C ILE B 296 29.08 12.17 18.64
N ARG B 297 27.97 12.66 19.19
CA ARG B 297 27.43 12.14 20.44
C ARG B 297 26.58 10.90 20.23
N TYR B 298 26.36 10.49 18.98
CA TYR B 298 25.74 9.22 18.65
C TYR B 298 26.76 8.12 18.40
N SER B 299 28.04 8.38 18.65
CA SER B 299 29.10 7.40 18.48
C SER B 299 29.82 7.19 19.79
N SER B 300 30.25 5.95 20.03
CA SER B 300 30.97 5.64 21.26
C SER B 300 32.35 6.28 21.27
N GLY B 301 32.95 6.49 20.10
CA GLY B 301 34.24 7.15 20.06
C GLY B 301 34.20 8.55 20.64
N GLY B 302 33.19 9.33 20.28
CA GLY B 302 33.06 10.68 20.77
C GLY B 302 33.86 11.67 19.96
N ILE B 303 34.82 12.33 20.62
CA ILE B 303 35.71 13.28 19.96
C ILE B 303 37.09 12.68 19.75
N ARG B 304 37.19 11.36 19.71
CA ARG B 304 38.46 10.68 19.56
C ARG B 304 38.96 10.81 18.13
N ASN B 305 40.29 10.91 17.99
CA ASN B 305 40.94 11.20 16.71
C ASN B 305 40.21 12.31 15.97
N CYS B 306 39.94 13.40 16.68
CA CYS B 306 39.33 14.59 16.10
C CYS B 306 38.04 14.25 15.38
N GLY B 307 37.28 13.30 15.91
CA GLY B 307 36.00 12.93 15.36
C GLY B 307 36.07 11.91 14.24
N ARG B 308 37.24 11.64 13.68
CA ARG B 308 37.34 10.66 12.61
C ARG B 308 36.67 9.36 13.01
N ASP B 309 36.98 8.85 14.21
CA ASP B 309 36.35 7.62 14.66
C ASP B 309 34.84 7.71 14.53
N ALA B 310 34.25 8.80 15.04
CA ALA B 310 32.80 8.96 14.94
C ALA B 310 32.35 8.78 13.50
N ILE B 311 32.99 9.50 12.56
CA ILE B 311 32.66 9.33 11.15
C ILE B 311 32.65 7.85 10.80
N ASN B 312 33.77 7.17 11.04
CA ASN B 312 33.88 5.77 10.68
C ASN B 312 32.73 4.98 11.27
N GLU B 313 32.36 5.26 12.52
CA GLU B 313 31.31 4.49 13.16
C GLU B 313 30.03 4.58 12.36
N PHE B 314 29.64 5.79 11.97
CA PHE B 314 28.46 5.93 11.13
C PHE B 314 28.60 5.06 9.90
N LYS B 315 29.74 5.18 9.20
CA LYS B 315 29.97 4.37 8.02
C LYS B 315 29.74 2.90 8.34
N THR B 316 30.30 2.43 9.46
CA THR B 316 30.17 1.04 9.83
C THR B 316 28.71 0.64 9.89
N PHE B 317 27.89 1.44 10.57
CA PHE B 317 26.47 1.14 10.64
C PHE B 317 25.91 0.92 9.24
N VAL B 318 26.15 1.89 8.36
CA VAL B 318 25.61 1.79 7.01
C VAL B 318 26.06 0.48 6.39
N ARG B 319 27.36 0.19 6.47
CA ARG B 319 27.88 -1.03 5.88
C ARG B 319 27.11 -2.24 6.38
N GLU B 320 26.94 -2.35 7.69
CA GLU B 320 26.26 -3.52 8.24
C GLU B 320 24.83 -3.58 7.73
N ALA B 321 24.16 -2.44 7.65
CA ALA B 321 22.80 -2.42 7.13
C ALA B 321 22.77 -3.00 5.73
N HIS B 322 23.77 -2.67 4.91
CA HIS B 322 23.80 -3.18 3.54
C HIS B 322 24.23 -4.63 3.49
N LYS B 323 24.93 -5.12 4.52
CA LYS B 323 25.29 -6.53 4.56
C LYS B 323 24.07 -7.38 4.89
N ARG B 324 23.08 -6.80 5.56
CA ARG B 324 21.85 -7.48 5.91
C ARG B 324 20.70 -7.15 4.95
N GLY B 325 20.99 -6.43 3.87
CA GLY B 325 19.96 -6.10 2.90
C GLY B 325 19.00 -5.02 3.34
N ILE B 326 19.51 -3.95 3.93
CA ILE B 326 18.69 -2.85 4.45
C ILE B 326 19.26 -1.56 3.90
N GLU B 327 18.43 -0.80 3.18
CA GLU B 327 18.84 0.50 2.69
C GLU B 327 18.71 1.54 3.80
N VAL B 328 19.46 2.63 3.66
CA VAL B 328 19.52 3.69 4.67
C VAL B 328 19.00 4.97 4.04
N ILE B 329 18.05 5.61 4.70
CA ILE B 329 17.51 6.90 4.28
C ILE B 329 17.72 7.89 5.42
N MET B 330 18.45 8.96 5.13
CA MET B 330 18.76 9.98 6.12
C MET B 330 17.69 11.05 6.14
N ASP B 331 17.26 11.42 7.35
CA ASP B 331 16.31 12.52 7.54
C ASP B 331 17.11 13.81 7.67
N VAL B 332 17.07 14.63 6.63
CA VAL B 332 17.85 15.87 6.56
C VAL B 332 16.93 17.05 6.82
N VAL B 333 17.45 18.07 7.48
CA VAL B 333 16.68 19.25 7.85
C VAL B 333 17.43 20.46 7.30
N PHE B 334 17.11 20.83 6.06
CA PHE B 334 17.78 21.93 5.39
C PHE B 334 17.00 23.24 5.46
N ASN B 335 15.85 23.24 6.13
CA ASN B 335 14.96 24.39 6.11
C ASN B 335 15.28 25.41 7.20
N HIS B 336 16.24 25.14 8.07
CA HIS B 336 16.63 26.07 9.13
C HIS B 336 17.89 25.53 9.80
N THR B 337 18.40 26.30 10.75
CA THR B 337 19.67 26.03 11.40
C THR B 337 19.55 26.27 12.90
N ALA B 338 20.52 25.76 13.65
CA ALA B 338 20.52 25.88 15.10
C ALA B 338 20.78 27.31 15.56
N GLU B 339 21.15 28.22 14.66
CA GLU B 339 21.45 29.59 15.04
C GLU B 339 20.22 30.42 15.36
N GLY B 340 19.02 29.94 15.02
CA GLY B 340 17.82 30.65 15.41
C GLY B 340 17.74 32.03 14.77
N ASN B 341 17.05 32.92 15.46
CA ASN B 341 16.83 34.29 14.97
C ASN B 341 18.04 35.15 15.36
N GLU B 342 17.91 36.47 15.28
CA GLU B 342 19.02 37.36 15.60
C GLU B 342 19.55 37.13 17.00
N LYS B 343 18.70 36.64 17.91
CA LYS B 343 19.09 36.45 19.31
C LYS B 343 19.85 35.15 19.54
N GLY B 344 19.96 34.28 18.54
CA GLY B 344 20.57 32.99 18.72
C GLY B 344 22.08 33.01 18.53
N PRO B 345 22.72 31.88 18.82
CA PRO B 345 24.18 31.81 18.73
C PRO B 345 24.68 31.92 17.30
N ILE B 346 25.91 32.41 17.17
CA ILE B 346 26.58 32.53 15.87
C ILE B 346 27.63 31.43 15.82
N LEU B 347 27.36 30.39 15.04
CA LEU B 347 28.22 29.21 15.00
C LEU B 347 28.92 29.06 13.65
N SER B 348 28.17 28.93 12.55
CA SER B 348 28.76 28.74 11.24
C SER B 348 28.32 29.78 10.22
N PHE B 349 27.02 29.93 10.00
CA PHE B 349 26.52 30.67 8.84
C PHE B 349 26.35 32.16 9.11
N ARG B 350 25.86 32.54 10.29
CA ARG B 350 25.63 33.94 10.58
C ARG B 350 26.94 34.72 10.62
N GLY B 351 28.00 34.11 11.11
CA GLY B 351 29.29 34.77 11.13
C GLY B 351 30.02 34.81 9.80
N ILE B 352 29.53 34.07 8.80
CA ILE B 352 30.17 34.06 7.48
C ILE B 352 29.40 34.96 6.53
N ASP B 353 28.13 34.62 6.25
CA ASP B 353 27.29 35.47 5.40
C ASP B 353 25.83 35.25 5.79
N ASN B 354 25.35 36.07 6.72
CA ASN B 354 23.96 35.98 7.14
C ASN B 354 23.02 36.40 6.02
N SER B 355 23.36 37.45 5.29
CA SER B 355 22.49 37.92 4.22
C SER B 355 22.37 36.92 3.09
N THR B 356 23.34 36.02 2.94
CA THR B 356 23.28 34.99 1.91
C THR B 356 22.59 33.72 2.41
N TYR B 357 22.91 33.27 3.61
CA TYR B 357 22.45 31.96 4.07
C TYR B 357 21.05 31.98 4.69
N TYR B 358 20.46 33.15 4.92
CA TYR B 358 19.17 33.23 5.58
C TYR B 358 18.23 34.15 4.83
N MET B 359 16.93 33.83 4.89
CA MET B 359 15.90 34.69 4.35
C MET B 359 15.68 35.86 5.29
N LEU B 360 15.71 37.08 4.75
CA LEU B 360 15.58 38.29 5.56
C LEU B 360 14.59 39.23 4.91
N ALA B 361 13.67 39.77 5.71
CA ALA B 361 12.81 40.86 5.28
C ALA B 361 13.67 42.08 4.99
N PRO B 362 13.13 43.12 4.38
CA PRO B 362 13.98 44.29 4.05
C PRO B 362 14.65 44.92 5.26
N LYS B 363 14.02 44.87 6.43
CA LYS B 363 14.54 45.51 7.63
C LYS B 363 15.51 44.61 8.40
N GLY B 364 15.96 43.52 7.81
CA GLY B 364 16.90 42.64 8.47
C GLY B 364 16.29 41.62 9.40
N GLU B 365 14.97 41.58 9.53
CA GLU B 365 14.33 40.56 10.35
C GLU B 365 14.38 39.21 9.64
N PHE B 366 14.35 38.15 10.43
CA PHE B 366 14.47 36.80 9.91
C PHE B 366 13.10 36.25 9.54
N TYR B 367 12.93 35.86 8.28
CA TYR B 367 11.74 35.13 7.89
C TYR B 367 11.69 33.81 8.64
N ASN B 368 10.49 33.48 9.14
CA ASN B 368 10.30 32.29 9.96
C ASN B 368 9.17 31.46 9.35
N TYR B 369 9.52 30.62 8.39
CA TYR B 369 8.60 29.67 7.78
C TYR B 369 8.75 28.27 8.36
N SER B 370 9.92 27.93 8.89
CA SER B 370 10.13 26.65 9.54
C SER B 370 9.51 26.58 10.92
N GLY B 371 9.21 27.73 11.52
CA GLY B 371 8.72 27.75 12.88
C GLY B 371 9.79 27.61 13.94
N CYS B 372 11.07 27.61 13.55
CA CYS B 372 12.17 27.35 14.48
C CYS B 372 13.10 28.54 14.64
N GLY B 373 12.71 29.72 14.16
CA GLY B 373 13.51 30.92 14.38
C GLY B 373 14.03 31.56 13.11
N ASN B 374 14.55 30.75 12.18
CA ASN B 374 15.05 31.27 10.92
C ASN B 374 14.64 30.32 9.80
N THR B 375 14.92 30.74 8.57
CA THR B 375 14.65 29.94 7.38
C THR B 375 15.89 29.95 6.51
N PHE B 376 16.32 28.75 6.11
CA PHE B 376 17.49 28.65 5.24
C PHE B 376 17.14 29.14 3.84
N ASN B 377 18.02 29.94 3.26
CA ASN B 377 17.81 30.50 1.93
C ASN B 377 18.12 29.41 0.91
N CYS B 378 17.19 28.45 0.81
CA CYS B 378 17.46 27.23 0.05
C CYS B 378 17.70 27.51 -1.42
N ASN B 379 17.02 28.50 -1.99
CA ASN B 379 17.05 28.74 -3.43
C ASN B 379 18.03 29.82 -3.85
N HIS B 380 18.80 30.37 -2.91
CA HIS B 380 19.94 31.20 -3.29
C HIS B 380 20.94 30.33 -4.04
N PRO B 381 21.58 30.83 -5.10
CA PRO B 381 22.51 29.95 -5.85
C PRO B 381 23.59 29.33 -5.00
N VAL B 382 24.18 30.10 -4.08
CA VAL B 382 25.25 29.58 -3.24
C VAL B 382 24.72 28.49 -2.32
N VAL B 383 23.56 28.74 -1.70
CA VAL B 383 22.97 27.75 -0.81
C VAL B 383 22.54 26.52 -1.60
N ARG B 384 22.09 26.71 -2.84
CA ARG B 384 21.73 25.58 -3.68
C ARG B 384 22.94 24.69 -3.91
N GLU B 385 24.06 25.30 -4.30
CA GLU B 385 25.28 24.53 -4.51
C GLU B 385 25.70 23.82 -3.24
N PHE B 386 25.62 24.51 -2.10
CA PHE B 386 26.00 23.91 -0.83
C PHE B 386 25.14 22.69 -0.51
N ILE B 387 23.83 22.81 -0.67
CA ILE B 387 22.93 21.71 -0.33
C ILE B 387 23.17 20.52 -1.26
N VAL B 388 23.32 20.79 -2.56
CA VAL B 388 23.55 19.68 -3.50
C VAL B 388 24.88 19.00 -3.19
N ASP B 389 25.90 19.79 -2.86
CA ASP B 389 27.19 19.20 -2.49
C ASP B 389 27.06 18.35 -1.24
N CYS B 390 26.30 18.80 -0.26
CA CYS B 390 26.12 18.02 0.97
C CYS B 390 25.44 16.69 0.68
N LEU B 391 24.38 16.71 -0.13
CA LEU B 391 23.69 15.48 -0.46
C LEU B 391 24.59 14.53 -1.25
N ARG B 392 25.35 15.07 -2.20
CA ARG B 392 26.26 14.23 -2.97
C ARG B 392 27.35 13.64 -2.07
N TYR B 393 27.82 14.41 -1.08
CA TYR B 393 28.79 13.87 -0.14
C TYR B 393 28.20 12.73 0.67
N TRP B 394 26.96 12.89 1.13
CA TRP B 394 26.35 11.81 1.90
C TRP B 394 26.05 10.59 1.05
N VAL B 395 25.87 10.76 -0.26
CA VAL B 395 25.62 9.60 -1.11
C VAL B 395 26.89 8.90 -1.56
N THR B 396 27.94 9.65 -1.91
CA THR B 396 29.16 9.05 -2.45
C THR B 396 30.13 8.62 -1.37
N GLU B 397 30.28 9.41 -0.30
CA GLU B 397 31.25 9.12 0.74
C GLU B 397 30.67 8.22 1.83
N MET B 398 29.42 8.44 2.22
CA MET B 398 28.81 7.72 3.31
C MET B 398 27.85 6.63 2.85
N HIS B 399 27.67 6.47 1.54
CA HIS B 399 26.87 5.38 0.98
C HIS B 399 25.45 5.36 1.55
N VAL B 400 24.81 6.51 1.56
CA VAL B 400 23.41 6.62 1.92
C VAL B 400 22.56 6.39 0.68
N ASP B 401 21.41 5.76 0.86
CA ASP B 401 20.57 5.35 -0.26
C ASP B 401 19.49 6.37 -0.62
N GLY B 402 19.12 7.25 0.30
CA GLY B 402 18.07 8.20 0.03
C GLY B 402 17.95 9.21 1.14
N PHE B 403 17.08 10.20 0.91
CA PHE B 403 16.88 11.28 1.86
C PHE B 403 15.40 11.58 2.00
N ARG B 404 15.00 11.92 3.22
CA ARG B 404 13.67 12.45 3.50
C ARG B 404 13.87 13.89 3.95
N PHE B 405 13.21 14.82 3.28
CA PHE B 405 13.44 16.25 3.50
C PHE B 405 12.37 16.79 4.44
N ASP B 406 12.82 17.37 5.54
CA ASP B 406 11.91 17.93 6.54
C ASP B 406 11.40 19.28 6.07
N LEU B 407 10.08 19.48 6.16
CA LEU B 407 9.41 20.67 5.65
C LEU B 407 9.98 21.05 4.29
N ALA B 408 9.89 20.10 3.36
CA ALA B 408 10.47 20.28 2.04
C ALA B 408 9.82 21.43 1.28
N SER B 409 8.63 21.86 1.68
CA SER B 409 7.95 22.95 0.96
C SER B 409 8.72 24.25 1.10
N ILE B 410 9.50 24.41 2.17
CA ILE B 410 10.33 25.60 2.31
C ILE B 410 11.37 25.66 1.20
N MET B 411 11.72 24.51 0.61
CA MET B 411 12.63 24.49 -0.52
C MET B 411 11.98 24.88 -1.83
N THR B 412 10.68 25.14 -1.83
CA THR B 412 9.99 25.67 -3.01
C THR B 412 9.84 27.19 -2.97
N ARG B 413 10.01 27.80 -1.80
CA ARG B 413 9.82 29.24 -1.66
C ARG B 413 11.00 29.98 -2.27
N GLY B 414 10.72 30.99 -3.09
CA GLY B 414 11.76 31.71 -3.77
C GLY B 414 12.55 32.61 -2.85
N CYS B 415 13.70 33.07 -3.36
CA CYS B 415 14.60 33.94 -2.62
C CYS B 415 14.43 35.38 -3.10
N SER B 416 15.00 36.30 -2.32
CA SER B 416 14.87 37.72 -2.61
C SER B 416 15.71 38.18 -3.80
N LEU B 417 16.60 37.33 -4.31
CA LEU B 417 17.42 37.74 -5.44
C LEU B 417 16.59 38.08 -6.67
N TRP B 418 15.38 37.55 -6.77
CA TRP B 418 14.52 37.79 -7.92
C TRP B 418 13.55 38.94 -7.70
N ASP B 419 13.61 39.60 -6.55
CA ASP B 419 12.81 40.80 -6.35
C ASP B 419 13.22 41.83 -7.40
N PRO B 420 12.26 42.45 -8.11
CA PRO B 420 12.62 43.36 -9.19
C PRO B 420 13.47 44.55 -8.75
N VAL B 421 13.66 44.76 -7.45
CA VAL B 421 14.60 45.78 -7.00
C VAL B 421 16.02 45.33 -7.26
N ASN B 422 16.36 44.10 -6.88
CA ASN B 422 17.70 43.58 -7.10
C ASN B 422 17.99 43.39 -8.58
N VAL B 423 17.09 42.71 -9.28
CA VAL B 423 17.21 42.52 -10.73
C VAL B 423 16.38 43.60 -11.41
N TYR B 424 16.97 44.26 -12.40
CA TYR B 424 16.44 45.41 -13.12
C TYR B 424 16.61 46.71 -12.33
N GLY B 425 17.07 46.66 -11.09
CA GLY B 425 17.35 47.86 -10.31
C GLY B 425 16.14 48.56 -9.74
N SER B 426 14.94 48.34 -10.28
CA SER B 426 13.74 48.99 -9.79
C SER B 426 12.54 48.17 -10.23
N PRO B 427 11.39 48.34 -9.57
CA PRO B 427 10.16 47.61 -9.91
C PRO B 427 9.82 47.67 -11.39
N THR B 433 7.55 36.34 -7.03
CA THR B 433 8.19 37.61 -7.37
C THR B 433 8.99 38.15 -6.20
N THR B 434 8.48 37.99 -5.00
CA THR B 434 9.11 38.47 -3.78
C THR B 434 9.62 37.29 -2.96
N THR B 435 10.23 37.60 -1.83
CA THR B 435 10.80 36.57 -0.97
C THR B 435 9.70 35.70 -0.36
N GLY B 436 9.95 34.40 -0.35
CA GLY B 436 9.04 33.47 0.30
C GLY B 436 7.84 33.05 -0.52
N THR B 437 7.84 33.30 -1.83
CA THR B 437 6.70 32.95 -2.66
C THR B 437 6.90 31.56 -3.26
N PRO B 438 5.99 30.61 -3.06
CA PRO B 438 6.19 29.27 -3.63
C PRO B 438 6.33 29.34 -5.14
N LEU B 439 7.22 28.50 -5.68
CA LEU B 439 7.55 28.50 -7.10
C LEU B 439 7.01 27.24 -7.76
N ALA B 440 6.76 27.35 -9.07
CA ALA B 440 6.31 26.19 -9.84
C ALA B 440 7.45 25.23 -10.13
N THR B 441 8.64 25.76 -10.42
CA THR B 441 9.82 24.95 -10.70
C THR B 441 10.99 25.50 -9.89
N PRO B 442 11.01 25.26 -8.58
CA PRO B 442 12.07 25.81 -7.73
C PRO B 442 13.44 25.35 -8.22
N PRO B 443 14.42 26.25 -8.27
CA PRO B 443 15.74 25.84 -8.80
C PRO B 443 16.43 24.76 -7.98
N LEU B 444 16.25 24.75 -6.66
CA LEU B 444 16.92 23.74 -5.84
C LEU B 444 16.38 22.35 -6.13
N ILE B 445 15.06 22.22 -6.19
CA ILE B 445 14.46 20.91 -6.46
C ILE B 445 14.77 20.48 -7.88
N ASP B 446 14.84 21.43 -8.82
CA ASP B 446 15.28 21.10 -10.17
C ASP B 446 16.70 20.57 -10.16
N MET B 447 17.58 21.18 -9.36
CA MET B 447 18.97 20.73 -9.31
C MET B 447 19.08 19.35 -8.67
N ILE B 448 18.25 19.08 -7.66
CA ILE B 448 18.30 17.77 -7.00
C ILE B 448 17.74 16.69 -7.92
N SER B 449 16.58 16.95 -8.54
CA SER B 449 15.92 15.92 -9.34
C SER B 449 16.78 15.51 -10.52
N ASN B 450 17.42 16.46 -11.19
CA ASN B 450 18.18 16.20 -12.40
C ASN B 450 19.69 16.14 -12.14
N ASP B 451 20.09 15.94 -10.89
CA ASP B 451 21.50 15.76 -10.60
C ASP B 451 21.96 14.40 -11.12
N PRO B 452 23.17 14.30 -11.66
CA PRO B 452 23.65 12.99 -12.12
C PRO B 452 23.59 11.90 -11.06
N ILE B 453 23.91 12.23 -9.81
CA ILE B 453 23.94 11.24 -8.74
C ILE B 453 22.62 11.23 -7.98
N LEU B 454 22.21 12.38 -7.45
CA LEU B 454 21.03 12.44 -6.60
C LEU B 454 19.75 12.09 -7.36
N GLY B 455 19.76 12.15 -8.68
CA GLY B 455 18.55 11.88 -9.43
C GLY B 455 18.06 10.46 -9.28
N ASP B 456 18.96 9.53 -8.94
CA ASP B 456 18.64 8.11 -8.91
C ASP B 456 18.58 7.55 -7.48
N VAL B 457 18.49 8.41 -6.47
CA VAL B 457 18.31 7.98 -5.09
C VAL B 457 16.87 8.29 -4.69
N LYS B 458 16.47 7.76 -3.54
CA LYS B 458 15.15 8.06 -3.02
C LYS B 458 15.09 9.51 -2.57
N LEU B 459 14.02 10.21 -2.96
CA LEU B 459 13.84 11.63 -2.63
C LEU B 459 12.43 11.79 -2.07
N ILE B 460 12.28 11.57 -0.78
CA ILE B 460 10.99 11.71 -0.10
C ILE B 460 10.89 13.13 0.42
N ALA B 461 9.68 13.70 0.36
CA ALA B 461 9.44 15.08 0.75
C ALA B 461 8.32 15.14 1.76
N GLU B 462 8.54 15.90 2.83
CA GLU B 462 7.46 16.29 3.74
C GLU B 462 6.90 17.60 3.21
N ALA B 463 5.88 17.49 2.35
CA ALA B 463 5.41 18.62 1.54
C ALA B 463 4.48 19.49 2.36
N TRP B 464 5.08 20.29 3.25
CA TRP B 464 4.38 21.34 3.97
C TRP B 464 5.41 22.05 4.84
N ASP B 465 4.98 23.13 5.49
CA ASP B 465 5.84 23.86 6.41
C ASP B 465 4.96 24.56 7.44
N ALA B 466 5.61 25.28 8.35
CA ALA B 466 4.91 26.00 9.41
C ALA B 466 4.39 27.36 8.96
N GLY B 467 4.67 27.77 7.73
CA GLY B 467 4.18 29.01 7.18
C GLY B 467 2.84 28.93 6.49
N GLY B 468 2.19 27.77 6.52
CA GLY B 468 0.88 27.61 5.92
C GLY B 468 0.88 27.04 4.52
N LEU B 469 2.01 26.56 4.02
CA LEU B 469 2.12 25.99 2.69
C LEU B 469 1.94 24.47 2.77
N TYR B 470 1.04 23.94 1.95
CA TYR B 470 0.69 22.52 1.99
C TYR B 470 0.60 22.02 0.55
N GLN B 471 1.46 21.08 0.20
CA GLN B 471 1.67 20.70 -1.20
C GLN B 471 1.67 19.19 -1.37
N VAL B 472 0.76 18.49 -0.71
CA VAL B 472 0.66 17.05 -0.88
C VAL B 472 -0.02 16.76 -2.21
N GLY B 473 0.65 15.99 -3.06
CA GLY B 473 0.20 15.75 -4.42
C GLY B 473 0.64 16.78 -5.42
N GLN B 474 1.20 17.91 -4.97
CA GLN B 474 1.59 19.00 -5.85
C GLN B 474 3.05 19.38 -5.74
N PHE B 475 3.82 18.72 -4.88
CA PHE B 475 5.21 19.09 -4.71
C PHE B 475 5.94 18.99 -6.05
N PRO B 476 6.64 20.05 -6.49
CA PRO B 476 7.37 19.95 -7.77
C PRO B 476 8.25 18.71 -7.80
N HIS B 477 7.90 17.75 -8.66
CA HIS B 477 8.45 16.41 -8.55
C HIS B 477 9.28 15.96 -9.75
N TRP B 478 9.03 16.49 -10.94
CA TRP B 478 9.71 16.03 -12.15
C TRP B 478 9.50 14.54 -12.38
N LYS B 479 8.46 13.96 -11.77
CA LYS B 479 8.15 12.54 -11.88
C LYS B 479 9.21 11.69 -11.18
N ILE B 480 9.86 12.26 -10.18
CA ILE B 480 10.95 11.62 -9.44
C ILE B 480 10.67 11.59 -7.95
N TRP B 481 10.22 12.72 -7.39
CA TRP B 481 10.09 12.86 -5.96
C TRP B 481 8.91 12.05 -5.42
N SER B 482 9.11 11.42 -4.27
CA SER B 482 8.05 10.81 -3.49
C SER B 482 7.58 11.82 -2.45
N GLU B 483 6.56 11.44 -1.68
CA GLU B 483 6.02 12.34 -0.67
C GLU B 483 5.46 11.54 0.49
N TRP B 484 5.54 12.13 1.68
CA TRP B 484 4.84 11.64 2.87
C TRP B 484 3.36 11.90 2.67
N ASN B 485 2.61 10.86 2.34
CA ASN B 485 1.18 11.03 2.06
C ASN B 485 0.44 11.31 3.36
N GLY B 486 0.28 12.59 3.71
CA GLY B 486 -0.50 12.93 4.90
C GLY B 486 -1.98 12.72 4.70
N LYS B 487 -2.45 12.84 3.46
CA LYS B 487 -3.86 12.57 3.18
C LYS B 487 -4.19 11.10 3.41
N TYR B 488 -3.27 10.20 3.04
CA TYR B 488 -3.45 8.79 3.37
C TYR B 488 -3.56 8.61 4.88
N ARG B 489 -2.67 9.25 5.64
CA ARG B 489 -2.73 9.14 7.09
C ARG B 489 -4.08 9.58 7.62
N ASP B 490 -4.54 10.76 7.19
CA ASP B 490 -5.80 11.30 7.69
C ASP B 490 -6.97 10.38 7.31
N ILE B 491 -7.03 9.95 6.06
CA ILE B 491 -8.15 9.16 5.59
C ILE B 491 -8.19 7.81 6.29
N VAL B 492 -7.02 7.16 6.45
CA VAL B 492 -7.01 5.86 7.10
C VAL B 492 -7.33 6.00 8.58
N ARG B 493 -6.78 7.00 9.25
CA ARG B 493 -7.11 7.22 10.65
C ARG B 493 -8.61 7.45 10.82
N GLN B 494 -9.23 8.16 9.88
CA GLN B 494 -10.66 8.48 10.02
C GLN B 494 -11.55 7.30 9.67
N PHE B 495 -11.17 6.50 8.66
CA PHE B 495 -11.98 5.34 8.31
C PHE B 495 -11.87 4.24 9.36
N ILE B 496 -10.64 3.90 9.77
CA ILE B 496 -10.45 2.77 10.66
C ILE B 496 -11.06 3.03 12.03
N LYS B 497 -11.34 4.27 12.37
CA LYS B 497 -11.93 4.61 13.67
C LYS B 497 -13.45 4.70 13.62
N GLY B 498 -14.07 4.40 12.48
CA GLY B 498 -15.51 4.48 12.36
C GLY B 498 -16.04 5.88 12.15
N THR B 499 -15.70 6.49 11.01
CA THR B 499 -16.18 7.82 10.66
C THR B 499 -16.91 7.75 9.32
N ASP B 500 -17.97 8.55 9.20
CA ASP B 500 -18.80 8.52 8.00
C ASP B 500 -18.13 9.22 6.85
N GLY B 501 -18.38 8.72 5.64
CA GLY B 501 -17.95 9.39 4.43
C GLY B 501 -16.49 9.18 4.07
N PHE B 502 -15.91 8.04 4.43
CA PHE B 502 -14.51 7.77 4.13
C PHE B 502 -14.30 6.41 3.46
N ALA B 503 -15.36 5.79 2.95
CA ALA B 503 -15.17 4.52 2.24
C ALA B 503 -14.51 4.74 0.88
N GLY B 504 -14.98 5.74 0.13
CA GLY B 504 -14.37 6.02 -1.15
C GLY B 504 -12.95 6.54 -1.02
N GLY B 505 -12.72 7.45 -0.08
CA GLY B 505 -11.36 7.92 0.17
C GLY B 505 -10.45 6.81 0.63
N PHE B 506 -10.96 5.92 1.49
CA PHE B 506 -10.16 4.79 1.96
C PHE B 506 -9.83 3.86 0.80
N ALA B 507 -10.77 3.61 -0.09
CA ALA B 507 -10.50 2.77 -1.25
C ALA B 507 -9.46 3.42 -2.15
N GLU B 508 -9.53 4.75 -2.32
CA GLU B 508 -8.49 5.44 -3.08
C GLU B 508 -7.13 5.30 -2.42
N CYS B 509 -7.11 5.39 -1.09
CA CYS B 509 -5.85 5.19 -0.36
C CYS B 509 -5.29 3.79 -0.59
N LEU B 510 -6.17 2.78 -0.60
CA LEU B 510 -5.72 1.42 -0.82
C LEU B 510 -5.11 1.21 -2.20
N CYS B 511 -5.37 2.11 -3.14
CA CYS B 511 -4.93 1.97 -4.52
C CYS B 511 -3.73 2.84 -4.85
N GLY B 512 -3.07 3.42 -3.86
CA GLY B 512 -1.93 4.28 -4.11
C GLY B 512 -2.27 5.72 -4.38
N SER B 513 -3.47 6.16 -4.01
CA SER B 513 -3.90 7.55 -4.20
C SER B 513 -3.76 7.98 -5.66
N PRO B 514 -4.45 7.33 -6.59
CA PRO B 514 -4.37 7.76 -7.99
C PRO B 514 -4.85 9.18 -8.22
N HIS B 515 -5.78 9.67 -7.40
CA HIS B 515 -6.30 11.01 -7.58
C HIS B 515 -5.28 12.08 -7.25
N LEU B 516 -4.14 11.72 -6.67
CA LEU B 516 -3.07 12.65 -6.35
C LEU B 516 -1.85 12.49 -7.24
N TYR B 517 -1.46 11.26 -7.56
CA TYR B 517 -0.18 10.97 -8.19
C TYR B 517 -0.28 10.48 -9.62
N GLN B 518 -1.44 9.96 -10.04
CA GLN B 518 -1.53 9.41 -11.39
C GLN B 518 -1.57 10.51 -12.44
N ALA B 519 -2.29 11.59 -12.17
CA ALA B 519 -2.43 12.66 -13.16
C ALA B 519 -1.08 13.28 -13.50
N GLY B 520 -0.24 13.49 -12.50
CA GLY B 520 1.04 14.12 -12.69
C GLY B 520 2.12 13.27 -13.31
N GLY B 521 1.86 11.98 -13.50
CA GLY B 521 2.83 11.08 -14.10
C GLY B 521 3.60 10.22 -13.13
N ARG B 522 3.23 10.21 -11.86
CA ARG B 522 3.90 9.41 -10.85
C ARG B 522 3.13 8.12 -10.59
N LYS B 523 3.84 7.16 -10.00
CA LYS B 523 3.37 5.81 -9.78
C LYS B 523 2.87 5.62 -8.34
N PRO B 524 2.20 4.51 -8.04
CA PRO B 524 1.68 4.32 -6.68
C PRO B 524 2.76 4.34 -5.62
N TRP B 525 3.97 3.90 -5.93
CA TRP B 525 5.04 3.81 -4.96
C TRP B 525 5.73 5.15 -4.71
N HIS B 526 5.35 6.21 -5.42
CA HIS B 526 5.75 7.55 -5.05
C HIS B 526 4.97 8.07 -3.85
N SER B 527 3.98 7.32 -3.39
CA SER B 527 3.22 7.66 -2.19
C SER B 527 3.80 6.88 -1.01
N ILE B 528 4.27 7.60 0.00
CA ILE B 528 4.81 6.99 1.21
C ILE B 528 3.67 6.95 2.22
N ASN B 529 2.96 5.82 2.27
CA ASN B 529 1.82 5.65 3.16
C ASN B 529 2.33 5.45 4.58
N PHE B 530 1.72 6.13 5.54
CA PHE B 530 2.05 5.95 6.94
C PHE B 530 0.86 6.36 7.79
N VAL B 531 0.72 5.70 8.93
CA VAL B 531 -0.34 6.02 9.88
C VAL B 531 0.21 6.78 11.09
N CYS B 532 1.43 6.44 11.50
CA CYS B 532 2.08 7.11 12.62
C CYS B 532 3.53 7.42 12.26
N ALA B 533 4.06 8.47 12.86
CA ALA B 533 5.43 8.89 12.65
C ALA B 533 6.02 9.31 14.00
N HIS B 534 7.23 9.88 13.96
CA HIS B 534 7.86 10.34 15.20
C HIS B 534 7.04 11.46 15.83
N ASP B 535 6.52 12.37 15.01
CA ASP B 535 5.65 13.44 15.49
C ASP B 535 4.20 12.97 15.38
N GLY B 536 3.46 13.11 16.47
CA GLY B 536 2.10 12.64 16.55
C GLY B 536 2.00 11.44 17.48
N PHE B 537 0.79 10.89 17.52
CA PHE B 537 0.56 9.70 18.34
C PHE B 537 1.29 8.50 17.79
N THR B 538 1.77 7.64 18.69
CA THR B 538 2.20 6.32 18.29
C THR B 538 1.00 5.48 17.87
N LEU B 539 1.27 4.28 17.36
CA LEU B 539 0.17 3.41 16.96
C LEU B 539 -0.67 3.01 18.16
N ALA B 540 -0.03 2.73 19.29
CA ALA B 540 -0.77 2.36 20.49
C ALA B 540 -1.49 3.56 21.10
N ASP B 541 -0.85 4.74 21.07
CA ASP B 541 -1.52 5.94 21.57
C ASP B 541 -2.65 6.35 20.66
N LEU B 542 -2.57 6.01 19.37
CA LEU B 542 -3.61 6.35 18.43
C LEU B 542 -4.94 5.68 18.76
N VAL B 543 -4.91 4.60 19.54
CA VAL B 543 -6.09 3.86 19.92
C VAL B 543 -6.30 3.88 21.44
N THR B 544 -5.67 4.81 22.14
CA THR B 544 -5.73 4.86 23.59
C THR B 544 -6.15 6.22 24.11
N TYR B 545 -5.87 7.28 23.35
CA TYR B 545 -6.10 8.65 23.79
C TYR B 545 -6.87 9.41 22.73
N ASN B 546 -7.83 10.22 23.19
CA ASN B 546 -8.58 11.10 22.30
C ASN B 546 -7.88 12.43 22.06
N LYS B 547 -7.09 12.89 23.04
CA LYS B 547 -6.45 14.20 22.97
C LYS B 547 -5.01 14.07 23.45
N LYS B 548 -4.21 15.06 23.08
CA LYS B 548 -2.80 15.06 23.45
C LYS B 548 -2.62 15.36 24.93
N TYR B 549 -1.50 14.88 25.48
CA TYR B 549 -1.09 15.15 26.85
C TYR B 549 0.36 15.62 26.79
N ASN B 550 0.57 16.91 26.56
CA ASN B 550 1.87 17.49 26.34
C ASN B 550 2.31 18.41 27.48
N SER B 551 1.71 18.27 28.66
CA SER B 551 2.09 19.11 29.78
C SER B 551 3.55 18.90 30.18
N SER B 552 4.13 17.74 29.87
CA SER B 552 5.53 17.50 30.20
C SER B 552 6.47 18.27 29.30
N ASN B 553 6.02 18.67 28.10
CA ASN B 553 6.85 19.50 27.24
C ASN B 553 7.13 20.86 27.85
N GLY B 554 6.31 21.29 28.80
CA GLY B 554 6.51 22.53 29.50
C GLY B 554 5.75 23.72 28.94
N GLU B 555 5.29 23.63 27.69
CA GLU B 555 4.63 24.77 27.04
C GLU B 555 3.12 24.70 27.19
N ASP B 556 2.64 24.52 28.42
CA ASP B 556 1.22 24.58 28.73
C ASP B 556 0.37 23.80 27.72
N ASN B 557 0.87 22.61 27.35
CA ASN B 557 0.13 21.72 26.45
C ASN B 557 -0.28 22.43 25.16
N ARG B 558 0.61 23.26 24.63
CA ARG B 558 0.36 23.97 23.38
C ARG B 558 1.06 23.33 22.19
N ASP B 559 1.65 22.15 22.35
CA ASP B 559 2.48 21.56 21.32
C ASP B 559 1.76 20.42 20.62
N GLY B 560 2.10 20.22 19.35
CA GLY B 560 1.66 19.06 18.61
C GLY B 560 0.33 19.28 17.92
N GLU B 561 0.00 18.34 17.03
CA GLU B 561 -1.24 18.40 16.28
C GLU B 561 -2.42 18.35 17.23
N ASN B 562 -3.37 19.28 17.05
CA ASN B 562 -4.61 19.26 17.82
C ASN B 562 -5.69 18.39 17.20
N HIS B 563 -5.62 18.16 15.89
CA HIS B 563 -6.56 17.29 15.17
C HIS B 563 -5.86 15.96 14.92
N ASN B 564 -5.91 15.08 15.92
CA ASN B 564 -5.23 13.79 15.83
C ASN B 564 -6.05 12.73 15.10
N LEU B 565 -7.37 12.90 15.03
CA LEU B 565 -8.23 11.90 14.40
C LEU B 565 -8.06 10.54 15.08
N SER B 566 -7.95 10.57 16.41
CA SER B 566 -7.73 9.37 17.20
C SER B 566 -9.00 9.02 17.99
N TRP B 567 -9.03 7.79 18.49
CA TRP B 567 -10.16 7.28 19.25
C TRP B 567 -9.65 6.35 20.33
N ASN B 568 -10.05 6.61 21.57
CA ASN B 568 -9.63 5.80 22.71
C ASN B 568 -10.31 4.43 22.75
N CYS B 569 -11.07 4.06 21.72
CA CYS B 569 -11.71 2.74 21.66
C CYS B 569 -12.60 2.49 22.87
N GLY B 570 -13.24 3.54 23.38
CA GLY B 570 -14.08 3.44 24.55
C GLY B 570 -13.55 4.26 25.70
N GLU B 571 -13.09 3.59 26.76
CA GLU B 571 -12.48 4.29 27.87
C GLU B 571 -11.14 4.89 27.45
N GLU B 572 -10.75 5.97 28.12
CA GLU B 572 -9.49 6.65 27.85
C GLU B 572 -8.44 6.21 28.86
N GLY B 573 -7.19 6.19 28.43
CA GLY B 573 -6.09 5.79 29.27
C GLY B 573 -5.78 4.30 29.15
N GLU B 574 -4.66 3.92 29.76
CA GLU B 574 -4.19 2.54 29.70
C GLU B 574 -4.96 1.61 30.62
N PHE B 575 -5.83 2.13 31.48
CA PHE B 575 -6.58 1.34 32.44
C PHE B 575 -8.03 1.29 31.97
N ALA B 576 -8.37 0.22 31.23
CA ALA B 576 -9.69 0.05 30.66
C ALA B 576 -10.14 -1.39 30.86
N GLY B 577 -11.38 -1.66 30.46
CA GLY B 577 -11.91 -3.01 30.54
C GLY B 577 -11.33 -3.92 29.47
N LEU B 578 -11.64 -5.21 29.63
CA LEU B 578 -11.10 -6.22 28.73
C LEU B 578 -11.57 -6.00 27.30
N SER B 579 -12.85 -5.64 27.13
CA SER B 579 -13.39 -5.42 25.79
C SER B 579 -12.66 -4.29 25.09
N VAL B 580 -12.38 -3.20 25.81
CA VAL B 580 -11.68 -2.07 25.22
C VAL B 580 -10.28 -2.49 24.79
N LYS B 581 -9.61 -3.29 25.63
CA LYS B 581 -8.26 -3.73 25.30
C LYS B 581 -8.26 -4.62 24.06
N ARG B 582 -9.21 -5.55 23.96
CA ARG B 582 -9.29 -6.40 22.78
C ARG B 582 -9.60 -5.58 21.54
N LEU B 583 -10.46 -4.57 21.68
CA LEU B 583 -10.74 -3.68 20.56
C LEU B 583 -9.49 -2.93 20.14
N ARG B 584 -8.68 -2.50 21.11
CA ARG B 584 -7.44 -1.80 20.77
C ARG B 584 -6.48 -2.71 20.01
N LYS B 585 -6.38 -3.97 20.44
CA LYS B 585 -5.54 -4.92 19.72
C LYS B 585 -6.04 -5.08 18.28
N ARG B 586 -7.36 -5.23 18.13
CA ARG B 586 -7.95 -5.31 16.81
C ARG B 586 -7.60 -4.09 15.97
N GLN B 587 -7.69 -2.90 16.57
CA GLN B 587 -7.46 -1.67 15.81
C GLN B 587 -6.01 -1.53 15.39
N MET B 588 -5.08 -1.90 16.27
CA MET B 588 -3.67 -1.88 15.90
C MET B 588 -3.42 -2.81 14.72
N ARG B 589 -3.96 -4.03 14.79
CA ARG B 589 -3.79 -4.96 13.68
C ARG B 589 -4.47 -4.45 12.41
N ASN B 590 -5.61 -3.78 12.55
CA ASN B 590 -6.31 -3.24 11.38
C ASN B 590 -5.48 -2.15 10.70
N PHE B 591 -4.90 -1.26 11.50
CA PHE B 591 -4.02 -0.24 10.93
C PHE B 591 -2.86 -0.88 10.20
N PHE B 592 -2.24 -1.90 10.80
CA PHE B 592 -1.11 -2.55 10.13
C PHE B 592 -1.55 -3.25 8.86
N VAL B 593 -2.72 -3.90 8.86
CA VAL B 593 -3.19 -4.58 7.67
C VAL B 593 -3.47 -3.59 6.56
N SER B 594 -4.12 -2.47 6.89
CA SER B 594 -4.38 -1.44 5.89
C SER B 594 -3.08 -0.89 5.32
N LEU B 595 -2.08 -0.69 6.19
CA LEU B 595 -0.78 -0.22 5.71
C LEU B 595 -0.12 -1.24 4.79
N MET B 596 -0.26 -2.53 5.09
CA MET B 596 0.46 -3.58 4.40
C MET B 596 -0.28 -4.16 3.20
N VAL B 597 -1.53 -3.74 2.95
CA VAL B 597 -2.24 -4.15 1.75
C VAL B 597 -2.44 -3.01 0.76
N SER B 598 -2.07 -1.79 1.13
CA SER B 598 -2.22 -0.65 0.24
C SER B 598 -1.14 -0.64 -0.83
N GLN B 599 -1.43 0.04 -1.93
CA GLN B 599 -0.42 0.31 -2.94
C GLN B 599 0.38 1.55 -2.53
N GLY B 600 1.69 1.46 -2.64
CA GLY B 600 2.59 2.47 -2.15
C GLY B 600 3.67 1.84 -1.31
N VAL B 601 4.37 2.67 -0.56
CA VAL B 601 5.46 2.23 0.30
C VAL B 601 4.99 2.33 1.75
N PRO B 602 4.87 1.22 2.48
CA PRO B 602 4.47 1.31 3.89
C PRO B 602 5.62 1.75 4.77
N MET B 603 5.40 2.83 5.51
CA MET B 603 6.37 3.38 6.44
C MET B 603 5.75 3.35 7.84
N PHE B 604 6.49 2.84 8.81
CA PHE B 604 6.03 2.94 10.19
C PHE B 604 7.20 3.26 11.11
N TYR B 605 6.87 3.86 12.25
CA TYR B 605 7.85 4.32 13.22
C TYR B 605 8.25 3.19 14.15
N MET B 606 9.45 3.30 14.73
CA MET B 606 9.96 2.24 15.57
C MET B 606 9.12 2.13 16.85
N GLY B 607 8.83 0.90 17.24
CA GLY B 607 8.00 0.62 18.40
C GLY B 607 6.57 0.33 18.08
N ASP B 608 6.08 0.73 16.90
CA ASP B 608 4.71 0.44 16.52
C ASP B 608 4.47 -1.04 16.27
N GLU B 609 5.54 -1.82 16.13
CA GLU B 609 5.40 -3.26 15.92
C GLU B 609 5.05 -4.02 17.19
N TYR B 610 5.31 -3.44 18.37
CA TYR B 610 4.98 -4.07 19.63
C TYR B 610 4.06 -3.22 20.50
N GLY B 611 3.62 -2.06 20.02
CA GLY B 611 2.70 -1.24 20.77
C GLY B 611 3.37 -0.27 21.71
N HIS B 612 4.31 0.52 21.19
CA HIS B 612 5.00 1.52 22.01
C HIS B 612 4.04 2.64 22.39
N THR B 613 4.13 3.08 23.64
CA THR B 613 3.26 4.11 24.18
C THR B 613 4.10 5.24 24.75
N LYS B 614 3.72 6.48 24.42
CA LYS B 614 4.34 7.67 24.97
C LYS B 614 3.43 8.37 25.98
N GLY B 615 2.42 7.66 26.49
CA GLY B 615 1.57 8.22 27.52
C GLY B 615 0.61 9.28 27.04
N GLY B 616 0.30 9.31 25.75
CA GLY B 616 -0.55 10.32 25.19
C GLY B 616 0.17 11.56 24.71
N ASN B 617 1.47 11.65 24.97
CA ASN B 617 2.28 12.78 24.51
C ASN B 617 2.57 12.58 23.03
N ASN B 618 2.02 13.45 22.18
CA ASN B 618 2.20 13.36 20.74
C ASN B 618 3.29 14.30 20.23
N ASN B 619 4.08 14.89 21.13
CA ASN B 619 5.23 15.69 20.73
C ASN B 619 6.29 15.53 21.83
N THR B 620 7.18 14.57 21.64
CA THR B 620 8.21 14.23 22.61
C THR B 620 9.60 14.63 22.13
N TYR B 621 9.69 15.80 21.50
CA TYR B 621 10.95 16.24 20.91
C TYR B 621 12.02 16.57 21.95
N CYS B 622 11.65 16.68 23.22
CA CYS B 622 12.56 17.19 24.26
C CYS B 622 12.57 16.27 25.47
N HIS B 623 12.69 14.96 25.24
CA HIS B 623 12.66 13.98 26.33
C HIS B 623 13.75 12.93 26.07
N ASP B 624 14.82 12.98 26.87
CA ASP B 624 15.86 11.95 26.80
C ASP B 624 15.66 10.93 27.92
N HIS B 625 14.54 10.23 27.84
CA HIS B 625 14.28 9.12 28.75
C HIS B 625 13.45 8.08 28.02
N TYR B 626 12.95 7.08 28.75
CA TYR B 626 12.41 5.88 28.12
C TYR B 626 11.14 6.14 27.31
N VAL B 627 10.52 7.31 27.46
CA VAL B 627 9.33 7.59 26.67
C VAL B 627 9.63 7.57 25.18
N ASN B 628 10.89 7.82 24.80
CA ASN B 628 11.31 7.81 23.41
C ASN B 628 12.23 6.64 23.09
N TYR B 629 12.45 5.73 24.02
CA TYR B 629 13.32 4.59 23.80
C TYR B 629 12.55 3.39 23.29
N PHE B 630 13.22 2.59 22.49
CA PHE B 630 12.73 1.25 22.16
C PHE B 630 12.82 0.37 23.39
N ARG B 631 11.69 -0.17 23.83
CA ARG B 631 11.64 -1.00 25.03
C ARG B 631 11.77 -2.45 24.60
N TRP B 632 12.98 -3.00 24.71
CA TRP B 632 13.19 -4.39 24.32
C TRP B 632 12.59 -5.35 25.33
N ASP B 633 12.42 -4.90 26.59
CA ASP B 633 11.74 -5.73 27.58
C ASP B 633 10.23 -5.75 27.36
N LYS B 634 9.66 -4.63 26.90
CA LYS B 634 8.24 -4.58 26.59
C LYS B 634 7.92 -5.21 25.24
N LYS B 635 8.91 -5.40 24.38
CA LYS B 635 8.67 -6.08 23.11
C LYS B 635 8.31 -7.55 23.35
N GLU B 636 8.95 -8.19 24.31
CA GLU B 636 8.67 -9.60 24.57
C GLU B 636 7.26 -9.78 25.15
N GLU B 637 6.81 -8.84 25.97
CA GLU B 637 5.46 -8.94 26.53
C GLU B 637 4.41 -8.92 25.44
N SER B 638 4.60 -8.09 24.42
CA SER B 638 3.65 -7.93 23.32
C SER B 638 4.18 -8.58 22.04
N SER B 639 4.82 -9.74 22.18
CA SER B 639 5.38 -10.43 21.03
C SER B 639 4.30 -10.91 20.06
N ASP B 640 3.05 -10.98 20.49
CA ASP B 640 1.97 -11.37 19.57
C ASP B 640 1.79 -10.32 18.48
N LEU B 641 1.75 -9.05 18.86
CA LEU B 641 1.62 -7.99 17.86
C LEU B 641 2.85 -7.96 16.94
N GLN B 642 4.04 -8.16 17.51
CA GLN B 642 5.24 -8.18 16.69
C GLN B 642 5.20 -9.34 15.69
N ARG B 643 4.73 -10.50 16.13
CA ARG B 643 4.58 -11.63 15.22
C ARG B 643 3.59 -11.31 14.12
N PHE B 644 2.45 -10.70 14.48
CA PHE B 644 1.47 -10.35 13.45
C PHE B 644 2.04 -9.38 12.43
N CYS B 645 2.76 -8.37 12.90
CA CYS B 645 3.34 -7.38 11.98
C CYS B 645 4.39 -8.02 11.08
N SER B 646 5.25 -8.87 11.64
CA SER B 646 6.25 -9.55 10.82
C SER B 646 5.58 -10.42 9.77
N LEU B 647 4.54 -11.16 10.16
CA LEU B 647 3.85 -12.02 9.20
C LEU B 647 3.14 -11.20 8.13
N MET B 648 2.58 -10.04 8.51
CA MET B 648 1.95 -9.18 7.52
C MET B 648 2.96 -8.65 6.53
N THR B 649 4.14 -8.24 7.00
CA THR B 649 5.18 -7.78 6.07
C THR B 649 5.61 -8.90 5.14
N LYS B 650 5.80 -10.11 5.67
CA LYS B 650 6.16 -11.24 4.82
C LYS B 650 5.07 -11.54 3.81
N PHE B 651 3.80 -11.44 4.22
CA PHE B 651 2.69 -11.67 3.32
C PHE B 651 2.67 -10.64 2.20
N ARG B 652 2.92 -9.37 2.54
CA ARG B 652 3.05 -8.36 1.50
C ARG B 652 4.16 -8.70 0.53
N LYS B 653 5.31 -9.15 1.06
CA LYS B 653 6.42 -9.50 0.19
C LYS B 653 6.06 -10.63 -0.76
N GLN B 654 5.34 -11.64 -0.26
CA GLN B 654 5.01 -12.79 -1.09
C GLN B 654 3.99 -12.44 -2.18
N CYS B 655 2.96 -11.66 -1.83
CA CYS B 655 1.93 -11.32 -2.80
C CYS B 655 2.53 -10.53 -3.96
N GLU B 656 2.20 -10.94 -5.18
CA GLU B 656 2.64 -10.23 -6.37
C GLU B 656 1.82 -8.97 -6.64
N SER B 657 0.62 -8.87 -6.07
CA SER B 657 -0.33 -7.82 -6.42
C SER B 657 -0.48 -6.76 -5.33
N LEU B 658 0.48 -6.64 -4.43
CA LEU B 658 0.44 -5.61 -3.39
C LEU B 658 1.49 -4.53 -3.60
N GLY B 659 2.72 -4.89 -3.95
CA GLY B 659 3.72 -3.92 -4.30
C GLY B 659 3.75 -3.63 -5.78
N LEU B 660 2.64 -3.13 -6.31
CA LEU B 660 2.50 -2.95 -7.75
C LEU B 660 3.31 -1.75 -8.23
N ALA B 661 3.87 -1.88 -9.44
CA ALA B 661 4.59 -0.80 -10.06
C ALA B 661 3.67 0.22 -10.73
N ASP B 662 2.40 -0.12 -10.90
CA ASP B 662 1.41 0.76 -11.50
C ASP B 662 0.12 0.69 -10.70
N PHE B 663 -0.76 1.66 -10.95
CA PHE B 663 -2.01 1.72 -10.21
C PHE B 663 -2.89 0.52 -10.55
N PRO B 664 -3.63 -0.03 -9.58
CA PRO B 664 -4.48 -1.19 -9.89
C PRO B 664 -5.52 -0.85 -10.95
N THR B 665 -5.78 -1.82 -11.81
CA THR B 665 -6.76 -1.70 -12.87
C THR B 665 -7.97 -2.59 -12.55
N ALA B 666 -9.11 -2.26 -13.16
CA ALA B 666 -10.33 -3.01 -12.89
C ALA B 666 -10.21 -4.47 -13.28
N GLN B 667 -9.30 -4.81 -14.19
CA GLN B 667 -9.10 -6.20 -14.56
C GLN B 667 -8.61 -7.03 -13.38
N ARG B 668 -7.68 -6.49 -12.58
CA ARG B 668 -7.08 -7.21 -11.47
C ARG B 668 -7.85 -7.01 -10.16
N LEU B 669 -8.37 -5.82 -9.93
CA LEU B 669 -8.93 -5.43 -8.64
C LEU B 669 -10.42 -5.22 -8.78
N HIS B 670 -11.21 -5.92 -7.96
CA HIS B 670 -12.66 -5.82 -7.96
C HIS B 670 -13.13 -5.42 -6.57
N TRP B 671 -14.11 -4.53 -6.51
CA TRP B 671 -14.60 -3.99 -5.25
C TRP B 671 -15.92 -4.65 -4.88
N HIS B 672 -16.03 -5.06 -3.62
CA HIS B 672 -17.20 -5.76 -3.09
C HIS B 672 -17.73 -5.02 -1.88
N GLY B 673 -18.92 -5.43 -1.45
CA GLY B 673 -19.48 -4.98 -0.19
C GLY B 673 -19.76 -6.17 0.70
N HIS B 674 -20.84 -6.11 1.50
CA HIS B 674 -21.27 -7.30 2.20
C HIS B 674 -21.63 -8.42 1.24
N GLN B 675 -21.94 -8.09 -0.01
CA GLN B 675 -22.16 -9.06 -1.06
C GLN B 675 -21.21 -8.77 -2.22
N PRO B 676 -20.69 -9.79 -2.91
CA PRO B 676 -19.72 -9.53 -3.97
C PRO B 676 -20.28 -8.62 -5.06
N GLY B 677 -19.44 -7.71 -5.54
CA GLY B 677 -19.78 -6.89 -6.68
C GLY B 677 -20.69 -5.73 -6.38
N LYS B 678 -21.05 -5.49 -5.12
CA LYS B 678 -21.98 -4.45 -4.74
C LYS B 678 -21.38 -3.61 -3.61
N PRO B 679 -20.31 -2.87 -3.89
CA PRO B 679 -19.73 -2.00 -2.85
C PRO B 679 -20.68 -0.88 -2.49
N ASP B 680 -20.58 -0.44 -1.23
CA ASP B 680 -21.35 0.68 -0.71
C ASP B 680 -20.42 1.88 -0.59
N TRP B 681 -20.60 2.85 -1.48
CA TRP B 681 -19.78 4.05 -1.50
C TRP B 681 -20.46 5.25 -0.85
N SER B 682 -21.63 5.05 -0.24
CA SER B 682 -22.36 6.16 0.33
C SER B 682 -21.64 6.71 1.56
N GLU B 683 -22.17 7.82 2.08
CA GLU B 683 -21.58 8.45 3.25
C GLU B 683 -21.78 7.63 4.51
N THR B 684 -22.80 6.77 4.55
CA THR B 684 -23.02 5.92 5.71
C THR B 684 -22.19 4.65 5.70
N SER B 685 -21.52 4.35 4.59
CA SER B 685 -20.76 3.12 4.49
C SER B 685 -19.56 3.14 5.44
N ARG B 686 -19.28 1.99 6.06
CA ARG B 686 -18.09 1.81 6.87
C ARG B 686 -17.45 0.46 6.61
N PHE B 687 -17.64 -0.07 5.40
CA PHE B 687 -17.12 -1.38 5.02
C PHE B 687 -16.50 -1.26 3.63
N VAL B 688 -15.27 -1.74 3.50
CA VAL B 688 -14.55 -1.70 2.22
C VAL B 688 -13.91 -3.05 1.99
N ALA B 689 -14.25 -3.71 0.89
CA ALA B 689 -13.70 -5.01 0.57
C ALA B 689 -13.33 -5.06 -0.90
N PHE B 690 -12.31 -5.87 -1.21
CA PHE B 690 -11.89 -6.05 -2.59
C PHE B 690 -11.25 -7.42 -2.75
N SER B 691 -11.14 -7.83 -4.00
CA SER B 691 -10.44 -9.05 -4.39
C SER B 691 -9.44 -8.69 -5.49
N THR B 692 -8.24 -9.24 -5.36
CA THR B 692 -7.15 -8.95 -6.28
C THR B 692 -6.59 -10.27 -6.82
N LYS B 693 -6.52 -10.36 -8.15
CA LYS B 693 -5.84 -11.47 -8.78
C LYS B 693 -4.35 -11.42 -8.45
N ASP B 694 -3.77 -12.57 -8.14
CA ASP B 694 -2.39 -12.66 -7.68
C ASP B 694 -1.70 -13.78 -8.45
N GLU B 695 -0.50 -13.49 -8.96
CA GLU B 695 0.22 -14.45 -9.78
C GLU B 695 0.85 -15.56 -8.94
N THR B 696 0.95 -15.37 -7.63
CA THR B 696 1.47 -16.38 -6.72
C THR B 696 0.40 -16.94 -5.79
N LYS B 697 -0.52 -16.11 -5.31
CA LYS B 697 -1.58 -16.52 -4.41
C LYS B 697 -2.86 -16.91 -5.14
N GLY B 698 -2.90 -16.77 -6.46
CA GLY B 698 -4.12 -17.02 -7.21
C GLY B 698 -5.06 -15.84 -7.10
N GLU B 699 -5.68 -15.67 -5.93
CA GLU B 699 -6.53 -14.52 -5.68
C GLU B 699 -6.57 -14.28 -4.18
N ILE B 700 -6.59 -13.02 -3.77
CA ILE B 700 -6.69 -12.65 -2.37
C ILE B 700 -7.90 -11.75 -2.19
N TYR B 701 -8.67 -12.02 -1.13
CA TYR B 701 -9.83 -11.22 -0.76
C TYR B 701 -9.52 -10.52 0.55
N VAL B 702 -9.56 -9.19 0.54
CA VAL B 702 -9.32 -8.39 1.73
C VAL B 702 -10.60 -7.64 2.06
N ALA B 703 -10.90 -7.51 3.35
CA ALA B 703 -12.09 -6.82 3.78
C ALA B 703 -11.84 -6.08 5.08
N PHE B 704 -12.36 -4.86 5.16
CA PHE B 704 -12.28 -4.03 6.36
C PHE B 704 -13.71 -3.70 6.78
N ASN B 705 -14.04 -4.00 8.02
CA ASN B 705 -15.33 -3.71 8.62
C ASN B 705 -15.07 -2.73 9.75
N ALA B 706 -15.11 -1.44 9.43
CA ALA B 706 -14.93 -0.37 10.40
C ALA B 706 -16.22 -0.01 11.12
N SER B 707 -17.32 -0.69 10.81
CA SER B 707 -18.57 -0.46 11.50
C SER B 707 -18.53 -1.09 12.89
N HIS B 708 -19.40 -0.60 13.77
CA HIS B 708 -19.51 -1.12 15.11
C HIS B 708 -20.34 -2.39 15.20
N LEU B 709 -20.77 -2.94 14.06
CA LEU B 709 -21.63 -4.11 14.03
C LEU B 709 -20.94 -5.30 13.36
N PRO B 710 -21.09 -6.51 13.89
CA PRO B 710 -20.59 -7.68 13.17
C PRO B 710 -21.35 -7.90 11.87
N ALA B 711 -20.75 -8.68 10.98
CA ALA B 711 -21.35 -8.91 9.67
C ALA B 711 -20.87 -10.23 9.10
N VAL B 712 -21.79 -11.04 8.60
CA VAL B 712 -21.46 -12.24 7.85
C VAL B 712 -21.37 -11.83 6.38
N VAL B 713 -20.15 -11.60 5.90
CA VAL B 713 -19.93 -11.10 4.55
C VAL B 713 -19.83 -12.28 3.61
N GLY B 714 -20.59 -12.21 2.51
CA GLY B 714 -20.45 -13.21 1.47
C GLY B 714 -19.21 -12.95 0.63
N LEU B 715 -18.60 -14.03 0.16
CA LEU B 715 -17.38 -13.96 -0.61
C LEU B 715 -17.67 -14.21 -2.09
N PRO B 716 -16.79 -13.75 -2.98
CA PRO B 716 -17.03 -13.98 -4.41
C PRO B 716 -17.15 -15.46 -4.73
N GLU B 717 -18.01 -15.77 -5.70
CA GLU B 717 -18.25 -17.15 -6.11
C GLU B 717 -17.25 -17.52 -7.19
N ARG B 718 -16.37 -18.46 -6.89
CA ARG B 718 -15.33 -18.93 -7.81
C ARG B 718 -15.53 -20.44 -8.00
N PRO B 719 -16.28 -20.85 -9.02
CA PRO B 719 -16.57 -22.28 -9.17
C PRO B 719 -15.30 -23.12 -9.21
N GLY B 720 -15.32 -24.23 -8.48
CA GLY B 720 -14.16 -25.08 -8.38
C GLY B 720 -13.10 -24.59 -7.43
N TYR B 721 -13.40 -23.58 -6.61
CA TYR B 721 -12.43 -22.99 -5.71
C TYR B 721 -13.09 -22.70 -4.37
N ARG B 722 -12.25 -22.53 -3.35
CA ARG B 722 -12.70 -22.23 -2.00
C ARG B 722 -11.80 -21.14 -1.42
N TRP B 723 -12.36 -20.35 -0.50
CA TRP B 723 -11.59 -19.33 0.20
C TRP B 723 -11.05 -19.90 1.50
N GLU B 724 -9.73 -19.82 1.68
CA GLU B 724 -9.05 -20.38 2.83
C GLU B 724 -8.60 -19.23 3.75
N PRO B 725 -9.01 -19.20 5.01
CA PRO B 725 -8.67 -18.04 5.84
C PRO B 725 -7.18 -17.91 6.05
N LEU B 726 -6.70 -16.67 6.01
CA LEU B 726 -5.30 -16.35 6.32
C LEU B 726 -5.18 -15.40 7.49
N VAL B 727 -5.85 -14.26 7.46
CA VAL B 727 -5.72 -13.22 8.47
C VAL B 727 -7.10 -12.84 8.98
N ASP B 728 -7.22 -12.74 10.30
CA ASP B 728 -8.43 -12.22 10.94
C ASP B 728 -8.00 -11.53 12.22
N THR B 729 -8.08 -10.19 12.25
CA THR B 729 -7.57 -9.45 13.38
C THR B 729 -8.38 -9.67 14.65
N GLY B 730 -9.60 -10.20 14.53
CA GLY B 730 -10.40 -10.48 15.70
C GLY B 730 -10.01 -11.75 16.44
N LYS B 731 -9.39 -12.69 15.75
CA LYS B 731 -9.05 -13.97 16.36
C LYS B 731 -8.00 -13.77 17.46
N PRO B 732 -8.02 -14.61 18.49
CA PRO B 732 -6.94 -14.57 19.48
C PRO B 732 -5.64 -15.08 18.90
N ALA B 733 -4.53 -14.56 19.40
CA ALA B 733 -3.23 -15.00 18.93
C ALA B 733 -2.99 -16.46 19.33
N PRO B 734 -2.27 -17.23 18.51
CA PRO B 734 -1.63 -16.88 17.23
C PRO B 734 -2.55 -17.05 16.03
N TYR B 735 -3.85 -17.22 16.26
CA TYR B 735 -4.80 -17.45 15.17
C TYR B 735 -5.21 -16.18 14.47
N ASP B 736 -4.76 -15.02 14.93
CA ASP B 736 -4.94 -13.79 14.17
C ASP B 736 -4.23 -13.86 12.82
N PHE B 737 -3.24 -14.74 12.69
CA PHE B 737 -2.55 -14.97 11.43
C PHE B 737 -2.14 -16.43 11.39
N LEU B 738 -2.65 -17.16 10.40
CA LEU B 738 -2.46 -18.61 10.33
C LEU B 738 -1.23 -18.93 9.48
N THR B 739 -0.31 -19.71 10.06
CA THR B 739 0.88 -20.17 9.39
C THR B 739 1.03 -21.66 9.60
N ASP B 740 1.88 -22.29 8.79
CA ASP B 740 2.14 -23.72 8.93
C ASP B 740 2.87 -24.07 10.21
N ASP B 741 3.46 -23.08 10.89
CA ASP B 741 4.13 -23.34 12.16
C ASP B 741 3.14 -23.64 13.28
N LEU B 742 1.84 -23.42 13.05
CA LEU B 742 0.83 -23.85 14.00
C LEU B 742 0.47 -25.30 13.71
N PRO B 743 0.69 -26.23 14.62
CA PRO B 743 0.39 -27.64 14.31
C PRO B 743 -1.08 -27.89 14.01
N ASP B 744 -1.98 -27.05 14.53
CA ASP B 744 -3.42 -27.25 14.38
C ASP B 744 -4.04 -26.20 13.45
N ARG B 745 -3.31 -25.81 12.41
CA ARG B 745 -3.89 -24.90 11.42
C ARG B 745 -5.06 -25.56 10.69
N ALA B 746 -4.91 -26.83 10.30
CA ALA B 746 -5.97 -27.51 9.56
C ALA B 746 -7.24 -27.60 10.39
N HIS B 747 -7.10 -27.90 11.69
CA HIS B 747 -8.27 -27.94 12.56
C HIS B 747 -8.93 -26.57 12.67
N ALA B 748 -8.12 -25.52 12.77
CA ALA B 748 -8.68 -24.18 12.85
C ALA B 748 -9.48 -23.84 11.60
N VAL B 749 -8.95 -24.19 10.42
CA VAL B 749 -9.67 -23.95 9.18
C VAL B 749 -10.94 -24.80 9.15
N HIS B 750 -10.86 -26.05 9.59
CA HIS B 750 -12.03 -26.92 9.58
C HIS B 750 -13.14 -26.40 10.48
N LEU B 751 -12.79 -25.75 11.58
CA LEU B 751 -13.80 -25.24 12.48
C LEU B 751 -14.63 -24.10 11.88
N PHE B 752 -14.13 -23.47 10.82
CA PHE B 752 -14.87 -22.45 10.08
C PHE B 752 -15.25 -22.93 8.68
N SER B 753 -14.89 -24.16 8.32
CA SER B 753 -15.24 -24.69 7.00
C SER B 753 -16.73 -24.61 6.73
N HIS B 754 -17.59 -24.71 7.75
CA HIS B 754 -19.01 -24.67 7.50
C HIS B 754 -19.48 -23.28 7.08
N PHE B 755 -18.76 -22.23 7.46
CA PHE B 755 -19.01 -20.90 6.90
C PHE B 755 -18.34 -20.73 5.55
N LEU B 756 -17.11 -21.23 5.42
CA LEU B 756 -16.37 -21.00 4.18
C LEU B 756 -16.90 -21.85 3.03
N ASN B 757 -17.64 -22.91 3.32
CA ASN B 757 -18.18 -23.75 2.26
C ASN B 757 -19.35 -23.07 1.55
N SER B 758 -20.13 -22.30 2.29
CA SER B 758 -21.23 -21.52 1.72
C SER B 758 -20.80 -20.12 1.31
N ASN B 759 -19.49 -19.90 1.15
CA ASN B 759 -18.94 -18.60 0.77
C ASN B 759 -19.44 -17.51 1.71
N LEU B 760 -19.07 -17.64 2.98
CA LEU B 760 -19.40 -16.66 4.00
C LEU B 760 -18.23 -16.53 4.95
N TYR B 761 -18.14 -15.38 5.62
CA TYR B 761 -17.20 -15.21 6.71
C TYR B 761 -17.82 -14.33 7.77
N PRO B 762 -17.86 -14.76 9.03
CA PRO B 762 -18.36 -13.89 10.10
C PRO B 762 -17.28 -12.96 10.65
N MET B 763 -17.51 -11.66 10.59
CA MET B 763 -16.55 -10.65 11.01
C MET B 763 -17.08 -9.90 12.21
N LEU B 764 -16.20 -9.65 13.19
CA LEU B 764 -16.54 -8.77 14.29
C LEU B 764 -16.57 -7.32 13.82
N SER B 765 -17.05 -6.44 14.69
CA SER B 765 -16.94 -5.01 14.43
C SER B 765 -15.48 -4.60 14.44
N TYR B 766 -15.17 -3.52 13.72
CA TYR B 766 -13.82 -2.97 13.69
C TYR B 766 -12.78 -4.07 13.51
N SER B 767 -12.83 -4.73 12.35
CA SER B 767 -11.91 -5.84 12.12
C SER B 767 -11.72 -6.04 10.63
N SER B 768 -10.60 -6.67 10.27
CA SER B 768 -10.27 -6.92 8.88
C SER B 768 -9.90 -8.38 8.69
N ILE B 769 -10.14 -8.87 7.46
CA ILE B 769 -9.86 -10.26 7.12
C ILE B 769 -9.15 -10.32 5.78
N ILE B 770 -8.32 -11.34 5.61
CA ILE B 770 -7.65 -11.65 4.36
C ILE B 770 -7.77 -13.15 4.12
N LEU B 771 -8.26 -13.52 2.93
CA LEU B 771 -8.45 -14.91 2.53
C LEU B 771 -7.75 -15.14 1.20
N GLU B 772 -7.34 -16.38 0.97
CA GLU B 772 -6.66 -16.78 -0.26
C GLU B 772 -7.46 -17.84 -0.98
N LEU B 773 -7.54 -17.74 -2.30
CA LEU B 773 -8.32 -18.66 -3.12
C LEU B 773 -7.48 -19.90 -3.42
N GLN B 774 -7.83 -21.02 -2.77
CA GLN B 774 -7.18 -22.29 -3.01
C GLN B 774 -8.07 -23.19 -3.85
N PRO B 775 -7.50 -23.99 -4.75
CA PRO B 775 -8.33 -24.92 -5.53
C PRO B 775 -9.05 -25.91 -4.63
N ASP B 776 -10.28 -26.24 -5.00
CA ASP B 776 -11.08 -27.22 -4.26
C ASP B 776 -12.23 -27.73 -5.12
N ALA C 36 46.71 -4.36 -3.34
CA ALA C 36 46.16 -4.27 -4.69
C ALA C 36 45.04 -5.28 -4.89
N ARG C 37 43.83 -4.92 -4.45
CA ARG C 37 42.66 -5.78 -4.59
C ARG C 37 41.41 -4.92 -4.63
N SER C 38 40.32 -5.53 -5.09
CA SER C 38 39.02 -4.88 -5.15
C SER C 38 37.94 -5.86 -4.71
N CYS C 39 37.11 -5.44 -3.76
CA CYS C 39 36.05 -6.29 -3.22
C CYS C 39 34.72 -5.91 -3.87
N TYR C 40 33.88 -6.92 -4.11
CA TYR C 40 32.53 -6.74 -4.59
C TYR C 40 31.62 -7.61 -3.74
N ARG C 41 30.66 -7.00 -3.06
CA ARG C 41 29.81 -7.69 -2.10
C ARG C 41 28.41 -7.78 -2.70
N PHE C 42 28.14 -8.90 -3.36
CA PHE C 42 26.85 -9.13 -4.00
C PHE C 42 25.85 -9.64 -2.98
N ARG C 43 24.67 -9.00 -2.96
CA ARG C 43 23.57 -9.47 -2.13
C ARG C 43 22.78 -10.52 -2.91
N THR C 44 22.69 -11.72 -2.37
CA THR C 44 22.01 -12.81 -3.05
C THR C 44 20.50 -12.69 -2.90
N ASP C 45 19.78 -13.58 -3.59
CA ASP C 45 18.33 -13.59 -3.59
C ASP C 45 17.76 -14.56 -2.57
N ASP C 46 18.60 -15.19 -1.76
CA ASP C 46 18.17 -16.08 -0.69
C ASP C 46 18.69 -15.61 0.66
N ASP C 47 18.72 -14.28 0.85
CA ASP C 47 19.12 -13.68 2.12
C ASP C 47 20.54 -14.10 2.49
N GLY C 48 21.49 -13.69 1.66
CA GLY C 48 22.88 -14.01 1.89
C GLY C 48 23.79 -12.99 1.22
N VAL C 49 25.10 -13.23 1.36
CA VAL C 49 26.12 -12.34 0.83
C VAL C 49 27.17 -13.18 0.12
N VAL C 50 27.75 -12.63 -0.94
CA VAL C 50 28.83 -13.27 -1.69
C VAL C 50 29.91 -12.22 -1.92
N ASP C 51 31.08 -12.42 -1.34
CA ASP C 51 32.18 -11.47 -1.46
C ASP C 51 33.18 -11.99 -2.49
N VAL C 52 33.45 -11.18 -3.51
CA VAL C 52 34.37 -11.54 -4.58
C VAL C 52 35.52 -10.54 -4.53
N ALA C 53 36.72 -11.02 -4.24
CA ALA C 53 37.91 -10.18 -4.20
C ALA C 53 38.76 -10.48 -5.43
N VAL C 54 39.05 -9.44 -6.22
CA VAL C 54 39.87 -9.55 -7.41
C VAL C 54 41.20 -8.89 -7.12
N SER C 55 42.29 -9.65 -7.28
CA SER C 55 43.63 -9.16 -6.99
C SER C 55 44.52 -9.40 -8.19
N GLY C 56 45.14 -8.34 -8.70
CA GLY C 56 46.10 -8.49 -9.77
C GLY C 56 47.39 -9.12 -9.27
N GLU C 57 48.06 -9.84 -10.18
CA GLU C 57 49.26 -10.57 -9.83
C GLU C 57 50.51 -9.79 -10.25
N ASP C 58 51.56 -9.93 -9.45
CA ASP C 58 52.83 -9.25 -9.73
C ASP C 58 53.71 -10.12 -10.62
N GLY C 64 51.22 -11.90 -13.19
CA GLY C 64 50.57 -10.94 -14.06
C GLY C 64 49.09 -11.20 -14.22
N GLY C 65 48.68 -12.45 -13.98
CA GLY C 65 47.29 -12.82 -14.11
C GLY C 65 46.43 -12.18 -13.04
N TYR C 66 45.29 -12.79 -12.73
CA TYR C 66 44.39 -12.27 -11.71
C TYR C 66 43.88 -13.41 -10.85
N ALA C 67 43.64 -13.11 -9.58
CA ALA C 67 43.11 -14.07 -8.62
C ALA C 67 41.76 -13.59 -8.13
N VAL C 68 40.74 -14.42 -8.28
CA VAL C 68 39.38 -14.09 -7.89
C VAL C 68 39.00 -15.03 -6.76
N SER C 69 38.87 -14.49 -5.55
CA SER C 69 38.49 -15.25 -4.38
C SER C 69 37.03 -15.00 -4.07
N VAL C 70 36.19 -16.03 -4.21
CA VAL C 70 34.78 -15.96 -3.88
C VAL C 70 34.61 -16.53 -2.48
N GLU C 71 33.79 -15.87 -1.67
CA GLU C 71 33.57 -16.28 -0.28
C GLU C 71 32.09 -16.10 0.05
N VAL C 72 31.47 -17.18 0.49
CA VAL C 72 30.10 -17.17 0.97
C VAL C 72 30.14 -17.29 2.49
N PRO C 73 29.87 -16.23 3.24
CA PRO C 73 29.69 -16.37 4.69
C PRO C 73 28.27 -16.79 5.03
N GLY C 74 27.95 -16.86 6.32
CA GLY C 74 26.62 -17.23 6.73
C GLY C 74 26.40 -18.73 6.63
N THR C 75 25.13 -19.11 6.75
CA THR C 75 24.74 -20.51 6.75
C THR C 75 23.24 -20.58 6.46
N ARG C 76 22.67 -21.77 6.64
CA ARG C 76 21.23 -22.01 6.48
C ARG C 76 20.83 -22.07 5.01
N GLY C 77 20.81 -20.91 4.34
CA GLY C 77 20.40 -20.86 2.95
C GLY C 77 21.28 -21.70 2.02
N ARG C 78 22.49 -22.03 2.45
CA ARG C 78 23.42 -22.84 1.68
C ARG C 78 23.68 -24.19 2.36
N GLU C 79 22.70 -24.67 3.13
CA GLU C 79 22.89 -25.88 3.91
C GLU C 79 23.15 -27.07 3.00
N GLY C 80 24.38 -27.60 3.06
CA GLY C 80 24.79 -28.74 2.26
C GLY C 80 25.93 -28.45 1.30
N GLY C 81 26.49 -27.26 1.31
CA GLY C 81 27.56 -26.91 0.39
C GLY C 81 27.04 -26.49 -0.97
N LEU C 82 27.89 -25.78 -1.71
CA LEU C 82 27.51 -25.27 -3.02
C LEU C 82 28.73 -25.23 -3.92
N VAL C 83 28.47 -25.11 -5.22
CA VAL C 83 29.48 -25.16 -6.26
C VAL C 83 29.38 -23.89 -7.10
N LEU C 84 30.55 -23.38 -7.51
CA LEU C 84 30.66 -22.13 -8.27
C LEU C 84 30.61 -22.44 -9.76
N ARG C 85 29.40 -22.48 -10.31
CA ARG C 85 29.21 -22.72 -11.74
C ARG C 85 29.61 -21.46 -12.49
N ALA C 86 30.88 -21.39 -12.90
CA ALA C 86 31.38 -20.25 -13.65
C ALA C 86 30.89 -20.34 -15.10
N SER C 87 29.89 -19.53 -15.43
CA SER C 87 29.25 -19.54 -16.75
C SER C 87 28.56 -20.87 -17.04
N GLY C 88 28.25 -21.65 -15.99
CA GLY C 88 27.52 -22.89 -16.16
C GLY C 88 28.27 -23.96 -16.93
N SER C 89 29.59 -23.86 -17.01
CA SER C 89 30.38 -24.83 -17.75
C SER C 89 30.50 -26.15 -16.96
N GLY C 90 31.06 -27.16 -17.62
CA GLY C 90 31.30 -28.44 -16.96
C GLY C 90 32.20 -28.35 -15.75
N GLU C 91 32.89 -27.23 -15.58
CA GLU C 91 33.66 -26.94 -14.37
C GLU C 91 32.69 -26.50 -13.29
N GLY C 92 33.18 -25.80 -12.27
CA GLY C 92 32.33 -25.44 -11.15
C GLY C 92 33.07 -25.26 -9.83
N VAL C 93 34.28 -25.81 -9.74
CA VAL C 93 35.19 -25.47 -8.64
C VAL C 93 34.45 -25.47 -7.31
N PRO C 94 34.09 -26.63 -6.76
CA PRO C 94 33.27 -26.64 -5.54
C PRO C 94 33.92 -25.85 -4.42
N LEU C 95 33.11 -25.05 -3.72
CA LEU C 95 33.61 -24.28 -2.60
C LEU C 95 33.88 -25.19 -1.42
N ALA C 96 35.06 -25.04 -0.81
CA ALA C 96 35.44 -25.82 0.34
C ALA C 96 35.46 -24.95 1.60
N PRO C 97 35.17 -25.52 2.77
CA PRO C 97 35.27 -24.74 4.01
C PRO C 97 36.61 -24.04 4.13
N ALA C 98 36.59 -22.70 4.09
CA ALA C 98 37.80 -21.89 4.14
C ALA C 98 38.07 -21.33 5.53
N ALA C 99 37.05 -20.80 6.21
CA ALA C 99 37.21 -20.26 7.56
C ALA C 99 36.19 -20.93 8.47
N GLY C 100 36.70 -21.85 9.32
CA GLY C 100 35.91 -22.48 10.36
C GLY C 100 34.60 -23.07 9.91
N GLY C 101 34.46 -23.32 8.61
CA GLY C 101 33.21 -23.75 8.03
C GLY C 101 32.16 -22.66 7.91
N ALA C 102 32.26 -21.60 8.72
CA ALA C 102 31.34 -20.47 8.58
C ALA C 102 31.51 -19.79 7.23
N SER C 103 32.76 -19.58 6.81
CA SER C 103 33.05 -18.92 5.54
C SER C 103 33.48 -19.99 4.54
N LEU C 104 32.55 -20.37 3.66
CA LEU C 104 32.88 -21.22 2.53
C LEU C 104 33.55 -20.36 1.46
N ALA C 105 34.39 -20.97 0.63
CA ALA C 105 35.11 -20.16 -0.33
C ALA C 105 35.65 -20.99 -1.48
N ALA C 106 36.05 -20.29 -2.53
CA ALA C 106 36.74 -20.87 -3.68
C ALA C 106 37.68 -19.82 -4.24
N GLU C 107 38.67 -20.28 -5.00
CA GLU C 107 39.66 -19.39 -5.59
C GLU C 107 39.86 -19.77 -7.06
N LEU C 108 39.83 -18.76 -7.93
CA LEU C 108 40.03 -18.93 -9.36
C LEU C 108 41.21 -18.08 -9.80
N SER C 109 41.85 -18.49 -10.89
CA SER C 109 42.97 -17.75 -11.44
C SER C 109 42.78 -17.57 -12.94
N PHE C 110 43.26 -16.43 -13.45
CA PHE C 110 43.08 -16.07 -14.85
C PHE C 110 44.42 -15.62 -15.41
N ASP C 111 44.66 -15.98 -16.68
CA ASP C 111 45.99 -15.85 -17.26
C ASP C 111 46.39 -14.38 -17.40
N PRO C 112 47.69 -14.10 -17.42
CA PRO C 112 48.14 -12.72 -17.62
C PRO C 112 47.94 -12.26 -19.05
N THR C 113 48.24 -10.98 -19.27
CA THR C 113 48.21 -10.37 -20.60
C THR C 113 46.82 -10.45 -21.22
N ARG C 114 45.82 -10.78 -20.42
CA ARG C 114 44.44 -10.80 -20.90
C ARG C 114 43.82 -9.42 -20.75
N ALA C 115 43.10 -8.98 -21.78
CA ALA C 115 42.46 -7.69 -21.72
C ALA C 115 41.34 -7.71 -20.68
N PRO C 116 40.91 -6.54 -20.20
CA PRO C 116 39.85 -6.50 -19.20
C PRO C 116 38.64 -7.31 -19.64
N PHE C 117 38.11 -8.11 -18.72
CA PHE C 117 37.01 -9.00 -19.05
C PHE C 117 36.09 -9.10 -17.82
N TYR C 118 35.11 -9.98 -17.91
CA TYR C 118 34.05 -10.10 -16.91
C TYR C 118 33.87 -11.56 -16.55
N LEU C 119 34.02 -11.87 -15.26
CA LEU C 119 33.78 -13.21 -14.73
C LEU C 119 32.35 -13.27 -14.26
N SER C 120 31.52 -14.05 -14.95
CA SER C 120 30.12 -14.24 -14.62
C SER C 120 29.91 -15.67 -14.17
N PHE C 121 29.23 -15.84 -13.04
CA PHE C 121 29.05 -17.17 -12.47
C PHE C 121 27.77 -17.21 -11.65
N LEU C 122 27.33 -18.43 -11.35
CA LEU C 122 26.23 -18.70 -10.45
C LEU C 122 26.72 -19.66 -9.35
N LEU C 123 25.90 -19.82 -8.32
CA LEU C 123 26.18 -20.77 -7.25
C LEU C 123 25.03 -21.77 -7.18
N THR C 124 25.37 -23.05 -7.06
CA THR C 124 24.38 -24.11 -7.01
C THR C 124 24.60 -24.93 -5.75
N ASP C 125 23.59 -24.98 -4.89
CA ASP C 125 23.71 -25.74 -3.65
C ASP C 125 23.75 -27.23 -3.95
N ALA C 126 23.91 -28.05 -2.91
CA ALA C 126 23.98 -29.49 -3.09
C ALA C 126 22.59 -30.08 -3.16
N SER C 127 21.75 -29.52 -4.02
CA SER C 127 20.49 -30.12 -4.40
C SER C 127 20.09 -29.79 -5.84
N GLY C 128 20.93 -29.07 -6.58
CA GLY C 128 20.61 -28.65 -7.92
C GLY C 128 20.04 -27.25 -8.03
N ALA C 129 19.59 -26.66 -6.93
CA ALA C 129 18.99 -25.33 -6.96
C ALA C 129 20.05 -24.26 -7.22
N GLU C 130 19.67 -23.25 -8.00
CA GLU C 130 20.57 -22.16 -8.35
C GLU C 130 20.44 -21.01 -7.36
N ILE C 131 21.47 -20.17 -7.32
CA ILE C 131 21.55 -19.01 -6.44
C ILE C 131 21.97 -17.81 -7.27
N ARG C 132 21.22 -16.72 -7.17
CA ARG C 132 21.41 -15.56 -8.02
C ARG C 132 21.43 -14.30 -7.17
N THR C 133 21.92 -13.22 -7.76
CA THR C 133 21.89 -11.93 -7.10
C THR C 133 20.45 -11.55 -6.77
N HIS C 134 20.30 -10.51 -5.96
CA HIS C 134 18.97 -10.04 -5.59
C HIS C 134 18.25 -9.39 -6.77
N ARG C 135 18.96 -9.13 -7.87
CA ARG C 135 18.37 -8.65 -9.11
C ARG C 135 18.07 -9.78 -10.09
N LYS C 136 18.14 -11.03 -9.63
CA LYS C 136 17.91 -12.21 -10.47
C LYS C 136 18.89 -12.23 -11.64
N THR C 137 20.17 -12.07 -11.31
CA THR C 137 21.26 -12.06 -12.29
C THR C 137 22.35 -13.00 -11.82
N SER C 138 23.28 -13.29 -12.74
CA SER C 138 24.45 -14.08 -12.38
C SER C 138 25.55 -13.16 -11.87
N PHE C 139 26.15 -13.52 -10.74
CA PHE C 139 27.19 -12.71 -10.13
C PHE C 139 28.29 -12.43 -11.15
N ARG C 140 28.44 -11.17 -11.54
CA ARG C 140 29.40 -10.75 -12.55
C ARG C 140 30.36 -9.75 -11.93
N VAL C 141 31.66 -9.98 -12.12
CA VAL C 141 32.68 -9.10 -11.57
C VAL C 141 33.65 -8.68 -12.67
N PRO C 142 34.20 -7.47 -12.62
CA PRO C 142 35.22 -7.08 -13.59
C PRO C 142 36.60 -7.59 -13.18
N VAL C 143 37.40 -7.91 -14.19
CA VAL C 143 38.80 -8.28 -14.00
C VAL C 143 39.63 -7.43 -14.95
N GLY C 144 40.61 -6.72 -14.40
CA GLY C 144 41.44 -5.81 -15.15
C GLY C 144 41.09 -4.34 -14.99
N VAL C 145 39.90 -4.04 -14.47
CA VAL C 145 39.45 -2.67 -14.27
C VAL C 145 38.75 -2.57 -12.93
N GLY C 146 39.06 -1.52 -12.17
CA GLY C 146 38.46 -1.30 -10.88
C GLY C 146 37.10 -0.65 -10.98
N PRO C 147 36.41 -0.51 -9.84
CA PRO C 147 35.08 0.11 -9.87
C PRO C 147 35.10 1.55 -10.35
N GLY C 148 36.00 2.37 -9.83
CA GLY C 148 36.04 3.78 -10.18
C GLY C 148 35.22 4.63 -9.22
N SER C 149 35.22 5.92 -9.51
CA SER C 149 34.53 6.91 -8.68
C SER C 149 33.66 7.80 -9.55
N PRO C 150 32.52 8.27 -9.03
CA PRO C 150 31.63 9.12 -9.84
C PRO C 150 32.13 10.55 -10.04
N ALA C 151 33.09 11.01 -9.23
CA ALA C 151 33.63 12.35 -9.34
C ALA C 151 35.15 12.27 -9.32
N PRO C 152 35.82 13.22 -9.98
CA PRO C 152 35.29 14.32 -10.80
C PRO C 152 34.81 13.83 -12.16
N LEU C 153 33.84 14.50 -12.77
CA LEU C 153 33.43 14.13 -14.12
C LEU C 153 34.57 14.37 -15.09
N GLY C 154 34.78 13.41 -15.99
CA GLY C 154 35.89 13.46 -16.91
C GLY C 154 36.94 12.43 -16.61
N MET C 155 38.21 12.75 -16.87
CA MET C 155 39.32 11.84 -16.64
C MET C 155 40.22 12.43 -15.56
N SER C 156 40.52 11.62 -14.55
CA SER C 156 41.30 12.05 -13.39
C SER C 156 42.45 11.10 -13.15
N ILE C 157 43.51 11.61 -12.53
CA ILE C 157 44.68 10.82 -12.14
C ILE C 157 44.69 10.74 -10.62
N SER C 158 44.73 9.52 -10.09
CA SER C 158 44.71 9.31 -8.65
C SER C 158 46.14 9.23 -8.11
N GLY C 159 46.24 9.24 -6.78
CA GLY C 159 47.55 9.24 -6.15
C GLY C 159 48.38 8.03 -6.54
N ASP C 160 47.76 6.85 -6.57
CA ASP C 160 48.48 5.65 -6.97
C ASP C 160 48.98 5.76 -8.41
N GLY C 161 48.14 6.29 -9.30
CA GLY C 161 48.48 6.39 -10.71
C GLY C 161 47.36 5.87 -11.57
N ALA C 162 46.35 5.26 -10.94
CA ALA C 162 45.21 4.75 -11.68
C ALA C 162 44.44 5.91 -12.32
N VAL C 163 43.94 5.67 -13.52
CA VAL C 163 43.20 6.67 -14.27
C VAL C 163 41.71 6.40 -14.08
N ASN C 164 41.00 7.40 -13.56
CA ASN C 164 39.56 7.32 -13.35
C ASN C 164 38.83 7.99 -14.50
N PHE C 165 37.77 7.35 -14.98
CA PHE C 165 36.89 7.90 -15.99
C PHE C 165 35.49 7.98 -15.43
N ALA C 166 34.82 9.11 -15.65
CA ALA C 166 33.44 9.31 -15.22
C ALA C 166 32.70 10.10 -16.29
N VAL C 167 31.51 9.64 -16.64
CA VAL C 167 30.69 10.28 -17.67
C VAL C 167 29.23 10.17 -17.26
N TYR C 168 28.48 11.26 -17.45
CA TYR C 168 27.06 11.27 -17.14
C TYR C 168 26.26 10.88 -18.38
N SER C 169 25.33 9.94 -18.20
CA SER C 169 24.42 9.58 -19.28
C SER C 169 23.18 8.94 -18.66
N LYS C 170 22.07 9.67 -18.66
CA LYS C 170 20.82 9.13 -18.17
C LYS C 170 20.09 8.33 -19.25
N ASN C 171 20.13 8.82 -20.49
CA ASN C 171 19.45 8.12 -21.58
C ASN C 171 20.07 6.75 -21.83
N ALA C 172 21.39 6.66 -21.81
CA ALA C 172 22.06 5.40 -22.09
C ALA C 172 21.86 4.42 -20.94
N ASN C 173 21.78 3.13 -21.29
CA ASN C 173 21.80 2.05 -20.32
C ASN C 173 22.93 1.07 -20.62
N ALA C 174 23.89 1.47 -21.45
CA ALA C 174 25.04 0.63 -21.77
C ALA C 174 26.15 1.54 -22.25
N VAL C 175 27.23 1.63 -21.48
CA VAL C 175 28.35 2.51 -21.78
C VAL C 175 29.63 1.70 -21.84
N SER C 176 30.52 2.05 -22.76
CA SER C 176 31.81 1.39 -22.89
C SER C 176 32.87 2.44 -23.17
N LEU C 177 34.10 2.14 -22.74
CA LEU C 177 35.24 3.02 -22.91
C LEU C 177 36.17 2.45 -23.97
N TYR C 178 36.52 3.26 -24.96
CA TYR C 178 37.49 2.90 -25.99
C TYR C 178 38.79 3.63 -25.71
N LEU C 179 39.90 2.89 -25.71
CA LEU C 179 41.23 3.47 -25.59
C LEU C 179 41.99 3.25 -26.89
N TYR C 180 42.51 4.33 -27.47
CA TYR C 180 43.24 4.29 -28.72
C TYR C 180 44.69 4.64 -28.46
N ALA C 181 45.59 3.84 -29.02
CA ALA C 181 47.03 4.07 -28.93
C ALA C 181 47.50 4.83 -30.17
N ALA C 182 48.80 5.15 -30.18
CA ALA C 182 49.36 5.95 -31.26
C ALA C 182 49.20 5.21 -32.59
N ALA C 183 48.91 5.98 -33.64
CA ALA C 183 48.76 5.43 -34.97
C ALA C 183 50.12 5.27 -35.65
N GLY C 189 45.23 5.45 -33.47
CA GLY C 189 44.70 4.33 -34.21
C GLY C 189 43.33 4.60 -34.80
N ASP C 190 42.85 3.70 -35.65
CA ASP C 190 41.54 3.83 -36.26
C ASP C 190 40.46 3.18 -35.39
N GLU C 191 40.59 1.88 -35.15
CA GLU C 191 39.71 1.17 -34.23
C GLU C 191 40.29 1.18 -32.83
N PRO C 192 39.46 1.00 -31.81
CA PRO C 192 39.97 1.05 -30.44
C PRO C 192 41.09 0.04 -30.22
N ALA C 193 42.17 0.50 -29.60
CA ALA C 193 43.20 -0.42 -29.14
C ALA C 193 42.67 -1.29 -28.02
N LEU C 194 41.71 -0.79 -27.25
CA LEU C 194 41.11 -1.56 -26.17
C LEU C 194 39.67 -1.10 -25.98
N GLU C 195 38.79 -2.05 -25.66
CA GLU C 195 37.39 -1.76 -25.38
C GLU C 195 37.04 -2.34 -24.02
N ILE C 196 36.40 -1.54 -23.18
CA ILE C 196 36.03 -1.93 -21.82
C ILE C 196 34.56 -1.61 -21.64
N ASP C 197 33.71 -2.62 -21.66
CA ASP C 197 32.30 -2.41 -21.33
C ASP C 197 32.15 -2.22 -19.83
N LEU C 198 31.23 -1.35 -19.44
CA LEU C 198 31.00 -1.01 -18.04
C LEU C 198 29.76 -1.72 -17.54
N ASP C 199 29.90 -2.43 -16.43
CA ASP C 199 28.78 -3.17 -15.86
C ASP C 199 27.79 -2.18 -15.27
N PRO C 200 26.52 -2.19 -15.68
CA PRO C 200 25.59 -1.15 -15.20
C PRO C 200 25.39 -1.17 -13.69
N TYR C 201 25.81 -2.21 -12.99
CA TYR C 201 25.60 -2.32 -11.55
C TYR C 201 26.84 -1.94 -10.74
N ILE C 202 28.03 -2.30 -11.22
CA ILE C 202 29.27 -1.94 -10.52
C ILE C 202 29.79 -0.59 -11.00
N HIS C 203 29.90 -0.42 -12.31
CA HIS C 203 30.44 0.81 -12.90
C HIS C 203 29.36 1.85 -13.12
N ARG C 204 28.59 2.17 -12.08
CA ARG C 204 27.57 3.19 -12.19
C ARG C 204 27.07 3.64 -10.82
N THR C 205 27.13 4.94 -10.55
CA THR C 205 26.54 5.54 -9.37
C THR C 205 25.44 6.48 -9.84
N GLY C 206 24.19 6.11 -9.60
CA GLY C 206 23.07 6.87 -10.12
C GLY C 206 23.07 6.88 -11.64
N ASN C 207 23.41 8.02 -12.24
CA ASN C 207 23.49 8.17 -13.68
C ASN C 207 24.90 8.51 -14.15
N VAL C 208 25.91 8.23 -13.34
CA VAL C 208 27.29 8.53 -13.67
C VAL C 208 28.02 7.20 -13.84
N TRP C 209 28.31 6.84 -15.09
CA TRP C 209 29.13 5.69 -15.37
C TRP C 209 30.58 6.01 -15.03
N HIS C 210 31.28 5.06 -14.42
CA HIS C 210 32.65 5.33 -14.01
C HIS C 210 33.45 4.03 -13.99
N VAL C 211 34.76 4.18 -14.16
CA VAL C 211 35.65 3.02 -14.20
C VAL C 211 37.07 3.50 -13.96
N SER C 212 37.82 2.73 -13.19
CA SER C 212 39.23 3.02 -12.91
C SER C 212 40.11 2.00 -13.61
N LEU C 213 41.28 2.45 -14.03
CA LEU C 213 42.26 1.62 -14.72
C LEU C 213 43.59 1.69 -13.98
N ALA C 214 44.29 0.56 -13.89
CA ALA C 214 45.59 0.55 -13.24
C ALA C 214 46.53 1.55 -13.89
N SER C 215 46.62 1.52 -15.21
CA SER C 215 47.41 2.50 -15.95
C SER C 215 46.94 2.51 -17.40
N VAL C 216 47.34 3.55 -18.12
CA VAL C 216 46.99 3.71 -19.52
C VAL C 216 48.24 3.70 -20.40
N ASP C 217 49.32 3.07 -19.93
CA ASP C 217 50.55 3.05 -20.70
C ASP C 217 50.32 2.43 -22.07
N GLY C 218 50.89 3.04 -23.09
CA GLY C 218 50.68 2.62 -24.46
C GLY C 218 49.42 3.14 -25.10
N TYR C 219 48.65 3.97 -24.40
CA TYR C 219 47.42 4.55 -24.92
C TYR C 219 47.53 6.07 -24.90
N VAL C 220 47.01 6.71 -25.95
CA VAL C 220 47.13 8.15 -26.10
C VAL C 220 45.79 8.87 -26.08
N SER C 221 44.67 8.20 -26.36
CA SER C 221 43.38 8.89 -26.36
C SER C 221 42.29 7.92 -25.94
N TYR C 222 41.10 8.47 -25.66
CA TYR C 222 39.97 7.65 -25.24
C TYR C 222 38.68 8.29 -25.72
N ALA C 223 37.63 7.47 -25.73
CA ALA C 223 36.31 7.89 -26.16
C ALA C 223 35.26 7.03 -25.48
N PHE C 224 34.01 7.45 -25.58
CA PHE C 224 32.89 6.77 -24.94
C PHE C 224 31.88 6.32 -25.99
N CYS C 225 31.39 5.09 -25.82
CA CYS C 225 30.31 4.53 -26.64
C CYS C 225 29.09 4.37 -25.76
N CYS C 226 27.99 4.97 -26.16
CA CYS C 226 26.78 5.02 -25.35
C CYS C 226 25.60 4.42 -26.10
N GLY C 227 24.73 3.71 -25.37
CA GLY C 227 23.56 3.10 -25.95
C GLY C 227 23.85 1.76 -26.61
N GLY C 228 24.91 1.71 -27.39
CA GLY C 228 25.25 0.52 -28.15
C GLY C 228 25.76 0.85 -29.54
N ILE C 229 25.64 2.12 -29.92
CA ILE C 229 26.10 2.57 -31.23
C ILE C 229 27.62 2.72 -31.17
N ARG C 230 28.31 2.08 -32.11
CA ARG C 230 29.76 1.96 -32.03
C ARG C 230 30.50 3.27 -32.30
N ARG C 231 29.80 4.38 -32.49
CA ARG C 231 30.49 5.62 -32.82
C ARG C 231 31.15 6.19 -31.56
N PRO C 232 32.46 6.42 -31.59
CA PRO C 232 33.11 7.05 -30.42
C PRO C 232 32.58 8.44 -30.17
N LEU C 233 32.61 8.84 -28.90
CA LEU C 233 32.11 10.15 -28.48
C LEU C 233 33.19 10.89 -27.70
N LEU C 234 33.15 12.21 -27.78
CA LEU C 234 34.12 13.05 -27.07
C LEU C 234 33.60 13.37 -25.68
N ASP C 235 34.44 13.15 -24.67
CA ASP C 235 34.05 13.41 -23.29
C ASP C 235 33.76 14.90 -23.11
N PRO C 236 32.58 15.29 -22.64
CA PRO C 236 32.30 16.73 -22.48
C PRO C 236 33.31 17.44 -21.58
N TYR C 237 33.78 16.76 -20.54
CA TYR C 237 34.66 17.37 -19.55
C TYR C 237 36.13 17.20 -19.87
N ALA C 238 36.46 16.65 -21.04
CA ALA C 238 37.85 16.53 -21.44
C ALA C 238 38.50 17.91 -21.47
N LYS C 239 39.68 18.01 -20.88
CA LYS C 239 40.43 19.26 -20.90
C LYS C 239 41.41 19.33 -22.07
N VAL C 240 41.80 18.18 -22.62
CA VAL C 240 42.65 18.10 -23.80
C VAL C 240 41.96 17.19 -24.80
N ILE C 241 41.91 17.61 -26.06
CA ILE C 241 41.22 16.86 -27.11
C ILE C 241 42.11 16.78 -28.34
N GLY C 242 41.73 15.88 -29.24
CA GLY C 242 42.47 15.65 -30.46
C GLY C 242 41.96 16.51 -31.60
N ASP C 243 42.32 16.11 -32.82
CA ASP C 243 41.93 16.84 -34.01
C ASP C 243 40.61 16.31 -34.55
N PHE C 244 39.75 17.23 -34.98
CA PHE C 244 38.45 16.88 -35.53
C PHE C 244 38.63 16.12 -36.84
N VAL C 245 37.71 15.19 -37.10
CA VAL C 245 37.73 14.38 -38.32
C VAL C 245 36.30 14.16 -38.76
N SER C 246 35.93 14.71 -39.90
CA SER C 246 34.59 14.54 -40.45
C SER C 246 34.58 13.40 -41.47
N SER C 259 30.81 11.45 -41.24
CA SER C 259 30.64 11.31 -39.80
C SER C 259 31.76 12.03 -39.06
N MET C 260 31.47 12.48 -37.85
CA MET C 260 32.38 13.32 -37.07
C MET C 260 33.05 12.49 -35.98
N ARG C 261 34.30 12.82 -35.67
CA ARG C 261 35.11 12.00 -34.78
C ARG C 261 36.17 12.85 -34.11
N CYS C 262 36.21 12.78 -32.78
CA CYS C 262 37.28 13.38 -32.00
C CYS C 262 37.48 12.56 -30.74
N PHE C 263 38.69 12.59 -30.20
CA PHE C 263 39.04 11.79 -29.03
C PHE C 263 39.72 12.66 -27.98
N ALA C 264 39.31 12.47 -26.72
CA ALA C 264 39.96 13.17 -25.62
C ALA C 264 41.35 12.57 -25.39
N SER C 265 42.35 13.43 -25.26
CA SER C 265 43.71 12.97 -25.01
C SER C 265 43.85 12.48 -23.57
N LEU C 266 44.66 11.45 -23.39
CA LEU C 266 44.97 10.93 -22.05
C LEU C 266 46.11 11.69 -21.39
N ALA C 267 46.83 12.53 -22.12
CA ALA C 267 47.87 13.35 -21.53
C ALA C 267 47.25 14.47 -20.70
N ILE C 268 47.92 14.84 -19.62
CA ILE C 268 47.47 15.89 -18.72
C ILE C 268 48.29 17.14 -19.01
N ALA C 269 47.61 18.28 -19.14
CA ALA C 269 48.29 19.52 -19.45
C ALA C 269 49.33 19.82 -18.38
N PRO C 270 50.59 20.05 -18.75
CA PRO C 270 51.61 20.32 -17.73
C PRO C 270 51.28 21.58 -16.94
N SER C 271 51.67 21.57 -15.66
CA SER C 271 51.45 22.74 -14.83
C SER C 271 52.09 23.97 -15.46
N TYR C 272 51.32 25.04 -15.55
CA TYR C 272 51.78 26.27 -16.18
C TYR C 272 52.27 27.24 -15.11
N ASN C 273 53.47 27.78 -15.32
CA ASN C 273 54.08 28.70 -14.36
C ASN C 273 53.60 30.11 -14.68
N TRP C 274 52.60 30.58 -13.93
CA TRP C 274 52.08 31.92 -14.15
C TRP C 274 53.01 33.00 -13.60
N GLY C 275 53.99 32.64 -12.78
CA GLY C 275 54.91 33.63 -12.25
C GLY C 275 54.18 34.68 -11.46
N ARG C 276 54.51 35.96 -11.73
CA ARG C 276 53.89 37.08 -11.05
C ARG C 276 52.67 37.61 -11.78
N ASP C 277 52.03 36.77 -12.60
CA ASP C 277 50.86 37.20 -13.36
C ASP C 277 49.73 37.59 -12.42
N ARG C 278 49.14 38.75 -12.66
CA ARG C 278 48.05 39.27 -11.84
C ARG C 278 46.94 39.79 -12.75
N HIS C 279 45.71 39.64 -12.30
CA HIS C 279 44.57 40.18 -13.03
C HIS C 279 44.66 41.71 -13.04
N PRO C 280 44.55 42.36 -14.19
CA PRO C 280 44.56 43.83 -14.19
C PRO C 280 43.49 44.44 -13.31
N ARG C 281 42.30 43.82 -13.28
CA ARG C 281 41.19 44.30 -12.46
C ARG C 281 40.90 45.77 -12.74
N LEU C 282 40.95 46.13 -14.02
CA LEU C 282 40.65 47.51 -14.40
C LEU C 282 39.19 47.83 -14.13
N PRO C 283 38.89 49.03 -13.63
CA PRO C 283 37.48 49.41 -13.47
C PRO C 283 36.75 49.40 -14.80
N LEU C 284 35.48 49.00 -14.75
CA LEU C 284 34.69 48.89 -15.98
C LEU C 284 34.61 50.21 -16.72
N GLU C 285 34.56 51.33 -15.97
CA GLU C 285 34.46 52.64 -16.61
C GLU C 285 35.71 52.95 -17.42
N LYS C 286 36.89 52.59 -16.91
CA LYS C 286 38.15 52.86 -17.58
C LYS C 286 38.51 51.70 -18.52
N LEU C 287 37.61 51.43 -19.46
CA LEU C 287 37.74 50.30 -20.36
C LEU C 287 37.57 50.77 -21.80
N VAL C 288 38.48 50.35 -22.67
CA VAL C 288 38.41 50.60 -24.11
C VAL C 288 38.67 49.26 -24.78
N VAL C 289 37.63 48.64 -25.29
CA VAL C 289 37.70 47.28 -25.81
C VAL C 289 38.14 47.32 -27.27
N TYR C 290 38.74 46.22 -27.72
CA TYR C 290 39.15 46.06 -29.12
C TYR C 290 38.88 44.60 -29.49
N ARG C 291 37.77 44.34 -30.17
CA ARG C 291 37.46 42.99 -30.60
C ARG C 291 38.45 42.54 -31.67
N ALA C 292 38.88 41.28 -31.57
CA ALA C 292 39.86 40.75 -32.50
C ALA C 292 39.56 39.28 -32.76
N ASN C 293 39.81 38.85 -34.00
CA ASN C 293 39.73 37.45 -34.38
C ASN C 293 41.14 36.88 -34.41
N VAL C 294 41.37 35.82 -33.63
CA VAL C 294 42.73 35.30 -33.47
C VAL C 294 43.34 34.94 -34.82
N ALA C 295 42.55 34.30 -35.68
CA ALA C 295 43.08 33.90 -36.99
C ALA C 295 43.32 35.10 -37.88
N LEU C 296 42.26 35.86 -38.18
CA LEU C 296 42.36 36.95 -39.14
C LEU C 296 43.26 38.08 -38.66
N PHE C 297 43.53 38.16 -37.36
CA PHE C 297 44.25 39.33 -36.85
C PHE C 297 45.66 39.41 -37.42
N THR C 298 46.36 38.28 -37.52
CA THR C 298 47.76 38.28 -37.93
C THR C 298 48.12 37.24 -38.99
N LYS C 299 47.16 36.45 -39.46
CA LYS C 299 47.50 35.39 -40.41
C LYS C 299 48.02 35.93 -41.73
N ASP C 300 47.80 37.21 -42.01
CA ASP C 300 48.32 37.81 -43.24
C ASP C 300 49.83 37.98 -43.13
N ARG C 301 50.52 37.72 -44.25
CA ARG C 301 51.98 37.84 -44.25
C ARG C 301 52.44 39.26 -43.96
N SER C 302 51.61 40.26 -44.22
CA SER C 302 51.99 41.65 -43.96
C SER C 302 52.26 41.90 -42.48
N SER C 303 51.74 41.07 -41.59
CA SER C 303 51.97 41.25 -40.17
C SER C 303 53.44 41.10 -39.80
N GLY C 304 54.23 40.45 -40.65
CA GLY C 304 55.64 40.29 -40.38
C GLY C 304 55.96 39.24 -39.35
N LEU C 305 55.15 38.18 -39.22
CA LEU C 305 55.42 37.10 -38.29
C LEU C 305 55.80 35.83 -39.05
N PRO C 306 56.58 34.94 -38.43
CA PRO C 306 56.89 33.67 -39.09
C PRO C 306 55.64 32.83 -39.28
N ASP C 307 55.68 31.97 -40.29
CA ASP C 307 54.57 31.04 -40.51
C ASP C 307 54.42 30.11 -39.32
N ASP C 308 53.16 29.75 -39.03
CA ASP C 308 52.80 28.95 -37.86
C ASP C 308 52.85 29.78 -36.59
N ALA C 309 53.32 31.03 -36.69
CA ALA C 309 53.16 32.02 -35.62
C ALA C 309 52.11 33.06 -35.97
N ALA C 310 51.80 33.20 -37.25
CA ALA C 310 50.74 34.11 -37.68
C ALA C 310 49.38 33.45 -37.50
N GLY C 311 48.38 34.26 -37.16
CA GLY C 311 47.04 33.74 -36.96
C GLY C 311 46.86 32.93 -35.70
N THR C 312 47.79 33.02 -34.75
CA THR C 312 47.75 32.25 -33.52
C THR C 312 47.71 33.20 -32.33
N PHE C 313 47.75 32.61 -31.13
CA PHE C 313 47.80 33.42 -29.92
C PHE C 313 49.15 34.13 -29.79
N THR C 314 50.23 33.49 -30.25
CA THR C 314 51.53 34.14 -30.24
C THR C 314 51.52 35.38 -31.12
N GLY C 315 50.92 35.29 -32.30
CA GLY C 315 50.79 36.47 -33.14
C GLY C 315 49.95 37.55 -32.48
N LEU C 316 48.91 37.14 -31.75
CA LEU C 316 48.09 38.11 -31.03
C LEU C 316 48.92 38.84 -29.98
N SER C 317 49.74 38.12 -29.23
CA SER C 317 50.56 38.75 -28.21
C SER C 317 51.69 39.57 -28.79
N ALA C 318 52.15 39.25 -30.01
CA ALA C 318 53.23 40.00 -30.62
C ALA C 318 52.85 41.45 -30.91
N LYS C 319 51.55 41.73 -31.05
CA LYS C 319 51.07 43.06 -31.39
C LYS C 319 50.58 43.83 -30.16
N VAL C 320 51.11 43.52 -28.98
CA VAL C 320 50.71 44.25 -27.79
C VAL C 320 51.12 45.71 -27.89
N GLU C 321 52.22 45.99 -28.59
CA GLU C 321 52.60 47.39 -28.81
C GLU C 321 51.58 48.10 -29.69
N HIS C 322 51.09 47.42 -30.74
CA HIS C 322 50.02 48.01 -31.55
C HIS C 322 48.78 48.27 -30.71
N PHE C 323 48.43 47.32 -29.84
CA PHE C 323 47.27 47.52 -28.97
C PHE C 323 47.49 48.72 -28.05
N ARG C 324 48.68 48.85 -27.48
CA ARG C 324 48.97 49.95 -26.57
C ARG C 324 48.97 51.29 -27.28
N SER C 325 49.38 51.32 -28.56
CA SER C 325 49.46 52.58 -29.28
C SER C 325 48.09 53.24 -29.41
N LEU C 326 47.02 52.44 -29.45
CA LEU C 326 45.67 52.96 -29.60
C LEU C 326 45.02 53.32 -28.28
N GLY C 327 45.70 53.11 -27.15
CA GLY C 327 45.10 53.32 -25.85
C GLY C 327 44.19 52.20 -25.40
N VAL C 328 44.22 51.06 -26.07
CA VAL C 328 43.37 49.93 -25.72
C VAL C 328 43.89 49.26 -24.46
N ASN C 329 42.97 48.78 -23.63
CA ASN C 329 43.34 48.02 -22.44
C ASN C 329 42.44 46.81 -22.22
N ALA C 330 41.83 46.29 -23.28
CA ALA C 330 41.01 45.08 -23.19
C ALA C 330 40.76 44.56 -24.59
N ILE C 331 41.18 43.33 -24.86
CA ILE C 331 40.97 42.68 -26.16
C ILE C 331 39.85 41.67 -26.00
N LEU C 332 38.85 41.75 -26.88
CA LEU C 332 37.69 40.86 -26.85
C LEU C 332 37.83 39.85 -27.97
N LEU C 333 38.42 38.70 -27.65
CA LEU C 333 38.64 37.65 -28.64
C LEU C 333 37.33 37.04 -29.09
N GLU C 334 37.25 36.71 -30.38
CA GLU C 334 36.13 35.95 -30.89
C GLU C 334 36.23 34.51 -30.40
N PRO C 335 35.14 33.74 -30.48
CA PRO C 335 35.13 32.39 -29.89
C PRO C 335 36.40 31.59 -30.18
N VAL C 336 37.02 31.08 -29.12
CA VAL C 336 38.22 30.26 -29.23
C VAL C 336 37.95 28.80 -28.91
N PHE C 337 36.70 28.44 -28.62
CA PHE C 337 36.38 27.04 -28.41
C PHE C 337 36.59 26.27 -29.71
N PRO C 338 36.92 24.98 -29.63
CA PRO C 338 37.00 24.18 -30.86
C PRO C 338 35.69 24.25 -31.62
N PHE C 339 35.79 24.41 -32.94
CA PHE C 339 34.61 24.63 -33.77
C PHE C 339 34.76 23.91 -35.10
N HIS C 340 33.62 23.50 -35.65
CA HIS C 340 33.60 22.89 -36.96
C HIS C 340 34.12 23.87 -37.99
N GLN C 341 35.02 23.41 -38.85
CA GLN C 341 35.60 24.28 -39.87
C GLN C 341 34.54 24.79 -40.83
N VAL C 342 33.45 24.03 -41.01
CA VAL C 342 32.43 24.43 -41.97
C VAL C 342 31.61 25.60 -41.43
N LYS C 343 31.10 25.47 -40.21
CA LYS C 343 30.16 26.47 -39.69
C LYS C 343 30.85 27.72 -39.18
N GLY C 344 32.05 27.59 -38.61
CA GLY C 344 32.80 28.73 -38.14
C GLY C 344 32.92 28.79 -36.63
N PRO C 345 33.60 29.83 -36.13
CA PRO C 345 33.88 29.90 -34.69
C PRO C 345 32.65 29.96 -33.80
N TYR C 346 31.49 30.36 -34.33
CA TYR C 346 30.32 30.59 -33.51
C TYR C 346 29.51 29.31 -33.25
N PHE C 347 30.02 28.15 -33.66
CA PHE C 347 29.35 26.87 -33.43
C PHE C 347 30.35 25.92 -32.79
N PRO C 348 30.49 25.95 -31.47
CA PRO C 348 31.52 25.15 -30.80
C PRO C 348 31.10 23.73 -30.51
N TYR C 349 32.08 22.84 -30.63
CA TYR C 349 31.92 21.44 -30.24
C TYR C 349 32.26 21.19 -28.78
N HIS C 350 33.18 21.98 -28.22
CA HIS C 350 33.80 21.69 -26.94
C HIS C 350 33.93 22.99 -26.16
N PHE C 351 33.96 22.87 -24.83
CA PHE C 351 33.86 24.04 -23.97
C PHE C 351 34.97 24.14 -22.91
N PHE C 352 36.06 23.38 -23.03
CA PHE C 352 37.06 23.34 -21.98
C PHE C 352 38.48 23.56 -22.47
N SER C 353 38.70 23.75 -23.76
CA SER C 353 40.03 23.97 -24.29
C SER C 353 39.95 24.95 -25.44
N PRO C 354 41.07 25.55 -25.84
CA PRO C 354 41.08 26.39 -27.05
C PRO C 354 41.21 25.56 -28.32
N MET C 355 40.94 26.22 -29.44
CA MET C 355 40.98 25.54 -30.72
C MET C 355 42.43 25.34 -31.16
N ASN C 356 42.73 24.15 -31.69
CA ASN C 356 44.11 23.80 -31.99
C ASN C 356 44.65 24.51 -33.24
N LEU C 357 43.77 24.99 -34.12
CA LEU C 357 44.23 25.76 -35.27
C LEU C 357 44.93 27.04 -34.84
N TYR C 358 44.68 27.52 -33.62
CA TYR C 358 45.29 28.73 -33.10
C TYR C 358 46.61 28.48 -32.40
N SER C 359 47.16 27.26 -32.50
CA SER C 359 48.45 26.93 -31.92
C SER C 359 49.48 26.77 -33.03
N SER C 360 50.75 27.02 -32.69
CA SER C 360 51.81 26.95 -33.69
C SER C 360 51.94 25.54 -34.25
N LYS C 361 51.91 24.54 -33.37
CA LYS C 361 52.04 23.14 -33.80
C LYS C 361 50.72 22.54 -34.26
N GLY C 362 49.61 23.26 -34.12
CA GLY C 362 48.32 22.73 -34.53
C GLY C 362 47.73 21.70 -33.58
N LEU C 363 48.19 21.67 -32.33
CA LEU C 363 47.71 20.71 -31.34
C LEU C 363 46.97 21.43 -30.22
N SER C 364 46.22 20.66 -29.44
CA SER C 364 45.45 21.24 -28.35
C SER C 364 46.32 21.58 -27.14
N VAL C 365 47.35 20.77 -26.85
CA VAL C 365 48.25 21.07 -25.75
C VAL C 365 49.05 22.33 -26.06
N SER C 366 49.60 22.39 -27.27
CA SER C 366 50.28 23.61 -27.71
C SER C 366 49.32 24.79 -27.70
N ALA C 367 48.05 24.55 -28.03
CA ALA C 367 47.06 25.63 -27.99
C ALA C 367 46.87 26.15 -26.58
N ILE C 368 46.76 25.24 -25.61
CA ILE C 368 46.62 25.66 -24.21
C ILE C 368 47.82 26.48 -23.79
N LYS C 369 49.02 25.98 -24.09
CA LYS C 369 50.22 26.70 -23.69
C LYS C 369 50.30 28.08 -24.34
N SER C 370 50.00 28.15 -25.64
CA SER C 370 50.10 29.43 -26.36
C SER C 370 49.09 30.43 -25.85
N MET C 371 47.85 29.99 -25.61
CA MET C 371 46.84 30.90 -25.10
C MET C 371 47.20 31.40 -23.70
N LYS C 372 47.72 30.52 -22.85
CA LYS C 372 48.14 30.96 -21.52
C LYS C 372 49.29 31.96 -21.63
N ASP C 373 50.21 31.74 -22.56
CA ASP C 373 51.29 32.69 -22.77
C ASP C 373 50.75 34.05 -23.22
N MET C 374 49.78 34.04 -24.15
CA MET C 374 49.19 35.29 -24.61
C MET C 374 48.51 36.02 -23.46
N VAL C 375 47.77 35.30 -22.62
CA VAL C 375 47.10 35.93 -21.49
C VAL C 375 48.14 36.49 -20.53
N ARG C 376 49.25 35.78 -20.32
CA ARG C 376 50.31 36.28 -19.46
C ARG C 376 50.87 37.58 -19.99
N VAL C 377 51.14 37.64 -21.30
CA VAL C 377 51.70 38.85 -21.89
C VAL C 377 50.73 40.01 -21.73
N MET C 378 49.45 39.78 -22.04
CA MET C 378 48.46 40.84 -21.90
C MET C 378 48.39 41.32 -20.46
N HIS C 379 48.34 40.40 -19.51
CA HIS C 379 48.20 40.80 -18.10
C HIS C 379 49.41 41.61 -17.65
N ARG C 380 50.62 41.18 -18.02
CA ARG C 380 51.80 41.94 -17.62
C ARG C 380 51.90 43.27 -18.36
N ASN C 381 51.19 43.43 -19.49
CA ASN C 381 51.13 44.70 -20.19
C ASN C 381 49.94 45.55 -19.76
N GLY C 382 49.14 45.09 -18.80
CA GLY C 382 48.02 45.87 -18.31
C GLY C 382 46.76 45.80 -19.14
N ILE C 383 46.67 44.83 -20.05
CA ILE C 383 45.53 44.66 -20.94
C ILE C 383 44.76 43.43 -20.51
N GLU C 384 43.45 43.59 -20.32
CA GLU C 384 42.59 42.47 -19.96
C GLU C 384 42.25 41.63 -21.19
N VAL C 385 41.87 40.38 -20.93
CA VAL C 385 41.47 39.45 -21.97
C VAL C 385 40.02 39.05 -21.72
N LEU C 386 39.17 39.22 -22.74
CA LEU C 386 37.77 38.87 -22.66
C LEU C 386 37.44 37.90 -23.78
N LEU C 387 36.74 36.81 -23.43
CA LEU C 387 36.43 35.75 -24.37
C LEU C 387 34.96 35.79 -24.73
N GLU C 388 34.67 35.83 -26.03
CA GLU C 388 33.31 35.63 -26.52
C GLU C 388 32.99 34.14 -26.46
N VAL C 389 31.97 33.79 -25.69
CA VAL C 389 31.63 32.40 -25.44
C VAL C 389 30.22 32.14 -25.95
N VAL C 390 30.06 31.09 -26.76
CA VAL C 390 28.77 30.67 -27.27
C VAL C 390 28.32 29.47 -26.43
N PHE C 391 27.29 29.66 -25.61
CA PHE C 391 26.75 28.61 -24.78
C PHE C 391 25.27 28.36 -25.09
N THR C 392 24.80 28.78 -26.26
CA THR C 392 23.40 28.64 -26.63
C THR C 392 23.16 27.53 -27.65
N HIS C 393 24.21 27.01 -28.26
CA HIS C 393 24.07 25.99 -29.29
C HIS C 393 25.45 25.41 -29.58
N THR C 394 25.48 24.35 -30.38
CA THR C 394 26.72 23.68 -30.76
C THR C 394 26.65 23.36 -32.25
N ALA C 395 27.75 22.82 -32.76
CA ALA C 395 27.85 22.44 -34.16
C ALA C 395 27.33 21.04 -34.43
N GLU C 396 26.88 20.32 -33.40
CA GLU C 396 26.36 18.98 -33.58
C GLU C 396 25.00 19.03 -34.30
N GLY C 397 24.66 17.93 -34.97
CA GLY C 397 23.46 17.84 -35.77
C GLY C 397 22.50 16.77 -35.26
N GLU C 398 21.28 16.83 -35.80
CA GLU C 398 20.25 15.87 -35.41
C GLU C 398 20.66 14.45 -35.80
N SER C 399 21.27 14.29 -36.97
CA SER C 399 21.63 12.97 -37.46
C SER C 399 22.73 12.35 -36.61
N GLU C 400 23.15 11.15 -36.98
CA GLU C 400 24.21 10.45 -36.26
C GLU C 400 25.59 10.77 -36.81
N CYS C 401 25.68 11.23 -38.06
CA CYS C 401 26.98 11.61 -38.61
C CYS C 401 27.52 12.87 -37.96
N GLN C 402 26.64 13.82 -37.63
CA GLN C 402 27.08 15.06 -37.01
C GLN C 402 27.40 14.87 -35.53
N THR C 403 26.78 13.90 -34.87
CA THR C 403 26.98 13.69 -33.45
C THR C 403 28.46 13.40 -33.15
N ILE C 404 29.02 14.15 -32.20
CA ILE C 404 30.41 13.94 -31.78
C ILE C 404 30.51 13.78 -30.27
N SER C 405 30.03 14.76 -29.52
CA SER C 405 30.38 14.88 -28.10
C SER C 405 29.22 14.52 -27.18
N MET C 406 28.10 15.23 -27.25
CA MET C 406 27.00 15.04 -26.31
C MET C 406 25.64 14.86 -26.96
N ARG C 407 25.50 15.11 -28.26
CA ARG C 407 24.30 14.70 -28.97
C ARG C 407 24.16 13.19 -28.96
N GLY C 408 25.24 12.47 -28.67
CA GLY C 408 25.21 11.02 -28.57
C GLY C 408 25.10 10.52 -27.14
N ILE C 409 25.88 11.10 -26.23
CA ILE C 409 25.91 10.64 -24.85
C ILE C 409 24.53 10.73 -24.24
N ASP C 410 23.98 11.95 -24.18
CA ASP C 410 22.63 12.16 -23.65
C ASP C 410 22.11 13.47 -24.25
N ASN C 411 21.37 13.35 -25.36
CA ASN C 411 20.87 14.52 -26.06
C ASN C 411 19.51 14.98 -25.54
N SER C 412 18.87 14.20 -24.66
CA SER C 412 17.64 14.65 -24.04
C SER C 412 17.92 15.68 -22.95
N SER C 413 19.09 15.60 -22.33
CA SER C 413 19.48 16.53 -21.27
C SER C 413 20.19 17.76 -21.82
N TYR C 414 21.10 17.57 -22.78
CA TYR C 414 21.95 18.65 -23.26
C TYR C 414 21.29 19.51 -24.33
N TYR C 415 20.14 19.10 -24.88
CA TYR C 415 19.58 19.79 -26.03
C TYR C 415 18.07 19.90 -25.90
N ILE C 416 17.52 20.87 -26.63
CA ILE C 416 16.08 21.10 -26.64
C ILE C 416 15.40 20.12 -27.60
N ALA C 417 14.16 19.78 -27.29
CA ALA C 417 13.42 18.83 -28.11
C ALA C 417 13.19 19.43 -29.50
N ASN C 418 13.77 18.79 -30.52
CA ASN C 418 13.63 19.22 -31.91
C ASN C 418 14.18 20.63 -32.14
N GLY C 419 14.99 21.14 -31.21
CA GLY C 419 15.54 22.47 -31.39
C GLY C 419 14.44 23.51 -31.47
N ILE C 420 14.64 24.49 -32.35
CA ILE C 420 13.70 25.59 -32.54
C ILE C 420 13.28 25.61 -34.00
N ALA C 421 12.34 26.50 -34.31
CA ALA C 421 11.89 26.67 -35.67
C ALA C 421 12.95 27.36 -36.52
N GLY C 422 13.09 26.92 -37.76
CA GLY C 422 14.00 27.56 -38.69
C GLY C 422 15.44 27.58 -38.26
N CYS C 423 15.94 26.51 -37.65
CA CYS C 423 17.34 26.45 -37.24
C CYS C 423 17.74 24.99 -37.07
N LYS C 424 18.67 24.53 -37.92
CA LYS C 424 19.15 23.16 -37.82
C LYS C 424 20.14 22.98 -36.66
N ALA C 425 20.85 24.04 -36.29
CA ALA C 425 21.84 23.93 -35.23
C ALA C 425 21.20 23.46 -33.94
N SER C 426 21.91 22.59 -33.23
CA SER C 426 21.40 22.03 -31.98
C SER C 426 21.37 23.11 -30.91
N ILE C 427 20.21 23.35 -30.33
CA ILE C 427 20.04 24.38 -29.31
C ILE C 427 20.22 23.73 -27.95
N LEU C 428 21.19 24.23 -27.18
CA LEU C 428 21.49 23.64 -25.88
C LEU C 428 20.36 23.91 -24.90
N ASN C 429 20.11 22.93 -24.02
CA ASN C 429 19.17 23.10 -22.91
C ASN C 429 19.93 23.81 -21.79
N CYS C 430 20.07 25.12 -21.95
CA CYS C 430 20.97 25.89 -21.08
C CYS C 430 20.53 25.85 -19.63
N ASN C 431 19.23 25.73 -19.38
CA ASN C 431 18.70 25.81 -18.02
C ASN C 431 18.42 24.43 -17.42
N HIS C 432 18.84 23.37 -18.09
CA HIS C 432 18.83 22.05 -17.47
C HIS C 432 20.00 21.95 -16.50
N PRO C 433 19.81 21.45 -15.28
CA PRO C 433 20.90 21.49 -14.29
C PRO C 433 22.21 20.89 -14.77
N VAL C 434 22.16 19.82 -15.57
CA VAL C 434 23.40 19.23 -16.07
C VAL C 434 24.11 20.21 -16.99
N THR C 435 23.38 20.85 -17.90
CA THR C 435 23.99 21.83 -18.79
C THR C 435 24.45 23.07 -18.02
N GLN C 436 23.69 23.47 -17.00
CA GLN C 436 24.14 24.55 -16.13
C GLN C 436 25.49 24.22 -15.51
N LYS C 437 25.62 23.00 -14.98
CA LYS C 437 26.88 22.61 -14.38
C LYS C 437 28.01 22.58 -15.40
N LEU C 438 27.72 22.07 -16.61
CA LEU C 438 28.75 22.04 -17.64
C LEU C 438 29.23 23.45 -17.97
N ILE C 439 28.30 24.38 -18.18
CA ILE C 439 28.67 25.74 -18.55
C ILE C 439 29.41 26.43 -17.41
N LEU C 440 28.93 26.26 -16.17
CA LEU C 440 29.57 26.90 -15.03
C LEU C 440 30.98 26.35 -14.81
N ASP C 441 31.15 25.03 -14.96
CA ASP C 441 32.47 24.44 -14.86
C ASP C 441 33.37 24.96 -15.98
N SER C 442 32.82 25.15 -17.18
CA SER C 442 33.61 25.72 -18.26
C SER C 442 34.08 27.13 -17.92
N LEU C 443 33.18 27.96 -17.42
CA LEU C 443 33.55 29.33 -17.08
C LEU C 443 34.59 29.35 -15.96
N ARG C 444 34.39 28.52 -14.94
CA ARG C 444 35.36 28.46 -13.85
C ARG C 444 36.71 27.96 -14.35
N HIS C 445 36.71 27.02 -15.30
CA HIS C 445 37.98 26.56 -15.87
C HIS C 445 38.66 27.68 -16.65
N TRP C 446 37.90 28.45 -17.42
CA TRP C 446 38.51 29.51 -18.21
C TRP C 446 38.98 30.68 -17.33
N VAL C 447 38.41 30.84 -16.14
CA VAL C 447 38.85 31.89 -15.23
C VAL C 447 40.03 31.45 -14.38
N LEU C 448 39.87 30.32 -13.66
CA LEU C 448 40.89 29.89 -12.73
C LEU C 448 42.11 29.29 -13.43
N ASP C 449 41.91 28.72 -14.61
CA ASP C 449 43.00 28.04 -15.32
C ASP C 449 43.70 28.95 -16.31
N PHE C 450 42.94 29.64 -17.16
CA PHE C 450 43.50 30.48 -18.20
C PHE C 450 43.57 31.95 -17.81
N HIS C 451 43.14 32.30 -16.59
CA HIS C 451 43.24 33.68 -16.09
C HIS C 451 42.55 34.66 -17.03
N VAL C 452 41.32 34.34 -17.41
CA VAL C 452 40.52 35.21 -18.25
C VAL C 452 39.81 36.24 -17.38
N ASP C 453 39.66 37.44 -17.91
CA ASP C 453 39.12 38.56 -17.14
C ASP C 453 37.62 38.76 -17.30
N GLY C 454 37.02 38.22 -18.35
CA GLY C 454 35.60 38.39 -18.56
C GLY C 454 35.13 37.60 -19.76
N PHE C 455 33.81 37.55 -19.92
CA PHE C 455 33.18 36.83 -21.00
C PHE C 455 32.10 37.70 -21.64
N CYS C 456 31.99 37.61 -22.95
CA CYS C 456 30.93 38.26 -23.71
C CYS C 456 30.05 37.16 -24.28
N PHE C 457 28.90 36.95 -23.65
CA PHE C 457 28.01 35.84 -23.99
C PHE C 457 27.25 36.16 -25.27
N ILE C 458 27.66 35.54 -26.37
CA ILE C 458 26.97 35.72 -27.64
C ILE C 458 25.58 35.13 -27.55
N ASN C 459 24.61 35.80 -28.18
CA ASN C 459 23.23 35.34 -28.19
C ASN C 459 22.69 35.24 -26.76
N ALA C 460 23.08 36.18 -25.91
CA ALA C 460 22.71 36.12 -24.50
C ALA C 460 21.21 35.99 -24.26
N PRO C 461 20.33 36.69 -24.99
CA PRO C 461 18.89 36.51 -24.75
C PRO C 461 18.45 35.06 -24.82
N PHE C 462 19.04 34.26 -25.72
CA PHE C 462 18.68 32.86 -25.84
C PHE C 462 18.83 32.13 -24.50
N LEU C 463 19.78 32.56 -23.67
CA LEU C 463 20.00 31.89 -22.39
C LEU C 463 18.84 32.02 -21.43
N VAL C 464 17.87 32.91 -21.70
CA VAL C 464 16.73 33.06 -20.82
C VAL C 464 15.60 32.09 -21.14
N ARG C 465 15.71 31.35 -22.25
CA ARG C 465 14.62 30.48 -22.68
C ARG C 465 14.71 29.13 -22.00
N GLY C 466 13.55 28.60 -21.61
CA GLY C 466 13.47 27.33 -20.91
C GLY C 466 13.47 26.14 -21.86
N PRO C 467 13.31 24.94 -21.30
CA PRO C 467 13.38 23.73 -22.13
C PRO C 467 12.38 23.71 -23.28
N GLY C 468 11.18 24.25 -23.07
CA GLY C 468 10.15 24.22 -24.08
C GLY C 468 10.18 25.38 -25.06
N GLY C 469 11.27 26.14 -25.11
CA GLY C 469 11.34 27.29 -25.96
C GLY C 469 10.67 28.53 -25.41
N GLU C 470 10.06 28.43 -24.23
CA GLU C 470 9.41 29.58 -23.63
C GLU C 470 10.45 30.56 -23.10
N TYR C 471 9.97 31.73 -22.68
CA TYR C 471 10.83 32.73 -22.05
C TYR C 471 10.64 32.65 -20.54
N LEU C 472 11.71 32.33 -19.82
CA LEU C 472 11.65 32.18 -18.38
C LEU C 472 11.70 33.54 -17.71
N SER C 473 10.80 33.77 -16.76
CA SER C 473 10.86 34.98 -15.95
C SER C 473 12.01 34.96 -14.97
N ARG C 474 12.49 33.77 -14.59
CA ARG C 474 13.58 33.60 -13.64
C ARG C 474 14.59 32.61 -14.21
N PRO C 475 15.39 33.02 -15.19
CA PRO C 475 16.38 32.11 -15.79
C PRO C 475 17.38 31.63 -14.75
N PRO C 476 17.43 30.33 -14.46
CA PRO C 476 18.38 29.86 -13.44
C PRO C 476 19.84 29.97 -13.84
N LEU C 477 20.17 29.76 -15.12
CA LEU C 477 21.57 29.78 -15.53
C LEU C 477 22.18 31.17 -15.35
N LEU C 478 21.46 32.22 -15.74
CA LEU C 478 21.99 33.56 -15.58
C LEU C 478 22.15 33.92 -14.11
N GLU C 479 21.21 33.50 -13.28
CA GLU C 479 21.34 33.71 -11.84
C GLU C 479 22.57 33.00 -11.28
N ALA C 480 22.81 31.76 -11.73
CA ALA C 480 23.98 31.03 -11.27
C ALA C 480 25.26 31.72 -11.71
N ILE C 481 25.29 32.21 -12.95
CA ILE C 481 26.49 32.92 -13.43
C ILE C 481 26.73 34.18 -12.61
N THR C 482 25.66 34.93 -12.32
CA THR C 482 25.82 36.21 -11.66
C THR C 482 26.35 36.04 -10.23
N PHE C 483 25.91 34.99 -9.53
CA PHE C 483 26.24 34.80 -8.13
C PHE C 483 27.17 33.61 -7.92
N ASP C 484 28.00 33.30 -8.90
CA ASP C 484 29.02 32.28 -8.72
C ASP C 484 30.18 32.86 -7.91
N PRO C 485 30.51 32.28 -6.75
CA PRO C 485 31.56 32.91 -5.92
C PRO C 485 32.88 33.11 -6.64
N VAL C 486 33.30 32.13 -7.45
CA VAL C 486 34.59 32.23 -8.12
C VAL C 486 34.58 33.37 -9.14
N LEU C 487 33.46 33.59 -9.80
CA LEU C 487 33.36 34.53 -10.92
C LEU C 487 32.92 35.92 -10.50
N SER C 488 32.85 36.20 -9.20
CA SER C 488 32.31 37.48 -8.75
C SER C 488 33.13 38.68 -9.23
N MET C 489 34.40 38.48 -9.54
CA MET C 489 35.28 39.58 -9.94
C MET C 489 35.51 39.65 -11.45
N THR C 490 34.93 38.73 -12.22
CA THR C 490 35.09 38.77 -13.66
C THR C 490 33.93 39.53 -14.31
N LYS C 491 34.23 40.17 -15.43
CA LYS C 491 33.23 40.93 -16.16
C LYS C 491 32.36 40.00 -16.99
N ILE C 492 31.06 40.26 -16.99
CA ILE C 492 30.10 39.49 -17.77
C ILE C 492 29.30 40.46 -18.62
N ILE C 493 29.27 40.21 -19.94
CA ILE C 493 28.69 41.12 -20.91
C ILE C 493 27.69 40.33 -21.75
N ALA C 494 26.50 40.88 -21.93
CA ALA C 494 25.43 40.24 -22.68
C ALA C 494 25.43 40.79 -24.10
N ASP C 495 25.48 39.90 -25.09
CA ASP C 495 25.58 40.29 -26.49
C ASP C 495 24.33 39.84 -27.24
N PRO C 496 23.41 40.75 -27.57
CA PRO C 496 22.15 40.31 -28.22
C PRO C 496 22.35 39.71 -29.60
N TRP C 497 23.45 39.99 -30.29
CA TRP C 497 23.63 39.47 -31.63
C TRP C 497 23.76 37.95 -31.61
N SER C 498 23.14 37.30 -32.59
CA SER C 498 23.07 35.86 -32.65
C SER C 498 23.62 35.36 -33.99
N PRO C 499 24.55 34.40 -33.99
CA PRO C 499 24.99 33.84 -35.28
C PRO C 499 23.89 33.12 -36.03
N LEU C 500 22.83 32.70 -35.34
CA LEU C 500 21.75 31.99 -35.98
C LEU C 500 20.96 32.93 -36.89
N ASP C 501 19.91 32.38 -37.51
CA ASP C 501 19.07 33.12 -38.43
C ASP C 501 17.73 33.51 -37.82
N ILE C 502 17.60 33.43 -36.50
CA ILE C 502 16.34 33.69 -35.81
C ILE C 502 16.59 34.80 -34.80
N SER C 503 16.11 36.01 -35.11
CA SER C 503 16.13 37.09 -34.13
C SER C 503 15.11 36.80 -33.03
N ASN C 504 15.54 36.90 -31.78
CA ASN C 504 14.71 36.38 -30.70
C ASN C 504 13.62 37.36 -30.28
N VAL C 505 14.00 38.45 -29.60
CA VAL C 505 13.07 39.49 -29.20
C VAL C 505 13.83 40.63 -28.56
N GLN C 506 13.27 41.84 -28.57
CA GLN C 506 13.71 42.90 -27.70
C GLN C 506 12.96 42.80 -26.38
N PHE C 507 13.68 42.68 -25.27
CA PHE C 507 13.07 42.42 -23.98
C PHE C 507 14.05 42.82 -22.88
N PRO C 508 13.60 42.89 -21.63
CA PRO C 508 14.48 43.34 -20.54
C PRO C 508 15.41 42.26 -20.00
N PHE C 509 16.57 42.11 -20.62
CA PHE C 509 17.56 41.15 -20.13
C PHE C 509 17.90 41.44 -18.68
N PRO C 510 17.81 40.46 -17.78
CA PRO C 510 18.13 40.72 -16.37
C PRO C 510 19.63 40.88 -16.17
N HIS C 511 20.00 41.77 -15.25
CA HIS C 511 21.40 42.09 -15.02
C HIS C 511 21.84 42.10 -13.56
N TRP C 512 20.94 42.35 -12.61
CA TRP C 512 21.32 42.43 -11.19
C TRP C 512 22.36 43.51 -10.94
N LYS C 513 22.38 44.54 -11.78
CA LYS C 513 23.37 45.62 -11.71
C LYS C 513 24.79 45.08 -11.86
N ARG C 514 24.95 43.98 -12.57
CA ARG C 514 26.26 43.36 -12.78
C ARG C 514 26.56 43.11 -14.25
N TRP C 515 25.56 42.74 -15.04
CA TRP C 515 25.78 42.48 -16.46
C TRP C 515 25.92 43.78 -17.22
N ALA C 516 26.98 43.89 -18.01
CA ALA C 516 27.03 44.89 -19.07
C ALA C 516 26.26 44.37 -20.27
N GLU C 517 26.02 45.24 -21.25
CA GLU C 517 25.35 44.85 -22.47
C GLU C 517 25.98 45.56 -23.66
N VAL C 518 26.00 44.88 -24.80
CA VAL C 518 26.38 45.52 -26.05
C VAL C 518 25.19 46.30 -26.58
N ASN C 519 25.39 47.59 -26.84
CA ASN C 519 24.31 48.51 -27.18
C ASN C 519 24.25 48.64 -28.70
N THR C 520 23.47 47.77 -29.34
CA THR C 520 23.23 47.88 -30.78
C THR C 520 22.40 49.11 -31.10
N ARG C 521 21.51 49.50 -30.19
CA ARG C 521 20.73 50.72 -30.37
C ARG C 521 21.65 51.92 -30.57
N PHE C 522 22.79 51.95 -29.88
CA PHE C 522 23.77 53.00 -30.10
C PHE C 522 24.22 53.04 -31.55
N SER C 523 24.60 51.88 -32.09
CA SER C 523 25.03 51.82 -33.48
C SER C 523 23.94 52.33 -34.40
N ILE C 524 22.72 51.84 -34.23
CA ILE C 524 21.62 52.20 -35.13
C ILE C 524 21.37 53.71 -35.07
N ASP C 525 21.30 54.26 -33.86
CA ASP C 525 20.96 55.68 -33.72
C ASP C 525 22.08 56.56 -34.28
N VAL C 526 23.33 56.24 -34.01
CA VAL C 526 24.43 57.05 -34.52
C VAL C 526 24.47 56.99 -36.04
N ARG C 527 24.31 55.79 -36.60
CA ARG C 527 24.29 55.65 -38.05
C ARG C 527 23.17 56.47 -38.66
N LYS C 528 21.97 56.39 -38.08
CA LYS C 528 20.84 57.15 -38.61
C LYS C 528 21.08 58.65 -38.51
N PHE C 529 21.60 59.11 -37.38
CA PHE C 529 21.85 60.54 -37.23
C PHE C 529 22.85 61.04 -38.27
N LEU C 530 23.94 60.30 -38.47
CA LEU C 530 24.88 60.70 -39.52
C LEU C 530 24.29 60.55 -40.90
N LYS C 531 23.25 59.73 -41.05
CA LYS C 531 22.56 59.56 -42.32
C LYS C 531 21.39 60.54 -42.49
N ARG C 532 21.10 61.35 -41.47
CA ARG C 532 20.05 62.37 -41.53
C ARG C 532 18.65 61.74 -41.60
N GLU C 533 18.42 60.71 -40.79
CA GLU C 533 17.10 60.09 -40.68
C GLU C 533 16.78 59.76 -39.23
N ALA C 534 17.14 60.67 -38.32
CA ALA C 534 16.85 60.46 -36.90
C ALA C 534 16.75 61.81 -36.20
N LEU C 535 15.93 61.85 -35.16
CA LEU C 535 15.80 63.07 -34.36
C LEU C 535 17.04 63.26 -33.50
N ILE C 536 17.40 64.52 -33.27
CA ILE C 536 18.56 64.81 -32.44
C ILE C 536 18.36 64.32 -31.01
N SER C 537 17.12 64.07 -30.60
CA SER C 537 16.88 63.51 -29.28
C SER C 537 17.53 62.14 -29.14
N ASP C 538 17.52 61.35 -30.22
CA ASP C 538 18.17 60.04 -30.17
C ASP C 538 19.67 60.19 -29.93
N LEU C 539 20.33 61.10 -30.64
CA LEU C 539 21.75 61.32 -30.42
C LEU C 539 22.00 61.84 -29.01
N ALA C 540 21.11 62.70 -28.51
CA ALA C 540 21.26 63.18 -27.13
C ALA C 540 21.16 62.04 -26.13
N THR C 541 20.22 61.12 -26.35
CA THR C 541 20.08 59.97 -25.46
C THR C 541 21.32 59.09 -25.51
N ARG C 542 21.85 58.85 -26.71
CA ARG C 542 22.99 57.93 -26.83
C ARG C 542 24.29 58.56 -26.35
N LEU C 543 24.41 59.88 -26.46
CA LEU C 543 25.64 60.55 -26.02
C LEU C 543 25.75 60.56 -24.50
N CYS C 544 24.63 60.56 -23.79
CA CYS C 544 24.63 60.70 -22.34
C CYS C 544 24.67 59.35 -21.63
N GLY C 545 25.00 58.28 -22.33
CA GLY C 545 25.14 56.98 -21.72
C GLY C 545 23.97 56.02 -21.90
N SER C 546 23.01 56.36 -22.76
CA SER C 546 21.85 55.51 -23.00
C SER C 546 21.14 55.18 -21.69
N GLY C 547 20.81 56.25 -20.94
CA GLY C 547 20.22 56.07 -19.63
C GLY C 547 18.87 55.38 -19.65
N ASP C 548 18.18 55.41 -20.79
CA ASP C 548 16.90 54.71 -20.87
C ASP C 548 17.07 53.21 -20.64
N LEU C 549 18.20 52.66 -21.06
CA LEU C 549 18.50 51.24 -20.89
C LEU C 549 19.32 50.94 -19.66
N PHE C 550 20.24 51.82 -19.29
CA PHE C 550 21.16 51.60 -18.17
C PHE C 550 20.92 52.63 -17.07
N SER C 551 19.66 52.97 -16.83
CA SER C 551 19.34 53.97 -15.81
C SER C 551 19.81 53.53 -14.44
N THR C 552 19.61 52.26 -14.10
CA THR C 552 19.90 51.75 -12.77
C THR C 552 21.30 51.17 -12.65
N ARG C 553 22.09 51.17 -13.73
CA ARG C 553 23.43 50.60 -13.72
C ARG C 553 24.50 51.68 -13.82
N GLY C 554 24.45 52.52 -14.85
CA GLY C 554 25.45 53.52 -15.08
C GLY C 554 25.91 53.51 -16.52
N PRO C 555 26.53 54.60 -16.97
CA PRO C 555 27.00 54.64 -18.37
C PRO C 555 28.03 53.57 -18.69
N ALA C 556 28.84 53.17 -17.70
CA ALA C 556 29.93 52.22 -17.97
C ALA C 556 29.40 50.86 -18.43
N PHE C 557 28.16 50.52 -18.10
CA PHE C 557 27.58 49.24 -18.49
C PHE C 557 27.03 49.24 -19.91
N SER C 558 27.28 50.30 -20.68
CA SER C 558 26.82 50.41 -22.06
C SER C 558 28.04 50.28 -22.97
N PHE C 559 28.16 49.13 -23.63
CA PHE C 559 29.28 48.86 -24.53
C PHE C 559 28.90 49.39 -25.91
N ASN C 560 29.27 50.64 -26.17
CA ASN C 560 28.92 51.29 -27.42
C ASN C 560 29.74 50.74 -28.58
N HIS C 561 29.17 50.79 -29.78
CA HIS C 561 29.89 50.39 -30.98
C HIS C 561 29.17 50.95 -32.19
N VAL C 562 29.95 51.17 -33.26
CA VAL C 562 29.42 51.62 -34.54
C VAL C 562 29.71 50.64 -35.66
N SER C 563 30.45 49.58 -35.41
CA SER C 563 30.78 48.59 -36.43
C SER C 563 31.19 47.31 -35.74
N ARG C 564 30.75 46.18 -36.30
CA ARG C 564 30.94 44.88 -35.66
C ARG C 564 31.73 43.96 -36.59
N ASN C 565 32.12 42.81 -36.04
CA ASN C 565 32.73 41.77 -36.87
C ASN C 565 31.86 41.43 -38.06
N SER C 566 30.54 41.46 -37.87
CA SER C 566 29.61 41.28 -38.96
C SER C 566 29.21 42.64 -39.53
N GLY C 567 28.25 42.64 -40.44
CA GLY C 567 27.78 43.89 -40.98
C GLY C 567 28.85 44.60 -41.80
N LEU C 568 28.66 45.91 -41.96
CA LEU C 568 29.57 46.74 -42.73
C LEU C 568 30.61 47.37 -41.81
N SER C 569 31.85 47.43 -42.28
CA SER C 569 32.91 48.10 -41.55
C SER C 569 32.72 49.62 -41.65
N LEU C 570 33.64 50.37 -41.04
CA LEU C 570 33.56 51.82 -41.10
C LEU C 570 33.62 52.31 -42.54
N VAL C 571 34.63 51.86 -43.29
CA VAL C 571 34.77 52.27 -44.69
C VAL C 571 33.65 51.73 -45.56
N ASP C 572 32.88 50.75 -45.07
CA ASP C 572 31.74 50.24 -45.80
C ASP C 572 30.43 50.93 -45.43
N LEU C 573 30.37 51.59 -44.28
CA LEU C 573 29.20 52.38 -43.91
C LEU C 573 29.14 53.71 -44.66
N VAL C 574 30.24 54.11 -45.31
CA VAL C 574 30.31 55.38 -46.03
C VAL C 574 30.43 55.19 -47.53
N SER C 575 30.48 53.95 -48.00
CA SER C 575 30.71 53.70 -49.43
C SER C 575 29.62 52.81 -50.03
N PHE C 576 29.15 51.83 -49.27
CA PHE C 576 28.18 50.85 -49.76
C PHE C 576 26.82 51.15 -49.15
N SER C 577 25.87 51.58 -49.98
CA SER C 577 24.50 51.89 -49.55
C SER C 577 23.57 51.57 -50.72
N ASN C 578 22.99 50.37 -50.68
CA ASN C 578 22.04 49.95 -51.71
C ASN C 578 20.76 49.42 -51.05
N ASP C 579 19.87 48.84 -51.86
CA ASP C 579 18.60 48.36 -51.33
C ASP C 579 18.80 47.25 -50.31
N ASP C 580 19.73 46.32 -50.57
CA ASP C 580 19.96 45.22 -49.64
C ASP C 580 20.61 45.65 -48.34
N LEU C 581 21.34 46.77 -48.34
CA LEU C 581 22.03 47.26 -47.17
C LEU C 581 21.26 48.33 -46.42
N LEU C 582 19.95 48.44 -46.67
CA LEU C 582 19.15 49.42 -45.92
C LEU C 582 19.10 49.08 -44.45
N SER C 583 19.25 47.80 -44.10
CA SER C 583 19.24 47.40 -42.69
C SER C 583 20.47 47.90 -41.95
N GLU C 584 21.55 48.21 -42.67
CA GLU C 584 22.77 48.72 -42.05
C GLU C 584 22.74 50.22 -41.84
N SER C 585 21.70 50.90 -42.30
CA SER C 585 21.57 52.35 -42.12
C SER C 585 22.83 53.07 -42.61
N SER C 586 23.32 52.66 -43.77
CA SER C 586 24.54 53.20 -44.34
C SER C 586 24.24 54.17 -45.47
N TRP C 587 25.20 55.05 -45.73
CA TRP C 587 25.09 56.05 -46.78
C TRP C 587 26.31 55.95 -47.69
N ASN C 588 26.08 55.92 -49.00
CA ASN C 588 27.16 55.77 -49.97
C ASN C 588 27.91 57.07 -50.22
N CYS C 589 27.47 58.19 -49.66
CA CYS C 589 28.13 59.48 -49.82
C CYS C 589 28.13 59.93 -51.28
N GLY C 590 27.08 59.56 -52.02
CA GLY C 590 26.86 60.08 -53.36
C GLY C 590 27.24 59.16 -54.50
N GLU C 591 27.89 58.03 -54.24
CA GLU C 591 28.27 57.11 -55.31
C GLU C 591 28.54 55.74 -54.71
N GLU C 592 27.73 54.75 -55.08
CA GLU C 592 27.89 53.40 -54.54
C GLU C 592 29.24 52.83 -54.96
N GLY C 593 29.93 52.20 -54.01
CA GLY C 593 31.20 51.58 -54.27
C GLY C 593 32.33 52.59 -54.28
N PRO C 594 33.58 52.11 -54.37
CA PRO C 594 34.71 53.04 -54.40
C PRO C 594 34.64 53.95 -55.61
N SER C 595 35.12 55.18 -55.43
CA SER C 595 35.02 56.20 -56.46
C SER C 595 36.26 57.11 -56.40
N GLU C 596 36.31 58.06 -57.33
CA GLU C 596 37.40 59.03 -57.40
C GLU C 596 36.91 60.46 -57.20
N ASN C 597 35.60 60.67 -57.10
CA ASN C 597 35.06 62.01 -56.88
C ASN C 597 35.64 62.60 -55.60
N SER C 598 36.41 63.69 -55.73
CA SER C 598 37.13 64.22 -54.58
C SER C 598 36.18 64.63 -53.46
N ALA C 599 35.07 65.29 -53.81
CA ALA C 599 34.12 65.70 -52.79
C ALA C 599 33.56 64.50 -52.04
N VAL C 600 33.24 63.43 -52.76
CA VAL C 600 32.69 62.23 -52.12
C VAL C 600 33.71 61.63 -51.16
N LEU C 601 34.98 61.56 -51.58
CA LEU C 601 36.01 61.00 -50.70
C LEU C 601 36.21 61.87 -49.46
N GLN C 602 36.20 63.19 -49.64
CA GLN C 602 36.30 64.07 -48.47
C GLN C 602 35.13 63.86 -47.52
N THR C 603 33.92 63.73 -48.07
CA THR C 603 32.76 63.48 -47.24
C THR C 603 32.90 62.15 -46.50
N ARG C 604 33.42 61.13 -47.17
CA ARG C 604 33.60 59.83 -46.53
C ARG C 604 34.61 59.91 -45.40
N LEU C 605 35.72 60.63 -45.61
CA LEU C 605 36.70 60.80 -44.55
C LEU C 605 36.07 61.52 -43.36
N ARG C 606 35.29 62.57 -43.64
CA ARG C 606 34.61 63.28 -42.56
C ARG C 606 33.65 62.36 -41.82
N GLN C 607 32.95 61.49 -42.55
CA GLN C 607 32.00 60.57 -41.92
C GLN C 607 32.71 59.57 -41.03
N ILE C 608 33.86 59.04 -41.48
CA ILE C 608 34.62 58.12 -40.65
C ILE C 608 35.09 58.82 -39.37
N ARG C 609 35.60 60.05 -39.53
CA ARG C 609 36.02 60.80 -38.35
C ARG C 609 34.86 61.04 -37.41
N ASN C 610 33.68 61.37 -37.95
CA ASN C 610 32.51 61.61 -37.12
C ASN C 610 32.10 60.35 -36.38
N PHE C 611 32.12 59.19 -37.06
CA PHE C 611 31.78 57.93 -36.40
C PHE C 611 32.71 57.68 -35.22
N LEU C 612 34.02 57.78 -35.44
CA LEU C 612 34.96 57.54 -34.35
C LEU C 612 34.77 58.56 -33.24
N PHE C 613 34.53 59.83 -33.60
CA PHE C 613 34.37 60.88 -32.61
C PHE C 613 33.16 60.61 -31.73
N ILE C 614 32.02 60.27 -32.33
CA ILE C 614 30.82 59.97 -31.55
C ILE C 614 31.06 58.74 -30.69
N LEU C 615 31.76 57.73 -31.23
CA LEU C 615 32.02 56.53 -30.45
C LEU C 615 32.84 56.84 -29.20
N PHE C 616 33.85 57.70 -29.34
CA PHE C 616 34.76 57.94 -28.22
C PHE C 616 34.38 59.13 -27.35
N VAL C 617 33.33 59.88 -27.70
CA VAL C 617 32.87 60.97 -26.84
C VAL C 617 31.58 60.64 -26.10
N SER C 618 30.88 59.58 -26.49
CA SER C 618 29.70 59.17 -25.77
C SER C 618 30.09 58.55 -24.42
N LEU C 619 29.13 58.52 -23.50
CA LEU C 619 29.34 57.92 -22.21
C LEU C 619 29.15 56.40 -22.31
N GLY C 620 30.17 55.65 -21.93
CA GLY C 620 30.13 54.21 -21.99
C GLY C 620 31.50 53.65 -22.29
N VAL C 621 31.53 52.39 -22.69
CA VAL C 621 32.76 51.69 -23.04
C VAL C 621 32.83 51.59 -24.56
N PRO C 622 33.73 52.31 -25.23
CA PRO C 622 33.84 52.16 -26.69
C PRO C 622 34.41 50.81 -27.05
N VAL C 623 33.75 50.13 -27.98
CA VAL C 623 34.15 48.81 -28.45
C VAL C 623 34.58 48.98 -29.91
N LEU C 624 35.87 48.80 -30.16
CA LEU C 624 36.47 49.03 -31.47
C LEU C 624 36.65 47.70 -32.19
N ASN C 625 35.99 47.55 -33.33
CA ASN C 625 36.10 46.30 -34.09
C ASN C 625 37.47 46.20 -34.75
N MET C 626 37.88 44.96 -35.00
CA MET C 626 39.15 44.73 -35.68
C MET C 626 39.12 45.34 -37.07
N GLY C 627 40.18 46.06 -37.43
CA GLY C 627 40.31 46.64 -38.74
C GLY C 627 39.64 47.98 -38.93
N ASP C 628 38.80 48.41 -38.00
CA ASP C 628 38.19 49.74 -38.12
C ASP C 628 39.25 50.83 -38.13
N GLU C 629 40.33 50.63 -37.36
CA GLU C 629 41.40 51.62 -37.28
C GLU C 629 42.18 51.75 -38.58
N CYS C 630 42.03 50.84 -39.53
CA CYS C 630 42.86 50.85 -40.73
C CYS C 630 42.03 50.59 -41.99
N GLY C 631 40.72 50.84 -41.95
CA GLY C 631 39.89 50.73 -43.12
C GLY C 631 39.87 49.35 -43.75
N HIS C 632 39.66 48.32 -42.92
CA HIS C 632 39.60 46.94 -43.40
C HIS C 632 38.26 46.74 -44.11
N SER C 633 38.26 47.02 -45.41
CA SER C 633 37.03 46.94 -46.18
C SER C 633 36.56 45.49 -46.33
N ALA C 634 35.24 45.31 -46.25
CA ALA C 634 34.62 44.01 -46.43
C ALA C 634 34.03 43.80 -47.81
N ALA C 635 34.18 44.78 -48.71
CA ALA C 635 33.70 44.69 -50.08
C ALA C 635 32.18 44.67 -50.17
N GLY C 636 31.50 45.33 -49.21
CA GLY C 636 30.06 45.46 -49.26
C GLY C 636 29.29 44.25 -48.78
N SER C 637 29.92 43.33 -48.07
CA SER C 637 29.25 42.16 -47.53
C SER C 637 28.96 42.36 -46.04
N VAL C 638 27.81 41.87 -45.60
CA VAL C 638 27.37 42.01 -44.22
C VAL C 638 27.52 40.72 -43.45
N SER C 639 28.26 39.76 -43.97
CA SER C 639 28.48 38.47 -43.31
C SER C 639 29.89 38.42 -42.75
N TYR C 640 30.00 38.02 -41.47
CA TYR C 640 31.32 37.92 -40.84
C TYR C 640 32.20 36.88 -41.53
N LYS C 641 31.61 35.92 -42.24
CA LYS C 641 32.40 34.89 -42.90
C LYS C 641 33.17 35.43 -44.09
N ASP C 642 32.78 36.59 -44.64
CA ASP C 642 33.49 37.20 -45.74
C ASP C 642 34.67 38.06 -45.28
N ARG C 643 34.79 38.33 -43.98
CA ARG C 643 35.91 39.11 -43.49
C ARG C 643 37.21 38.34 -43.69
N GLY C 644 38.28 39.07 -44.04
CA GLY C 644 39.53 38.46 -44.37
C GLY C 644 40.67 38.86 -43.45
N PRO C 645 41.87 38.40 -43.75
CA PRO C 645 43.03 38.76 -42.92
C PRO C 645 43.27 40.27 -42.91
N LEU C 646 43.79 40.74 -41.79
CA LEU C 646 44.07 42.16 -41.62
C LEU C 646 45.32 42.54 -42.40
N ASN C 647 45.19 43.51 -43.30
CA ASN C 647 46.30 43.98 -44.13
C ASN C 647 47.06 45.02 -43.34
N TRP C 648 48.22 44.62 -42.79
CA TRP C 648 48.97 45.50 -41.91
C TRP C 648 49.74 46.59 -42.65
N ARG C 649 49.97 46.42 -43.95
CA ARG C 649 50.76 47.41 -44.70
C ARG C 649 50.15 48.80 -44.55
N GLY C 650 48.82 48.88 -44.60
CA GLY C 650 48.14 50.16 -44.49
C GLY C 650 48.53 50.97 -43.27
N MET C 651 49.18 50.34 -42.28
CA MET C 651 49.60 51.07 -41.09
C MET C 651 50.66 52.11 -41.40
N LYS C 652 51.28 52.08 -42.57
CA LYS C 652 52.26 53.07 -42.97
C LYS C 652 51.66 54.19 -43.82
N THR C 653 50.36 54.16 -44.08
CA THR C 653 49.72 55.15 -44.93
C THR C 653 49.34 56.39 -44.11
N THR C 654 48.99 57.46 -44.83
CA THR C 654 48.51 58.67 -44.17
C THR C 654 47.06 58.53 -43.71
N PHE C 655 46.25 57.73 -44.44
CA PHE C 655 44.87 57.51 -44.02
C PHE C 655 44.84 56.79 -42.67
N VAL C 656 45.55 55.67 -42.58
CA VAL C 656 45.61 54.93 -41.32
C VAL C 656 46.34 55.74 -40.27
N LYS C 657 47.34 56.53 -40.67
CA LYS C 657 47.98 57.44 -39.73
C LYS C 657 46.95 58.36 -39.08
N GLU C 658 46.11 59.00 -39.91
CA GLU C 658 45.06 59.87 -39.38
C GLU C 658 44.14 59.10 -38.45
N VAL C 659 43.68 57.92 -38.89
CA VAL C 659 42.70 57.18 -38.10
C VAL C 659 43.27 56.79 -36.74
N THR C 660 44.47 56.19 -36.75
CA THR C 660 45.07 55.73 -35.50
C THR C 660 45.41 56.91 -34.59
N GLY C 661 45.93 58.00 -35.16
CA GLY C 661 46.22 59.16 -34.33
C GLY C 661 44.97 59.75 -33.71
N PHE C 662 43.88 59.82 -34.48
CA PHE C 662 42.64 60.35 -33.95
C PHE C 662 42.09 59.45 -32.84
N ILE C 663 42.16 58.13 -33.03
CA ILE C 663 41.69 57.21 -32.00
C ILE C 663 42.53 57.36 -30.74
N SER C 664 43.85 57.45 -30.90
CA SER C 664 44.73 57.60 -29.75
C SER C 664 44.45 58.92 -29.02
N PHE C 665 44.24 60.01 -29.78
CA PHE C 665 43.92 61.29 -29.16
C PHE C 665 42.60 61.22 -28.39
N LEU C 666 41.59 60.56 -28.97
CA LEU C 666 40.32 60.43 -28.29
C LEU C 666 40.44 59.61 -27.01
N THR C 667 41.20 58.51 -27.07
CA THR C 667 41.40 57.71 -25.86
C THR C 667 42.17 58.48 -24.80
N ALA C 668 43.16 59.28 -25.22
CA ALA C 668 43.89 60.10 -24.27
C ALA C 668 42.98 61.17 -23.66
N LEU C 669 42.07 61.73 -24.46
CA LEU C 669 41.09 62.67 -23.93
C LEU C 669 40.20 62.00 -22.90
N ARG C 670 39.76 60.78 -23.18
CA ARG C 670 38.94 60.06 -22.21
C ARG C 670 39.72 59.80 -20.93
N SER C 671 40.98 59.39 -21.05
CA SER C 671 41.79 59.11 -19.86
C SER C 671 42.02 60.36 -19.03
N ARG C 672 42.45 61.45 -19.69
CA ARG C 672 42.77 62.68 -18.96
C ARG C 672 41.54 63.25 -18.27
N ARG C 673 40.45 63.42 -19.02
CA ARG C 673 39.21 63.95 -18.47
C ARG C 673 38.30 62.81 -18.00
N GLY C 674 38.84 62.00 -17.08
CA GLY C 674 38.09 60.90 -16.52
C GLY C 674 36.84 61.33 -15.78
N ASP C 675 36.81 62.57 -15.29
CA ASP C 675 35.64 63.05 -14.58
C ASP C 675 34.43 63.24 -15.49
N ILE C 676 34.62 63.20 -16.79
CA ILE C 676 33.54 63.40 -17.75
C ILE C 676 33.14 62.10 -18.43
N PHE C 677 34.11 61.38 -19.00
CA PHE C 677 33.84 60.21 -19.82
C PHE C 677 33.97 58.91 -19.06
N GLN C 678 34.94 58.79 -18.16
CA GLN C 678 35.11 57.58 -17.36
C GLN C 678 34.44 57.74 -15.99
N ARG C 679 33.12 57.89 -16.04
CA ARG C 679 32.29 58.05 -14.85
C ARG C 679 31.55 56.76 -14.55
N ARG C 680 31.26 56.55 -13.26
CA ARG C 680 30.42 55.45 -12.83
C ARG C 680 28.95 55.84 -12.77
N GLU C 681 28.63 57.12 -12.93
CA GLU C 681 27.26 57.60 -12.85
C GLU C 681 27.01 58.61 -13.96
N PHE C 682 25.74 58.77 -14.32
CA PHE C 682 25.38 59.70 -15.37
C PHE C 682 25.67 61.13 -14.97
N LEU C 683 25.96 61.97 -15.96
CA LEU C 683 26.21 63.38 -15.68
C LEU C 683 24.98 64.03 -15.08
N LYS C 684 25.20 64.95 -14.14
CA LYS C 684 24.10 65.63 -13.48
C LYS C 684 23.30 66.44 -14.49
N LEU C 685 22.00 66.56 -14.25
CA LEU C 685 21.15 67.39 -15.11
C LEU C 685 21.19 68.86 -14.67
N GLU C 686 22.41 69.34 -14.44
CA GLU C 686 22.70 70.76 -14.31
C GLU C 686 23.99 71.14 -15.01
N ASN C 687 24.83 70.17 -15.37
CA ASN C 687 26.09 70.41 -16.07
C ASN C 687 26.03 69.95 -17.52
N ILE C 688 24.84 69.88 -18.09
CA ILE C 688 24.66 69.54 -19.50
C ILE C 688 23.61 70.48 -20.08
N HIS C 689 23.92 71.05 -21.24
CA HIS C 689 23.00 71.95 -21.91
C HIS C 689 22.99 71.68 -23.41
N TRP C 690 21.83 71.84 -24.02
CA TRP C 690 21.59 71.55 -25.42
C TRP C 690 21.31 72.83 -26.19
N TYR C 691 22.06 73.06 -27.26
CA TYR C 691 21.99 74.31 -28.00
C TYR C 691 21.97 74.02 -29.50
N GLY C 692 21.44 74.98 -30.25
CA GLY C 692 21.29 74.85 -31.68
C GLY C 692 22.24 75.75 -32.46
N SER C 693 21.72 76.41 -33.50
CA SER C 693 22.58 77.23 -34.35
C SER C 693 23.28 78.32 -33.55
N ASP C 694 22.52 79.07 -32.75
CA ASP C 694 23.07 80.17 -31.95
C ASP C 694 22.47 80.12 -30.55
N LEU C 695 23.07 79.30 -29.69
CA LEU C 695 22.74 79.23 -28.27
C LEU C 695 21.22 79.32 -28.07
N CYS C 696 20.52 78.38 -28.68
CA CYS C 696 19.06 78.36 -28.68
C CYS C 696 18.56 76.94 -28.51
N GLU C 697 17.26 76.82 -28.27
CA GLU C 697 16.65 75.51 -28.06
C GLU C 697 16.68 74.72 -29.36
N PRO C 698 17.29 73.53 -29.39
CA PRO C 698 17.30 72.73 -30.62
C PRO C 698 15.92 72.19 -30.95
N GLY C 699 15.73 71.89 -32.23
CA GLY C 699 14.49 71.31 -32.71
C GLY C 699 14.41 69.82 -32.46
N TRP C 700 14.14 69.44 -31.20
CA TRP C 700 14.14 68.03 -30.84
C TRP C 700 13.18 67.24 -31.72
N ASP C 701 11.97 67.76 -31.91
CA ASP C 701 10.93 67.08 -32.70
C ASP C 701 10.97 67.49 -34.17
N ASP C 702 11.89 68.37 -34.56
CA ASP C 702 11.99 68.80 -35.95
C ASP C 702 12.90 67.83 -36.69
N PRO C 703 12.37 66.94 -37.54
CA PRO C 703 13.25 65.98 -38.23
C PRO C 703 14.27 66.62 -39.14
N THR C 704 14.00 67.80 -39.68
CA THR C 704 14.90 68.41 -40.66
C THR C 704 16.12 69.05 -40.04
N SER C 705 16.21 69.12 -38.72
CA SER C 705 17.35 69.72 -38.03
C SER C 705 18.31 68.62 -37.63
N ASN C 706 19.40 68.49 -38.39
CA ASN C 706 20.44 67.49 -38.13
C ASN C 706 21.66 68.12 -37.48
N PHE C 707 21.46 69.14 -36.65
CA PHE C 707 22.54 69.82 -35.95
C PHE C 707 22.23 69.85 -34.46
N LEU C 708 23.28 69.84 -33.65
CA LEU C 708 23.08 69.84 -32.21
C LEU C 708 24.38 70.22 -31.51
N CYS C 709 24.27 70.76 -30.29
CA CYS C 709 25.43 71.14 -29.51
C CYS C 709 25.23 70.77 -28.04
N MET C 710 26.26 70.16 -27.48
CA MET C 710 26.36 69.83 -26.07
C MET C 710 27.30 70.81 -25.40
N HIS C 711 26.90 71.34 -24.25
CA HIS C 711 27.80 72.09 -23.37
C HIS C 711 27.86 71.35 -22.04
N ILE C 712 29.06 70.91 -21.66
CA ILE C 712 29.29 70.15 -20.44
C ILE C 712 30.05 71.04 -19.48
N ASN C 713 29.43 71.36 -18.35
CA ASN C 713 30.11 72.08 -17.28
C ASN C 713 30.96 71.10 -16.48
N ALA C 714 32.27 71.31 -16.48
CA ALA C 714 33.18 70.44 -15.73
C ALA C 714 33.00 70.74 -14.25
N GLU C 715 32.27 69.87 -13.56
CA GLU C 715 31.96 70.09 -12.15
C GLU C 715 33.23 70.05 -11.32
N VAL C 716 33.66 71.20 -10.82
CA VAL C 716 34.87 71.31 -10.00
C VAL C 716 34.41 71.14 -8.55
N ASP C 717 34.38 69.90 -8.08
CA ASP C 717 33.94 69.59 -6.73
C ASP C 717 35.03 69.92 -5.72
N SER C 723 42.81 72.24 -7.89
CA SER C 723 42.58 71.62 -9.19
C SER C 723 41.37 72.24 -9.87
N VAL C 724 41.57 72.69 -11.11
CA VAL C 724 40.51 73.31 -11.90
C VAL C 724 40.19 72.41 -13.09
N ARG C 725 38.98 72.57 -13.60
CA ARG C 725 38.50 71.80 -14.73
C ARG C 725 37.94 72.75 -15.78
N GLY C 726 38.08 72.35 -17.05
CA GLY C 726 37.62 73.16 -18.17
C GLY C 726 36.35 72.58 -18.75
N ASP C 727 35.39 73.46 -19.05
CA ASP C 727 34.15 73.05 -19.69
C ASP C 727 34.44 72.42 -21.04
N LEU C 728 33.42 71.79 -21.62
CA LEU C 728 33.53 71.20 -22.95
C LEU C 728 32.34 71.64 -23.79
N TYR C 729 32.56 71.76 -25.10
CA TYR C 729 31.50 72.11 -26.03
C TYR C 729 31.67 71.26 -27.28
N ILE C 730 30.66 70.45 -27.59
CA ILE C 730 30.72 69.51 -28.71
C ILE C 730 29.59 69.84 -29.67
N CYS C 731 29.94 70.07 -30.93
CA CYS C 731 28.98 70.37 -31.98
C CYS C 731 28.95 69.20 -32.96
N PHE C 732 27.75 68.70 -33.25
CA PHE C 732 27.55 67.64 -34.23
C PHE C 732 26.70 68.21 -35.35
N ASN C 733 27.19 68.11 -36.58
CA ASN C 733 26.49 68.64 -37.75
C ASN C 733 26.49 67.57 -38.84
N ALA C 734 25.37 66.86 -38.96
CA ALA C 734 25.14 65.91 -40.04
C ALA C 734 24.41 66.54 -41.22
N ASN C 735 24.07 67.82 -41.14
CA ASN C 735 23.40 68.49 -42.24
C ASN C 735 24.30 68.56 -43.47
N GLU C 736 23.67 68.58 -44.65
CA GLU C 736 24.42 68.72 -45.89
C GLU C 736 24.94 70.13 -46.09
N GLU C 737 24.54 71.08 -45.25
CA GLU C 737 24.97 72.47 -45.36
C GLU C 737 25.57 72.94 -44.04
N SER C 738 26.43 73.94 -44.11
CA SER C 738 27.10 74.47 -42.94
C SER C 738 26.08 75.08 -41.97
N VAL C 739 26.58 75.52 -40.82
CA VAL C 739 25.71 76.13 -39.81
C VAL C 739 26.59 76.89 -38.81
N SER C 740 26.05 77.97 -38.28
CA SER C 740 26.76 78.73 -37.26
C SER C 740 26.59 78.08 -35.89
N ALA C 741 27.56 78.33 -35.01
CA ALA C 741 27.55 77.79 -33.65
C ALA C 741 28.03 78.88 -32.71
N ALA C 742 27.15 79.33 -31.82
CA ALA C 742 27.48 80.37 -30.85
C ALA C 742 28.09 79.71 -29.61
N LEU C 743 29.37 79.95 -29.39
CA LEU C 743 30.06 79.33 -28.26
C LEU C 743 29.49 79.85 -26.95
N PRO C 744 29.45 79.01 -25.91
CA PRO C 744 28.93 79.47 -24.61
C PRO C 744 29.78 80.60 -24.03
N ALA C 745 29.32 81.11 -22.90
CA ALA C 745 30.01 82.18 -22.19
C ALA C 745 30.98 81.60 -21.18
N LEU C 746 32.19 82.16 -21.14
CA LEU C 746 33.22 81.74 -20.21
C LEU C 746 33.60 82.90 -19.30
N ALA C 747 34.12 82.56 -18.12
CA ALA C 747 34.57 83.57 -17.19
C ALA C 747 35.75 84.34 -17.77
N GLU C 748 36.00 85.53 -17.22
CA GLU C 748 37.11 86.35 -17.69
C GLU C 748 38.42 85.57 -17.55
N GLY C 749 39.23 85.62 -18.61
CA GLY C 749 40.51 84.93 -18.63
C GLY C 749 40.46 83.53 -19.19
N SER C 750 39.27 82.98 -19.46
CA SER C 750 39.12 81.65 -20.01
C SER C 750 38.65 81.73 -21.45
N VAL C 751 39.31 80.97 -22.33
CA VAL C 751 39.02 80.98 -23.76
C VAL C 751 38.91 79.54 -24.25
N TRP C 752 37.98 79.32 -25.18
CA TRP C 752 37.78 78.01 -25.75
C TRP C 752 39.00 77.57 -26.55
N LEU C 753 39.36 76.30 -26.43
CA LEU C 753 40.42 75.70 -27.23
C LEU C 753 39.79 74.72 -28.21
N ARG C 754 39.99 74.96 -29.50
CA ARG C 754 39.48 74.07 -30.54
C ARG C 754 40.38 72.84 -30.60
N LEU C 755 39.95 71.75 -29.99
CA LEU C 755 40.73 70.52 -29.99
C LEU C 755 40.38 69.61 -31.15
N VAL C 756 39.11 69.50 -31.52
CA VAL C 756 38.69 68.59 -32.58
C VAL C 756 37.92 69.37 -33.63
N ASP C 757 38.29 69.18 -34.90
CA ASP C 757 37.54 69.70 -36.03
C ASP C 757 37.76 68.74 -37.19
N THR C 758 36.70 68.08 -37.65
CA THR C 758 36.82 66.99 -38.62
C THR C 758 36.81 67.48 -40.06
N SER C 759 36.89 68.79 -40.30
CA SER C 759 36.93 69.33 -41.64
C SER C 759 38.32 69.78 -42.08
N LEU C 760 39.34 69.51 -41.27
CA LEU C 760 40.70 69.96 -41.52
C LEU C 760 41.60 68.80 -41.90
N ALA C 761 42.84 69.13 -42.26
CA ALA C 761 43.83 68.13 -42.63
C ALA C 761 44.47 67.54 -41.37
N PHE C 762 45.36 66.56 -41.56
CA PHE C 762 45.95 65.88 -40.43
C PHE C 762 46.67 66.83 -39.47
N PRO C 763 47.54 67.73 -39.93
CA PRO C 763 48.18 68.68 -38.98
C PRO C 763 47.22 69.78 -38.54
N GLY C 764 46.40 69.45 -37.54
CA GLY C 764 45.37 70.35 -37.06
C GLY C 764 44.04 69.65 -36.89
N PHE C 765 43.94 68.43 -37.40
CA PHE C 765 42.70 67.67 -37.26
C PHE C 765 42.33 67.48 -35.79
N PHE C 766 43.28 67.02 -34.98
CA PHE C 766 43.09 66.86 -33.54
C PHE C 766 44.26 67.54 -32.83
N ALA C 767 44.05 68.78 -32.40
CA ALA C 767 45.07 69.51 -31.67
C ALA C 767 45.11 69.04 -30.23
N THR C 768 46.32 68.82 -29.72
CA THR C 768 46.53 68.35 -28.36
C THR C 768 45.69 69.15 -27.35
N VAL C 774 47.53 75.32 -30.27
CA VAL C 774 46.09 75.14 -30.38
C VAL C 774 45.42 76.48 -30.63
N GLN C 775 44.39 76.47 -31.47
CA GLN C 775 43.65 77.70 -31.76
C GLN C 775 42.87 78.14 -30.53
N GLN C 776 42.86 79.44 -30.29
CA GLN C 776 42.13 80.03 -29.18
C GLN C 776 40.96 80.85 -29.71
N VAL C 777 39.84 80.79 -28.99
CA VAL C 777 38.63 81.51 -29.38
C VAL C 777 38.05 82.19 -28.15
N PRO C 778 37.70 83.47 -28.21
CA PRO C 778 37.07 84.13 -27.06
C PRO C 778 35.66 83.60 -26.83
N GLY C 779 35.18 83.78 -25.61
CA GLY C 779 33.85 83.35 -25.27
C GLY C 779 32.79 84.10 -26.07
N LEU C 780 31.64 83.45 -26.24
CA LEU C 780 30.51 84.01 -26.97
C LEU C 780 30.84 84.26 -28.44
N SER C 781 31.85 83.60 -28.97
CA SER C 781 32.24 83.75 -30.36
C SER C 781 31.22 83.02 -31.24
N SER C 782 31.48 82.97 -32.55
CA SER C 782 30.59 82.31 -33.49
C SER C 782 31.44 81.51 -34.47
N TYR C 783 31.51 80.20 -34.26
CA TYR C 783 32.20 79.30 -35.18
C TYR C 783 31.29 78.93 -36.35
N HIS C 784 31.92 78.51 -37.44
CA HIS C 784 31.20 78.11 -38.66
C HIS C 784 31.45 76.63 -38.88
N VAL C 785 30.52 75.80 -38.41
CA VAL C 785 30.63 74.35 -38.55
C VAL C 785 30.29 73.98 -40.00
N GLU C 786 31.27 73.37 -40.68
CA GLU C 786 31.05 72.90 -42.03
C GLU C 786 30.12 71.68 -42.02
N ALA C 787 29.52 71.40 -43.17
CA ALA C 787 28.61 70.27 -43.28
C ALA C 787 29.32 68.95 -43.01
N HIS C 788 28.63 68.05 -42.30
CA HIS C 788 29.15 66.71 -42.01
C HIS C 788 30.44 66.80 -41.20
N THR C 789 30.35 67.43 -40.02
CA THR C 789 31.54 67.57 -39.19
C THR C 789 31.17 67.59 -37.71
N CYS C 790 32.18 67.28 -36.90
CA CYS C 790 32.09 67.29 -35.45
C CYS C 790 33.19 68.19 -34.92
N VAL C 791 32.85 69.03 -33.95
CA VAL C 791 33.81 69.98 -33.36
C VAL C 791 33.79 69.79 -31.86
N LEU C 792 34.97 69.85 -31.24
CA LEU C 792 35.10 69.77 -29.78
C LEU C 792 36.02 70.87 -29.30
N PHE C 793 35.51 71.70 -28.40
CA PHE C 793 36.24 72.76 -27.73
C PHE C 793 36.31 72.46 -26.23
N GLU C 794 37.36 72.96 -25.59
CA GLU C 794 37.55 72.80 -24.14
C GLU C 794 38.01 74.12 -23.56
N SER C 795 37.26 74.65 -22.61
CA SER C 795 37.64 75.90 -21.96
C SER C 795 38.95 75.74 -21.19
N LYS C 796 39.75 76.81 -21.19
CA LYS C 796 41.01 76.82 -20.47
C LYS C 796 41.09 78.04 -19.56
C1 GLC D . -42.45 -25.33 -1.53
C2 GLC D . -42.58 -24.71 -0.13
C3 GLC D . -41.72 -23.49 0.11
C4 GLC D . -40.39 -23.58 -0.60
C5 GLC D . -40.64 -23.78 -2.07
C6 GLC D . -39.36 -23.71 -2.87
O1 GLC D . -43.67 -25.34 -2.33
O2 GLC D . -43.95 -24.33 0.05
O3 GLC D . -41.48 -23.37 1.50
O4 GLC D . -39.67 -22.38 -0.42
O5 GLC D . -41.23 -25.05 -2.29
O6 GLC D . -39.63 -24.23 -4.16
H1 GLC D . -42.59 -24.28 -1.75
H2 GLC D . -42.32 -25.47 0.61
H3 GLC D . -42.25 -22.61 -0.25
H4 GLC D . -39.84 -24.43 -0.22
H5 GLC D . -41.30 -22.98 -2.44
H61 GLC D . -38.59 -24.31 -2.38
H62 GLC D . -39.01 -22.69 -2.94
HO1 GLC D . -44.08 -26.22 -2.29
HO2 GLC D . -44.50 -24.75 -0.63
HO3 GLC D . -41.22 -24.24 1.86
HO6 GLC D . -40.52 -24.63 -4.17
C1 GLC D . -38.35 -22.66 0.04
C2 GLC D . -38.10 -21.95 1.36
C3 GLC D . -38.12 -20.44 1.17
C4 GLC D . -37.12 -20.06 0.08
C5 GLC D . -37.30 -20.90 -1.17
C6 GLC D . -36.17 -20.63 -2.15
O2 GLC D . -39.05 -22.32 2.32
O3 GLC D . -37.79 -19.80 2.37
O4 GLC D . -37.25 -18.68 -0.23
O5 GLC D . -37.32 -22.29 -0.85
O6 GLC D . -36.07 -21.67 -3.10
H2 GLC D . -37.09 -22.21 1.72
H3 GLC D . -39.13 -20.14 0.87
H4 GLC D . -36.11 -20.24 0.47
H5 GLC D . -38.24 -20.62 -1.64
H61 GLC D . -35.23 -20.54 -1.61
H62 GLC D . -36.35 -19.68 -2.66
HO2 GLC D . -39.38 -23.23 2.11
HO3 GLC D . -37.62 -20.48 3.07
HO6 GLC D . -36.78 -22.32 -2.96
C1 GLC D . -36.45 -17.92 0.69
C2 GLC D . -37.18 -16.63 1.04
C3 GLC D . -37.23 -15.65 -0.12
C4 GLC D . -35.87 -15.50 -0.78
C5 GLC D . -35.26 -16.87 -1.06
C6 GLC D . -33.86 -16.71 -1.65
O2 GLC D . -38.51 -16.93 1.42
O3 GLC D . -37.66 -14.39 0.35
O4 GLC D . -36.00 -14.78 -1.99
O5 GLC D . -35.18 -17.60 0.14
O6 GLC D . -33.24 -17.97 -1.73
H2 GLC D . -36.68 -16.16 1.87
H3 GLC D . -37.95 -16.01 -0.85
H4 GLC D . -35.22 -14.95 -0.10
H5 GLC D . -35.88 -17.37 -1.79
H61 GLC D . -33.28 -16.02 -1.03
H62 GLC D . -33.93 -16.27 -2.65
HO2 GLC D . -38.65 -17.90 1.39
HO3 GLC D . -37.82 -14.44 1.32
HO4 GLC D . -36.94 -14.52 -2.10
HO6 GLC D . -33.85 -18.66 -1.40
C1 GLC E . -48.06 -10.97 17.99
C2 GLC E . -47.44 -12.31 17.50
C3 GLC E . -46.96 -13.25 18.61
C4 GLC E . -46.75 -12.65 19.99
C5 GLC E . -47.80 -11.61 20.35
C6 GLC E . -47.43 -10.98 21.68
O1 GLC E . -49.39 -10.68 17.44
O2 GLC E . -48.41 -13.01 16.71
O3 GLC E . -45.67 -13.73 18.22
O4 GLC E . -46.78 -13.68 20.98
O5 GLC E . -47.86 -10.57 19.38
O6 GLC E . -46.27 -10.16 21.47
H1 GLC E . -48.67 -11.72 18.49
H2 GLC E . -46.61 -12.07 16.85
H3 GLC E . -47.66 -14.07 18.69
H4 GLC E . -45.77 -12.17 20.01
H5 GLC E . -48.77 -12.10 20.46
H61 GLC E . -47.21 -11.75 22.41
H62 GLC E . -48.25 -10.37 22.05
HO1 GLC E . -49.45 -9.74 17.21
HO2 GLC E . -49.08 -12.40 16.39
HO3 GLC E . -45.64 -13.84 17.26
HO6 GLC E . -46.12 -10.05 20.53
C1 GLC E . -45.43 -14.16 21.23
C2 GLC E . -45.33 -15.70 21.23
C3 GLC E . -45.86 -16.32 22.53
C4 GLC E . -45.23 -15.63 23.73
C5 GLC E . -45.43 -14.14 23.63
C6 GLC E . -44.80 -13.42 24.82
O2 GLC E . -46.06 -16.24 20.15
O3 GLC E . -45.53 -17.69 22.53
O4 GLC E . -45.81 -16.11 24.93
O5 GLC E . -44.86 -13.66 22.42
O6 GLC E . -44.87 -12.02 24.64
H2 GLC E . -44.29 -15.97 21.13
H3 GLC E . -46.94 -16.20 22.55
H4 GLC E . -44.16 -15.85 23.74
H5 GLC E . -46.50 -13.93 23.64
H61 GLC E . -43.76 -13.75 24.93
H62 GLC E . -45.33 -13.69 25.73
HO2 GLC E . -46.49 -15.51 19.65
HO3 GLC E . -45.08 -17.92 21.68
HO6 GLC E . -45.27 -11.83 23.77
C1 GLC E . -45.19 -17.36 25.31
C2 GLC E . -46.27 -18.31 25.83
C3 GLC E . -46.94 -17.77 27.08
C4 GLC E . -45.89 -17.39 28.12
C5 GLC E . -44.75 -16.57 27.53
C6 GLC E . -43.63 -16.46 28.55
O2 GLC E . -47.26 -18.50 24.84
O3 GLC E . -47.76 -18.77 27.64
O4 GLC E . -46.51 -16.64 29.14
O5 GLC E . -44.24 -17.18 26.36
O6 GLC E . -42.57 -15.70 28.02
H2 GLC E . -45.80 -19.27 26.05
H3 GLC E . -47.54 -16.91 26.81
H4 GLC E . -45.48 -18.30 28.54
H5 GLC E . -45.12 -15.57 27.32
H61 GLC E . -43.27 -17.47 28.81
H62 GLC E . -44.00 -16.00 29.46
HO2 GLC E . -47.11 -17.88 24.09
HO3 GLC E . -47.42 -19.65 27.37
HO4 GLC E . -47.48 -16.56 28.95
HO6 GLC E . -42.79 -15.40 27.12
C1 GLC F . -13.57 10.32 18.95
C2 GLC F . -13.57 10.06 17.43
C3 GLC F . -14.73 9.17 17.03
C4 GLC F . -15.39 8.58 18.27
C5 GLC F . -15.89 9.65 19.23
C6 GLC F . -16.40 8.93 20.46
O1 GLC F . -12.45 11.14 19.40
O2 GLC F . -13.64 11.28 16.67
O3 GLC F . -14.21 8.14 16.20
O4 GLC F . -16.55 7.83 17.92
O5 GLC F . -14.86 10.57 19.59
O6 GLC F . -16.30 9.80 21.59
H1 GLC F . -13.86 11.30 18.58
H2 GLC F . -12.63 9.55 17.20
H3 GLC F . -15.46 9.76 16.49
H4 GLC F . -14.68 7.93 18.78
H5 GLC F . -16.71 10.17 18.76
H61 GLC F . -15.81 8.03 20.64
H62 GLC F . -17.43 8.64 20.31
HO1 GLC F . -11.63 10.80 18.99
HO2 GLC F . -12.87 11.84 16.87
HO3 GLC F . -13.60 7.58 16.71
HO6 GLC F . -15.85 10.62 21.33
C1 GLC F . -16.27 6.45 18.09
C2 GLC F . -16.53 5.62 16.81
C3 GLC F . -18.00 5.21 16.65
C4 GLC F . -18.41 4.55 17.96
C5 GLC F . -18.31 5.60 19.05
C6 GLC F . -18.93 5.11 20.35
O2 GLC F . -16.14 6.34 15.66
O3 GLC F . -18.13 4.32 15.58
O4 GLC F . -19.68 3.92 17.89
O5 GLC F . -16.94 5.89 19.22
O6 GLC F . -18.49 5.92 21.42
H2 GLC F . -15.95 4.70 16.87
H3 GLC F . -18.58 6.12 16.46
H4 GLC F . -17.65 3.82 18.23
H5 GLC F . -18.86 6.49 18.72
H61 GLC F . -18.64 4.07 20.51
H62 GLC F . -20.01 5.16 20.28
HO2 GLC F . -16.26 7.30 15.81
HO3 GLC F . -17.27 4.16 15.16
HO6 GLC F . -17.90 6.62 21.10
C1 GLC F . -20.74 4.75 17.38
C2 GLC F . -22.04 4.27 18.02
C3 GLC F . -23.13 4.09 16.98
C4 GLC F . -23.18 5.28 16.04
C5 GLC F . -21.81 5.52 15.40
C6 GLC F . -21.41 6.98 15.56
O2 GLC F . -21.84 3.03 18.67
O3 GLC F . -24.38 3.95 17.62
O4 GLC F . -24.13 5.04 15.03
O5 GLC F . -20.84 4.67 15.98
O6 GLC F . -20.11 7.19 15.05
H2 GLC F . -22.36 5.01 18.75
H3 GLC F . -22.91 3.19 16.41
H4 GLC F . -23.47 6.15 16.62
H5 GLC F . -21.88 5.29 14.34
H61 GLC F . -21.47 7.27 16.61
H62 GLC F . -22.11 7.61 15.01
HO2 GLC F . -21.16 2.50 18.20
HO3 GLC F . -24.25 3.97 18.59
HO4 GLC F . -24.57 4.17 15.19
HO6 GLC F . -19.75 6.34 14.73
C1 GLC G . -19.04 7.07 -6.68
C2 GLC G . -18.36 6.97 -5.28
C3 GLC G . -16.87 6.67 -5.35
C4 GLC G . -16.59 5.58 -6.36
C5 GLC G . -17.07 6.05 -7.73
C6 GLC G . -16.70 5.07 -8.83
O1 GLC G . -19.42 8.41 -7.13
O2 GLC G . -18.53 8.19 -4.55
O3 GLC G . -16.45 6.31 -4.03
O4 GLC G . -15.20 5.30 -6.43
O5 GLC G . -18.50 6.20 -7.72
O6 GLC G . -17.85 4.63 -9.54
H1 GLC G . -18.08 7.57 -6.83
H2 GLC G . -18.85 6.16 -4.74
H3 GLC G . -16.36 7.57 -5.66
H4 GLC G . -17.14 4.68 -6.08
H5 GLC G . -16.58 7.00 -7.94
H61 GLC G . -16.19 4.22 -8.37
H62 GLC G . -15.99 5.54 -9.51
HO1 GLC G . -19.69 8.94 -6.37
HO2 GLC G . -17.95 8.87 -4.92
HO3 GLC G . -17.16 6.47 -3.40
HO6 GLC G . -18.60 4.58 -8.93
C1 GLC G . -14.89 4.12 -5.65
C2 GLC G . -13.50 4.22 -5.02
C3 GLC G . -12.38 4.10 -6.04
C4 GLC G . -12.60 2.95 -7.01
C5 GLC G . -14.05 2.94 -7.52
C6 GLC G . -14.31 1.72 -8.39
O2 GLC G . -13.36 5.44 -4.33
O3 GLC G . -11.15 3.91 -5.37
O4 GLC G . -11.72 3.06 -8.11
O5 GLC G . -14.95 2.95 -6.44
O6 GLC G . -15.70 1.57 -8.59
H2 GLC G . -13.39 3.39 -4.31
H3 GLC G . -12.34 5.04 -6.62
H4 GLC G . -12.41 2.02 -6.49
H5 GLC G . -14.18 3.82 -8.14
H61 GLC G . -13.91 0.84 -7.89
H62 GLC G . -13.80 1.83 -9.34
HO2 GLC G . -14.17 5.97 -4.44
HO3 GLC G . -11.31 3.91 -4.40
HO6 GLC G . -16.18 2.30 -8.15
C1 GLC G . -10.44 2.49 -7.74
C2 GLC G . -9.32 3.40 -8.26
C3 GLC G . -9.32 3.46 -9.77
C4 GLC G . -9.32 2.06 -10.37
C5 GLC G . -10.38 1.18 -9.73
C6 GLC G . -10.25 -0.25 -10.22
O2 GLC G . -9.46 4.71 -7.74
O3 GLC G . -8.17 4.16 -10.21
O4 GLC G . -9.55 2.15 -11.76
O5 GLC G . -10.26 1.20 -8.32
O6 GLC G . -11.33 -1.02 -9.75
H2 GLC G . -8.36 2.99 -7.93
H3 GLC G . -10.21 3.99 -10.10
H4 GLC G . -8.34 1.61 -10.20
H5 GLC G . -11.36 1.56 -10.04
H61 GLC G . -9.30 -0.67 -9.86
H62 GLC G . -10.23 -0.27 -11.31
HO2 GLC G . -10.31 4.78 -7.26
HO3 GLC G . -7.64 4.44 -9.43
HO4 GLC G . -9.66 3.09 -12.01
HO6 GLC G . -11.94 -0.45 -9.24
C1 GLC H . -62.18 -64.79 -2.35
C2 GLC H . -62.16 -64.40 -0.88
C3 GLC H . -61.04 -63.46 -0.62
C4 GLC H . -60.84 -62.39 -1.66
C5 GLC H . -61.74 -62.41 -2.90
C6 GLC H . -60.86 -62.24 -4.09
O1 GLC H . -63.09 -65.83 -2.55
O2 GLC H . -63.40 -63.76 -0.54
O3 GLC H . -59.83 -64.24 -0.55
O4 GLC H . -60.88 -61.03 -1.04
O5 GLC H . -62.59 -63.64 -3.15
O6 GLC H . -61.67 -62.04 -5.22
H1 GLC H . -61.31 -65.08 -2.62
H2 GLC H . -62.05 -65.19 -0.34
H3 GLC H . -61.18 -63.04 0.25
H4 GLC H . -59.94 -62.51 -1.99
H5 GLC H . -62.34 -61.65 -2.88
H61 GLC H . -60.28 -61.47 -3.97
H62 GLC H . -60.32 -63.03 -4.21
HO1 GLC H . -63.14 -66.00 -3.38
HO2 GLC H . -63.78 -64.18 0.09
HO3 GLC H . -59.87 -64.77 0.11
HO6 GLC H . -61.26 -61.55 -5.78
C1 GLC H . -62.04 -60.67 -0.40
C2 GLC H . -62.84 -59.71 -1.34
C3 GLC H . -63.40 -58.44 -0.74
C4 GLC H . -63.38 -58.46 0.72
C5 GLC H . -61.94 -58.71 1.13
C6 GLC H . -61.73 -58.31 2.50
O2 GLC H . -61.97 -59.32 -2.36
O3 GLC H . -64.79 -58.28 -1.21
O4 GLC H . -63.93 -57.23 1.34
O5 GLC H . -61.66 -60.18 0.92
O6 GLC H . -60.83 -59.18 3.07
H1 GLC H . -62.59 -61.45 -0.27
H2 GLC H . -63.58 -60.20 -1.72
H3 GLC H . -62.86 -57.70 -1.07
H4 GLC H . -63.91 -59.22 1.02
H5 GLC H . -61.36 -58.19 0.56
H61 GLC H . -61.35 -57.42 2.52
H62 GLC H . -62.56 -58.33 2.99
HO2 GLC H . -61.28 -58.95 -2.03
HO3 GLC H . -65.26 -58.92 -0.91
HO6 GLC H . -60.58 -58.87 3.82
C1 GLC H . -63.44 -56.04 0.77
C2 GLC H . -63.61 -54.92 1.75
C3 GLC H . -64.27 -53.76 1.12
C4 GLC H . -63.58 -53.33 -0.12
C5 GLC H . -63.70 -54.45 -1.16
C6 GLC H . -62.42 -54.63 -1.85
O2 GLC H . -64.41 -55.38 2.86
O3 GLC H . -64.30 -52.65 2.09
O4 GLC H . -64.14 -52.11 -0.67
O5 GLC H . -64.13 -55.80 -0.52
O6 GLC H . -62.66 -55.24 -3.10
H1 GLC H . -62.50 -56.14 0.59
H2 GLC H . -62.73 -54.65 2.08
H3 GLC H . -65.19 -54.00 0.90
H4 GLC H . -62.64 -53.24 0.08
H5 GLC H . -64.37 -54.19 -1.82
H61 GLC H . -61.83 -55.19 -1.32
H62 GLC H . -62.00 -53.76 -1.99
HO2 GLC H . -65.22 -55.42 2.62
HO3 GLC H . -64.80 -52.86 2.74
HO6 GLC H . -62.07 -55.00 -3.66
C1 GLC H . -63.53 -50.89 -0.37
C2 GLC H . -61.98 -50.88 -0.44
C3 GLC H . -61.41 -49.49 -0.34
C4 GLC H . -62.29 -48.56 0.42
C5 GLC H . -63.20 -49.23 1.46
C6 GLC H . -64.17 -48.24 1.91
O2 GLC H . -61.42 -51.60 0.63
O3 GLC H . -61.25 -48.96 -1.69
O4 GLC H . -61.57 -47.48 1.12
O5 GLC H . -64.00 -50.42 0.93
O6 GLC H . -63.52 -47.39 2.83
H1 GLC H . -63.84 -50.24 -1.02
H2 GLC H . -61.70 -51.29 -1.28
H3 GLC H . -60.53 -49.56 0.07
H4 GLC H . -62.86 -48.14 -0.23
H5 GLC H . -62.68 -49.52 2.22
H61 GLC H . -64.50 -47.73 1.16
H62 GLC H . -64.90 -48.69 2.36
HO2 GLC H . -60.72 -52.00 0.37
HO3 GLC H . -60.49 -49.18 -2.00
HO6 GLC H . -64.06 -47.17 3.45
C1 A1EKO H . -60.21 -47.60 1.59
C2 A1EKO H . -60.00 -48.70 2.66
C3 A1EKO H . -58.55 -48.97 2.92
C4 A1EKO H . -57.67 -47.89 2.43
C5 A1EKO H . -57.83 -47.71 0.92
C6 A1EKO H . -57.22 -46.41 0.53
O3 A1EKO H . -58.35 -49.11 4.35
O4 A1EKO H . -56.29 -48.23 2.73
O5 A1EKO H . -59.27 -47.72 0.47
O6 A1EKO H . -55.89 -46.40 0.98
O2 A1EKO H . -60.56 -49.96 2.28
H1 A1EKO H . -60.00 -46.76 2.03
H2 A1EKO H . -60.41 -48.41 3.49
H3 A1EKO H . -58.30 -49.81 2.49
H4 A1EKO H . -57.92 -47.06 2.87
H5 A1EKO H . -57.36 -48.43 0.47
H61 A1EKO H . -57.25 -46.30 -0.43
H62 A1EKO H . -57.71 -45.69 0.96
HO3 A1EKO H . -58.47 -49.93 4.58
HO6 A1EKO H . -55.39 -46.02 0.39
HO2 A1EKO H . -60.33 -50.55 2.84
C1 A1EKO H . -55.85 -47.59 3.89
C2 A1EKO H . -55.48 -48.65 4.91
C3 A1EKO H . -54.51 -48.18 5.95
C4 A1EKO H . -54.41 -46.71 5.96
C5 A1EKO H . -53.90 -46.22 4.63
C6 A1EKO H . -53.85 -44.71 4.67
O3 A1EKO H . -54.96 -48.64 7.25
O4 A1EKO H . -53.47 -46.26 7.01
O5 A1EKO H . -54.78 -46.65 3.51
O6 A1EKO H . -52.70 -44.35 5.36
O2 A1EKO H . -54.87 -49.77 4.21
H1 A1EKO H . -56.59 -47.07 4.26
H2 A1EKO H . -56.28 -48.96 5.36
H3 A1EKO H . -53.64 -48.56 5.77
H4 A1EKO H . -55.30 -46.34 6.10
H5 A1EKO H . -53.01 -46.57 4.49
H61 A1EKO H . -54.63 -44.38 5.13
H62 A1EKO H . -53.81 -44.37 3.76
HO3 A1EKO H . -55.35 -49.39 7.17
HO6 A1EKO H . -52.50 -43.54 5.16
HO2 A1EKO H . -54.38 -50.20 4.75
C1 A1EKO H . -54.15 -45.86 8.18
C2 A1EKO H . -53.28 -44.84 8.91
C3 A1EKO H . -53.92 -44.33 10.14
C4 A1EKO H . -55.37 -43.97 10.01
C5 A1EKO H . -56.19 -44.84 9.05
C6 A1EKO H . -56.67 -46.08 9.76
O3 A1EKO H . -53.79 -45.32 11.17
O4 A1EKO H . -55.47 -42.59 9.58
O5 A1EKO H . -55.46 -45.25 7.85
O6 A1EKO H . -58.03 -45.92 10.05
O2 A1EKO H . -53.03 -43.71 8.01
H1 A1EKO H . -54.29 -46.63 8.75
H2 A1EKO H . -52.44 -45.25 9.15
H3 A1EKO H . -53.44 -43.53 10.42
H4 A1EKO H . -55.77 -44.04 10.89
H5 A1EKO H . -56.96 -44.33 8.76
H61 A1EKO H . -56.55 -46.85 9.19
H62 A1EKO H . -56.17 -46.20 10.59
HO3 A1EKO H . -53.26 -45.04 11.77
HO4 A1EKO H . -55.74 -42.11 10.22
HO6 A1EKO H . -58.19 -46.22 10.83
HO2 A1EKO H . -52.24 -43.77 7.71
C1 GLC I . 24.13 31.61 28.06
C2 GLC I . 24.20 31.16 26.60
C3 GLC I . 23.50 29.86 26.44
C4 GLC I . 22.08 29.93 26.88
C5 GLC I . 21.68 31.21 27.60
C6 GLC I . 20.51 30.89 28.46
O1 GLC I . 24.81 32.80 28.20
O2 GLC I . 23.60 32.15 25.74
O3 GLC I . 24.19 28.88 27.25
O4 GLC I . 21.10 29.64 25.78
O5 GLC I . 22.73 31.82 28.50
O6 GLC I . 19.89 32.10 28.84
H1 GLC I . 24.53 30.93 28.61
H2 GLC I . 25.13 31.05 26.35
H3 GLC I . 23.55 29.58 25.51
H4 GLC I . 21.98 29.21 27.54
H5 GLC I . 21.42 31.88 26.95
H61 GLC I . 20.79 30.40 29.25
H62 GLC I . 19.87 30.35 27.95
HO1 GLC I . 24.92 32.97 29.02
HO2 GLC I . 24.17 32.43 25.18
HO3 GLC I . 24.61 28.34 26.75
HO6 GLC I . 19.27 31.94 29.39
C1 GLC I . 21.21 30.36 24.62
C2 GLC I . 20.26 31.60 24.67
C3 GLC I . 19.58 32.03 23.40
C4 GLC I . 19.92 31.18 22.24
C5 GLC I . 19.81 29.72 22.65
C6 GLC I . 19.78 28.87 21.50
O2 GLC I . 19.27 31.33 25.61
O3 GLC I . 19.99 33.40 23.09
O4 GLC I . 19.08 31.48 21.06
O5 GLC I . 20.99 29.40 23.54
O6 GLC I . 20.55 27.75 21.75
H1 GLC I . 22.11 30.70 24.52
H2 GLC I . 20.78 32.37 24.98
H3 GLC I . 18.62 32.00 23.56
H4 GLC I . 20.84 31.35 22.01
H5 GLC I . 18.99 29.60 23.17
H61 GLC I . 18.87 28.59 21.31
H62 GLC I . 20.14 29.34 20.73
HO2 GLC I . 19.00 32.05 25.97
HO3 GLC I . 20.83 33.44 23.02
HO6 GLC I . 20.55 27.26 21.07
C1 GLC I . 17.69 31.38 21.26
C2 GLC I . 17.07 30.93 19.97
C3 GLC I . 15.84 31.69 19.68
C4 GLC I . 14.94 31.77 20.85
C5 GLC I . 15.62 32.63 21.93
C6 GLC I . 15.28 32.10 23.25
O2 GLC I . 18.02 31.15 18.91
O3 GLC I . 15.15 31.04 18.55
O4 GLC I . 13.65 32.35 20.52
O5 GLC I . 17.18 32.66 21.77
O6 GLC I . 15.26 33.18 24.16
H1 GLC I . 17.50 30.70 21.92
H2 GLC I . 16.86 29.98 20.03
H3 GLC I . 16.09 32.59 19.41
H4 GLC I . 14.86 30.88 21.23
H5 GLC I . 15.28 33.53 21.86
H61 GLC I . 15.95 31.45 23.53
H62 GLC I . 14.41 31.68 23.23
HO2 GLC I . 18.28 30.40 18.60
HO3 GLC I . 15.39 31.40 17.82
HO6 GLC I . 14.84 32.95 24.87
C1 GLC I . 12.59 31.49 20.16
C2 GLC I . 12.49 30.18 20.98
C3 GLC I . 11.21 29.44 20.70
C4 GLC I . 10.61 29.78 19.37
C5 GLC I . 11.61 30.21 18.27
C6 GLC I . 10.87 30.83 17.18
O2 GLC I . 13.53 29.29 20.66
O3 GLC I . 10.23 29.80 21.73
O4 GLC I . 9.77 28.71 18.83
O5 GLC I . 12.66 31.21 18.74
O6 GLC I . 10.14 29.83 16.51
H1 GLC I . 11.77 31.98 20.31
H2 GLC I . 12.52 30.39 21.93
H3 GLC I . 11.37 28.49 20.76
H4 GLC I . 10.04 30.55 19.52
H5 GLC I . 12.06 29.43 17.91
H61 GLC I . 11.49 31.24 16.57
H62 GLC I . 10.26 31.49 17.54
HO2 GLC I . 13.83 29.47 19.90
HO3 GLC I . 10.14 30.64 21.74
HO6 GLC I . 9.50 30.19 16.09
C1 A1EKO I . 10.13 27.31 18.88
C2 A1EKO I . 11.55 26.93 18.41
C3 A1EKO I . 11.86 25.50 18.68
C4 A1EKO I . 10.63 24.71 18.94
C5 A1EKO I . 9.90 25.23 20.17
C6 A1EKO I . 8.49 24.74 20.16
O3 A1EKO I . 12.54 24.94 17.54
O4 A1EKO I . 11.02 23.32 19.12
O5 A1EKO I . 9.85 26.75 20.21
O6 A1EKO I . 8.51 23.35 19.91
O2 A1EKO I . 12.58 27.65 19.10
H1 A1EKO I . 9.52 26.89 18.26
H2 A1EKO I . 11.63 27.11 17.46
H3 A1EKO I . 12.43 25.43 19.45
H4 A1EKO I . 10.04 24.78 18.18
H5 A1EKO I . 10.34 24.91 20.97
H61 A1EKO I . 8.01 25.20 19.45
H62 A1EKO I . 8.08 24.91 21.01
HO3 A1EKO I . 13.16 25.47 17.29
HO6 A1EKO I . 7.95 22.97 20.43
HO2 A1EKO I . 13.34 27.41 18.80
C1 A1EKO I . 10.79 22.65 17.92
C2 A1EKO I . 11.98 21.73 17.61
C3 A1EKO I . 11.72 20.71 16.55
C4 A1EKO I . 10.28 20.47 16.26
C5 A1EKO I . 9.42 20.60 17.49
C6 A1EKO I . 8.00 20.32 17.13
O3 A1EKO I . 12.34 21.17 15.33
O4 A1EKO I . 10.12 19.08 15.76
O5 A1EKO I . 9.48 21.99 18.05
O6 A1EKO I . 7.88 18.96 16.85
O2 A1EKO I . 12.35 21.04 18.82
H1 A1EKO I . 10.73 23.29 17.20
H2 A1EKO I . 12.72 22.29 17.32
H3 A1EKO I . 12.13 19.87 16.83
H4 A1EKO I . 9.97 21.11 15.61
H5 A1EKO I . 9.73 19.97 18.17
H61 A1EKO I . 7.76 20.83 16.34
H62 A1EKO I . 7.42 20.55 17.86
HO3 A1EKO I . 13.19 21.18 15.42
HO6 A1EKO I . 7.09 18.80 16.59
HO2 A1EKO I . 13.15 20.75 18.74
C1 A1EKO I . 10.22 19.02 14.36
C2 A1EKO I . 9.43 17.82 13.85
C3 A1EKO I . 9.07 17.92 12.43
C4 A1EKO I . 9.84 18.95 11.65
C5 A1EKO I . 10.04 20.30 12.33
C6 A1EKO I . 11.46 20.78 12.19
O3 A1EKO I . 9.30 16.65 11.82
O4 A1EKO I . 9.15 19.17 10.39
O5 A1EKO I . 9.72 20.27 13.76
O6 A1EKO I . 11.56 21.59 11.05
O2 A1EKO I . 8.19 17.72 14.63
H1 A1EKO I . 11.16 18.91 14.11
H2 A1EKO I . 9.95 17.02 13.99
H3 A1EKO I . 8.13 18.14 12.36
H4 A1EKO I . 10.71 18.56 11.47
H5 A1EKO I . 9.45 20.95 11.90
H61 A1EKO I . 12.07 20.02 12.10
H62 A1EKO I . 11.71 21.28 12.98
HO3 A1EKO I . 8.56 16.32 11.57
HO4 A1EKO I . 8.74 18.46 10.18
HO6 A1EKO I . 12.35 21.58 10.76
HO2 A1EKO I . 8.10 16.92 14.91
C1 GLC J . 5.18 23.12 14.84
C2 GLC J . 4.87 21.65 15.23
C3 GLC J . 4.18 21.52 16.57
C4 GLC J . 4.89 22.40 17.58
C5 GLC J . 4.74 23.84 17.14
C6 GLC J . 5.26 24.80 18.21
O1 GLC J . 4.39 23.67 13.75
O2 GLC J . 3.98 21.10 14.26
O3 GLC J . 4.22 20.16 16.94
O4 GLC J . 4.30 22.24 18.86
O5 GLC J . 5.47 24.05 15.93
O6 GLC J . 4.19 25.62 18.69
H1 GLC J . 4.19 23.20 15.28
H2 GLC J . 5.80 21.08 15.26
H3 GLC J . 3.14 21.86 16.48
H4 GLC J . 5.94 22.13 17.60
H5 GLC J . 3.68 24.05 17.00
H61 GLC J . 6.04 25.43 17.79
H62 GLC J . 5.70 24.24 19.04
HO1 GLC J . 4.69 23.29 12.91
HO2 GLC J . 3.47 21.80 13.84
HO3 GLC J . 4.16 19.60 16.15
HO4 GLC J . 3.50 22.78 18.90
HO6 GLC J . 3.47 25.05 19.00
C1 GLC K . 4.85 20.32 11.20
C2 GLC K . 4.03 21.29 10.32
C3 GLC K . 2.57 21.22 10.69
C4 GLC K . 2.12 19.77 10.85
C5 GLC K . 2.95 18.93 11.80
C6 GLC K . 3.30 17.65 11.07
O1 GLC K . 6.17 20.81 11.60
O2 GLC K . 4.49 22.64 10.46
O3 GLC K . 1.79 21.83 9.65
O4 GLC K . 0.77 19.76 11.34
O5 GLC K . 4.14 19.58 12.23
O6 GLC K . 2.10 17.02 10.60
H1 GLC K . 4.58 21.11 11.89
H2 GLC K . 4.13 20.97 9.28
H3 GLC K . 2.42 21.74 11.64
H4 GLC K . 2.18 19.30 9.87
H5 GLC K . 2.34 18.69 12.67
H61 GLC K . 3.84 16.98 11.75
H62 GLC K . 3.96 17.87 10.23
HO1 GLC K . 6.47 21.48 10.98
HO2 GLC K . 5.02 22.87 9.69
HO3 GLC K . 1.55 21.17 9.00
HO4 GLC K . 0.22 20.33 10.78
HO6 GLC K . 1.37 17.23 11.21
C1 GLC L . -0.34 19.84 8.19
C2 GLC L . -1.01 18.59 8.80
C3 GLC L . -2.29 18.22 8.09
C4 GLC L . -3.16 19.46 7.88
C5 GLC L . -2.41 20.47 7.06
C6 GLC L . -3.26 21.70 6.81
O1 GLC L . 0.82 19.60 7.33
O2 GLC L . -0.07 17.52 8.74
O3 GLC L . -3.04 17.26 8.86
O4 GLC L . -4.39 19.11 7.21
O5 GLC L . -1.24 20.89 7.76
O6 GLC L . -2.42 22.86 6.80
H1 GLC L . -0.75 19.36 7.31
H2 GLC L . -1.25 18.81 9.84
H3 GLC L . -2.06 17.80 7.11
H4 GLC L . -3.38 19.89 8.86
H5 GLC L . -2.15 20.05 6.10
H61 GLC L . -4.01 21.81 7.60
H62 GLC L . -3.79 21.61 5.86
HO1 GLC L . 1.54 19.20 7.85
HO2 GLC L . 0.23 17.40 7.83
HO3 GLC L . -3.14 16.45 8.35
HO4 GLC L . -4.19 18.99 6.27
HO6 GLC L . -1.55 22.60 6.47
C1 GLC M . 18.34 62.61 -11.91
C2 GLC M . 18.21 61.10 -12.22
C3 GLC M . 18.79 60.83 -13.59
C4 GLC M . 19.90 61.82 -13.86
C5 GLC M . 20.59 62.30 -12.60
C6 GLC M . 21.81 63.10 -13.01
O1 GLC M . 17.39 63.16 -10.95
O2 GLC M . 18.88 60.28 -11.26
O3 GLC M . 17.78 60.99 -14.59
O4 GLC M . 20.91 61.22 -14.67
O5 GLC M . 19.70 63.10 -11.83
O6 GLC M . 22.89 62.21 -13.32
H1 GLC M . 18.68 62.17 -10.98
H2 GLC M . 17.15 60.83 -12.25
H3 GLC M . 19.19 59.81 -13.62
H4 GLC M . 19.45 62.69 -14.32
H5 GLC M . 20.92 61.43 -12.02
H61 GLC M . 22.10 63.77 -12.19
H62 GLC M . 21.58 63.72 -13.88
HO1 GLC M . 16.55 62.66 -11.00
HO2 GLC M . 18.83 59.35 -11.53
HO3 GLC M . 17.09 60.33 -14.46
HO4 GLC M . 20.55 60.43 -15.12
HO6 GLC M . 22.92 62.06 -14.28
C1 GLC N . 20.17 62.13 -17.12
C2 GLC N . 21.68 62.04 -17.42
C3 GLC N . 21.95 61.44 -18.78
C4 GLC N . 21.05 60.24 -19.16
C5 GLC N . 19.72 60.19 -18.42
C6 GLC N . 19.82 59.37 -17.13
O1 GLC N . 19.73 63.41 -16.60
O2 GLC N . 22.21 63.35 -17.39
O3 GLC N . 23.32 60.99 -18.78
O4 GLC N . 20.74 60.34 -20.56
O5 GLC N . 19.30 61.49 -18.08
O6 GLC N . 19.37 58.04 -17.32
H1 GLC N . 20.28 62.77 -18.00
H2 GLC N . 22.15 61.42 -16.66
H3 GLC N . 21.82 62.21 -19.53
H4 GLC N . 21.59 59.32 -18.96
H5 GLC N . 18.99 59.71 -19.06
H61 GLC N . 19.20 59.85 -16.38
H62 GLC N . 20.86 59.37 -16.80
HO1 GLC N . 20.44 63.80 -16.05
HO2 GLC N . 23.08 63.37 -17.84
HO3 GLC N . 23.82 61.48 -18.10
HO4 GLC N . 20.26 59.55 -20.84
HO6 GLC N . 18.58 58.03 -17.89
C1 GLC O . 18.68 61.29 -21.98
C2 GLC O . 17.68 61.77 -20.90
C3 GLC O . 17.89 63.25 -20.67
C4 GLC O . 17.72 64.00 -21.98
C5 GLC O . 18.67 63.49 -23.04
C6 GLC O . 19.63 64.59 -23.38
O1 GLC O . 18.26 60.19 -22.85
O2 GLC O . 16.33 61.52 -21.32
O3 GLC O . 19.22 63.47 -20.17
O4 GLC O . 16.39 63.81 -22.46
O5 GLC O . 19.44 62.36 -22.60
O6 GLC O . 20.17 65.11 -22.17
H1 GLC O . 17.90 61.71 -22.60
H2 GLC O . 17.87 61.23 -19.99
H3 GLC O . 17.15 63.61 -19.95
H4 GLC O . 17.88 65.06 -21.81
H5 GLC O . 18.12 63.23 -23.93
H61 GLC O . 19.15 65.37 -23.97
H62 GLC O . 20.44 64.15 -23.98
HO1 GLC O . 18.22 59.37 -22.34
HO2 GLC O . 16.26 60.62 -21.67
HO3 GLC O . 19.65 62.62 -20.02
HO4 GLC O . 15.83 63.48 -21.75
HO6 GLC O . 20.46 64.38 -21.61
C1 GLC P . 15.16 66.02 -22.78
C2 GLC P . 15.04 67.52 -23.14
C3 GLC P . 15.46 67.69 -24.58
C4 GLC P . 14.72 66.69 -25.46
C5 GLC P . 15.01 65.25 -25.08
C6 GLC P . 16.49 64.92 -25.28
O1 GLC P . 14.96 65.71 -21.37
O2 GLC P . 13.71 68.00 -22.93
O3 GLC P . 16.87 67.52 -24.66
O4 GLC P . 13.31 66.92 -25.34
O5 GLC P . 14.59 65.07 -23.73
O6 GLC P . 16.64 63.55 -25.68
H1 GLC P . 14.09 66.18 -22.68
H2 GLC P . 15.74 68.07 -22.52
H3 GLC P . 15.19 68.69 -24.90
H4 GLC P . 15.02 66.82 -26.50
H5 GLC P . 14.42 64.60 -25.73
H61 GLC P . 17.04 65.11 -24.37
H62 GLC P . 16.89 65.56 -26.07
HO1 GLC P . 15.81 65.62 -20.93
HO2 GLC P . 13.59 68.21 -21.99
HO3 GLC P . 17.31 68.22 -24.17
HO4 GLC P . 13.13 67.85 -25.53
HO6 GLC P . 16.24 62.99 -25.01
#